data_7S5E
#
_entry.id   7S5E
#
_cell.length_a   97.160
_cell.length_b   100.530
_cell.length_c   92.250
_cell.angle_alpha   90.000
_cell.angle_beta   95.210
_cell.angle_gamma   90.000
#
_symmetry.space_group_name_H-M   'P 1 21 1'
#
loop_
_entity.id
_entity.type
_entity.pdbx_description
1 polymer 'Guanylate kinase'
2 non-polymer "GUANOSINE-5'-MONOPHOSPHATE"
3 non-polymer "ADENOSINE-5'-DIPHOSPHATE"
4 non-polymer "GUANOSINE-5'-DIPHOSPHATE"
5 non-polymer 'PHOSPHOTHIOPHOSPHORIC ACID-ADENYLATE ESTER'
6 water water
#
_entity_poly.entity_id   1
_entity_poly.type   'polypeptide(L)'
_entity_poly.pdbx_seq_one_letter_code
;MAHHHHHHMSAPSKPSDAVARGTLYIVAAPSGAGKSSIVNATLARDPQIALSISFTSRAMRPGEVNGQHYHFVSAEKFEQ
MIAAGDFFEHAWVHGDWKGTARQSVEPQLAAGQDVLLEIDWQGAQQVRQLVPGTVTVFILPPSKQALQDRMRKRGQDSEA
VIAQRLGAARDEMLHFNEFDYVIVNEVFDTAVDELCAIFTASRLRREAQKVRHAGLIQALLTPDPGATD
;
_entity_poly.pdbx_strand_id   A,B,C,D,E,F,G,H
#
# COMPACT_ATOMS: atom_id res chain seq x y z
N ALA A 20 -9.53 53.48 44.34
CA ALA A 20 -10.48 53.09 43.30
C ALA A 20 -10.86 51.61 43.43
N ARG A 21 -12.15 51.31 43.36
CA ARG A 21 -12.61 49.94 43.53
C ARG A 21 -12.09 49.03 42.42
N GLY A 22 -11.85 47.77 42.78
CA GLY A 22 -11.47 46.77 41.81
C GLY A 22 -12.65 46.38 40.92
N THR A 23 -12.35 45.69 39.84
CA THR A 23 -13.38 45.23 38.90
C THR A 23 -13.74 43.77 39.19
N LEU A 24 -15.03 43.47 39.07
CA LEU A 24 -15.57 42.12 39.23
C LEU A 24 -15.72 41.44 37.88
N TYR A 25 -15.16 40.24 37.76
CA TYR A 25 -15.24 39.42 36.56
C TYR A 25 -16.01 38.14 36.88
N ILE A 26 -16.82 37.69 35.93
CA ILE A 26 -17.53 36.43 36.04
C ILE A 26 -17.27 35.62 34.79
N VAL A 27 -16.77 34.40 34.96
CA VAL A 27 -16.62 33.46 33.85
C VAL A 27 -17.53 32.26 34.13
N ALA A 28 -18.42 31.98 33.20
CA ALA A 28 -19.38 30.90 33.33
C ALA A 28 -19.30 29.98 32.13
N ALA A 29 -19.61 28.71 32.37
CA ALA A 29 -19.58 27.67 31.34
C ALA A 29 -20.16 26.41 31.93
N PRO A 30 -20.78 25.54 31.13
CA PRO A 30 -21.10 24.20 31.64
C PRO A 30 -19.82 23.46 31.94
N SER A 31 -19.89 22.55 32.90
CA SER A 31 -18.72 21.73 33.21
C SER A 31 -18.32 20.96 31.97
N GLY A 32 -17.01 20.81 31.77
CA GLY A 32 -16.47 20.14 30.63
C GLY A 32 -16.24 21.02 29.41
N ALA A 33 -16.62 22.30 29.47
CA ALA A 33 -16.26 23.20 28.39
C ALA A 33 -14.84 23.71 28.52
N GLY A 34 -14.20 23.47 29.67
CA GLY A 34 -12.83 23.87 29.91
C GLY A 34 -12.61 25.20 30.59
N LYS A 35 -13.63 25.75 31.28
CA LYS A 35 -13.43 27.07 31.88
C LYS A 35 -12.37 27.05 32.98
N SER A 36 -12.37 26.02 33.82
CA SER A 36 -11.40 26.00 34.93
C SER A 36 -9.97 26.06 34.41
N SER A 37 -9.66 25.27 33.38
CA SER A 37 -8.30 25.26 32.84
C SER A 37 -7.97 26.58 32.12
N ILE A 38 -8.92 27.14 31.39
CA ILE A 38 -8.66 28.40 30.69
C ILE A 38 -8.43 29.53 31.69
N VAL A 39 -9.25 29.58 32.73
CA VAL A 39 -9.14 30.62 33.75
C VAL A 39 -7.80 30.51 34.48
N ASN A 40 -7.38 29.29 34.82
CA ASN A 40 -6.13 29.11 35.54
C ASN A 40 -4.95 29.58 34.70
N ALA A 41 -4.97 29.30 33.39
CA ALA A 41 -3.89 29.77 32.53
C ALA A 41 -3.93 31.28 32.39
N THR A 42 -5.14 31.84 32.32
CA THR A 42 -5.29 33.28 32.15
C THR A 42 -4.81 34.03 33.39
N LEU A 43 -5.28 33.62 34.57
CA LEU A 43 -4.83 34.28 35.80
C LEU A 43 -3.33 34.12 35.99
N ALA A 44 -2.76 33.00 35.53
CA ALA A 44 -1.32 32.83 35.58
C ALA A 44 -0.63 33.91 34.77
N ARG A 45 -1.24 34.31 33.65
CA ARG A 45 -0.69 35.37 32.81
C ARG A 45 -1.12 36.75 33.26
N ASP A 46 -2.24 36.88 33.96
CA ASP A 46 -2.78 38.16 34.40
C ASP A 46 -2.98 38.06 35.90
N PRO A 47 -1.91 38.22 36.68
CA PRO A 47 -1.99 38.01 38.14
C PRO A 47 -2.69 39.11 38.92
N GLN A 48 -3.11 40.22 38.31
CA GLN A 48 -3.78 41.24 39.11
C GLN A 48 -5.24 40.91 39.37
N ILE A 49 -5.74 39.78 38.91
CA ILE A 49 -7.10 39.32 39.17
C ILE A 49 -6.99 38.12 40.09
N ALA A 50 -7.67 38.19 41.23
CA ALA A 50 -7.66 37.11 42.20
C ALA A 50 -8.88 36.21 41.99
N LEU A 51 -8.67 34.92 42.21
CA LEU A 51 -9.72 33.93 42.05
C LEU A 51 -10.41 33.66 43.38
N SER A 52 -11.72 33.53 43.33
CA SER A 52 -12.52 33.31 44.52
C SER A 52 -12.82 31.82 44.66
N ILE A 53 -12.69 31.30 45.88
CA ILE A 53 -12.99 29.91 46.19
C ILE A 53 -14.40 29.84 46.75
N SER A 54 -15.28 29.13 46.06
CA SER A 54 -16.68 29.03 46.44
C SER A 54 -16.91 28.00 47.56
N PHE A 55 -18.01 28.20 48.29
CA PHE A 55 -18.54 27.18 49.19
C PHE A 55 -19.53 26.29 48.47
N THR A 56 -19.58 25.02 48.87
CA THR A 56 -20.60 24.12 48.34
C THR A 56 -20.97 23.06 49.36
N SER A 57 -22.17 22.53 49.20
CA SER A 57 -22.63 21.41 50.01
C SER A 57 -22.61 20.10 49.25
N ARG A 58 -22.23 20.11 47.97
CA ARG A 58 -22.12 18.85 47.26
C ARG A 58 -20.89 18.08 47.73
N ALA A 59 -20.93 16.76 47.56
CA ALA A 59 -19.84 15.89 47.98
C ALA A 59 -18.60 16.10 47.10
N MET A 60 -17.43 15.84 47.68
CA MET A 60 -16.19 15.97 46.94
C MET A 60 -16.05 14.87 45.89
N ARG A 61 -15.61 15.25 44.74
CA ARG A 61 -15.27 14.31 43.67
C ARG A 61 -13.80 13.93 43.74
N PRO A 62 -13.42 12.77 43.19
CA PRO A 62 -12.01 12.39 43.21
C PRO A 62 -11.13 13.45 42.57
N GLY A 63 -9.98 13.68 43.19
CA GLY A 63 -9.05 14.69 42.75
C GLY A 63 -9.28 16.07 43.36
N GLU A 64 -10.46 16.33 43.88
CA GLU A 64 -10.73 17.59 44.53
C GLU A 64 -10.15 17.60 45.95
N VAL A 65 -9.71 18.77 46.39
CA VAL A 65 -9.14 18.94 47.73
C VAL A 65 -9.90 20.03 48.46
N ASN A 66 -10.43 19.71 49.63
CA ASN A 66 -11.16 20.69 50.42
C ASN A 66 -10.25 21.82 50.87
N GLY A 67 -10.71 23.04 50.67
CA GLY A 67 -9.93 24.23 50.94
C GLY A 67 -9.15 24.73 49.76
N GLN A 68 -9.02 23.93 48.71
CA GLN A 68 -8.36 24.36 47.48
C GLN A 68 -9.39 24.68 46.39
N HIS A 69 -10.09 23.65 45.90
CA HIS A 69 -11.03 23.82 44.80
C HIS A 69 -12.36 24.39 45.26
N TYR A 70 -12.78 24.04 46.48
CA TYR A 70 -13.99 24.54 47.09
C TYR A 70 -13.79 24.53 48.60
N HIS A 71 -14.60 25.32 49.28
CA HIS A 71 -14.80 25.13 50.72
C HIS A 71 -16.01 24.22 50.83
N PHE A 72 -15.76 22.93 51.07
CA PHE A 72 -16.84 21.97 51.19
C PHE A 72 -17.44 22.04 52.58
N VAL A 73 -18.75 22.18 52.65
CA VAL A 73 -19.45 22.17 53.94
C VAL A 73 -20.67 21.26 53.81
N SER A 74 -21.29 20.97 54.95
CA SER A 74 -22.53 20.23 54.94
C SER A 74 -23.66 21.12 54.46
N ALA A 75 -24.77 20.48 54.04
CA ALA A 75 -25.94 21.23 53.65
C ALA A 75 -26.49 22.04 54.81
N GLU A 76 -26.49 21.46 56.02
CA GLU A 76 -26.96 22.20 57.19
C GLU A 76 -26.06 23.40 57.45
N LYS A 77 -24.74 23.25 57.29
CA LYS A 77 -23.82 24.36 57.52
C LYS A 77 -24.02 25.48 56.50
N PHE A 78 -24.14 25.11 55.22
CA PHE A 78 -24.38 26.10 54.17
C PHE A 78 -25.64 26.90 54.47
N GLU A 79 -26.71 26.21 54.86
CA GLU A 79 -27.95 26.90 55.16
C GLU A 79 -27.83 27.79 56.39
N GLN A 80 -27.03 27.40 57.38
CA GLN A 80 -26.75 28.31 58.48
C GLN A 80 -26.04 29.56 58.00
N MET A 81 -25.10 29.40 57.07
CA MET A 81 -24.39 30.54 56.51
C MET A 81 -25.32 31.42 55.68
N ILE A 82 -26.28 30.82 54.97
CA ILE A 82 -27.27 31.61 54.25
C ILE A 82 -28.03 32.52 55.23
N ALA A 83 -28.56 31.92 56.30
CA ALA A 83 -29.36 32.70 57.24
C ALA A 83 -28.55 33.79 57.91
N ALA A 84 -27.25 33.56 58.13
CA ALA A 84 -26.40 34.56 58.74
C ALA A 84 -25.95 35.63 57.75
N GLY A 85 -26.36 35.54 56.49
CA GLY A 85 -25.96 36.52 55.50
C GLY A 85 -24.52 36.42 55.02
N ASP A 86 -23.89 35.26 55.15
CA ASP A 86 -22.48 35.15 54.79
C ASP A 86 -22.23 35.21 53.29
N PHE A 87 -23.25 35.02 52.46
CA PHE A 87 -23.04 34.83 51.03
C PHE A 87 -23.36 36.11 50.27
N PHE A 88 -22.41 36.54 49.44
CA PHE A 88 -22.64 37.60 48.47
C PHE A 88 -23.68 37.16 47.45
N GLU A 89 -23.48 35.99 46.87
CA GLU A 89 -24.48 35.29 46.10
C GLU A 89 -24.44 33.82 46.47
N HIS A 90 -25.58 33.15 46.27
CA HIS A 90 -25.62 31.71 46.42
C HIS A 90 -26.79 31.20 45.58
N ALA A 91 -26.71 29.92 45.22
CA ALA A 91 -27.73 29.35 44.35
C ALA A 91 -27.73 27.84 44.52
N TRP A 92 -28.86 27.25 44.17
CA TRP A 92 -29.06 25.82 44.11
C TRP A 92 -28.68 25.34 42.71
N VAL A 93 -27.56 24.65 42.61
CA VAL A 93 -26.93 24.29 41.35
C VAL A 93 -26.81 22.78 41.30
N HIS A 94 -27.51 22.14 40.37
CA HIS A 94 -27.45 20.70 40.17
C HIS A 94 -27.78 19.93 41.46
N GLY A 95 -28.80 20.39 42.19
CA GLY A 95 -29.20 19.69 43.38
C GLY A 95 -28.37 19.98 44.63
N ASP A 96 -27.49 20.98 44.61
CA ASP A 96 -26.70 21.30 45.79
C ASP A 96 -26.47 22.80 45.87
N TRP A 97 -26.09 23.25 47.06
CA TRP A 97 -25.78 24.65 47.28
C TRP A 97 -24.39 25.00 46.75
N LYS A 98 -24.30 26.14 46.08
CA LYS A 98 -23.04 26.78 45.70
C LYS A 98 -23.14 28.24 46.09
N GLY A 99 -22.03 28.83 46.54
CA GLY A 99 -22.11 30.21 46.95
C GLY A 99 -20.76 30.88 47.10
N THR A 100 -20.78 32.20 46.99
CA THR A 100 -19.60 33.05 47.16
C THR A 100 -19.76 33.82 48.46
N ALA A 101 -18.81 33.66 49.36
CA ALA A 101 -18.87 34.37 50.63
C ALA A 101 -18.59 35.86 50.43
N ARG A 102 -19.21 36.69 51.29
CA ARG A 102 -18.96 38.13 51.22
C ARG A 102 -17.49 38.44 51.42
N GLN A 103 -16.82 37.71 52.29
CA GLN A 103 -15.40 37.91 52.55
C GLN A 103 -14.53 37.68 51.32
N SER A 104 -15.07 37.08 50.26
CA SER A 104 -14.29 36.84 49.04
C SER A 104 -14.44 37.92 48.00
N VAL A 105 -15.37 38.86 48.16
CA VAL A 105 -15.62 39.83 47.11
C VAL A 105 -15.57 41.24 47.64
N GLU A 106 -16.48 41.54 48.55
CA GLU A 106 -16.67 42.92 49.00
C GLU A 106 -15.41 43.54 49.59
N PRO A 107 -14.68 42.90 50.51
CA PRO A 107 -13.46 43.55 51.01
C PRO A 107 -12.40 43.75 49.93
N GLN A 108 -12.23 42.77 49.03
CA GLN A 108 -11.20 42.90 48.01
C GLN A 108 -11.53 43.99 47.01
N LEU A 109 -12.79 44.06 46.57
CA LEU A 109 -13.17 45.11 45.63
C LEU A 109 -12.95 46.49 46.23
N ALA A 110 -13.31 46.67 47.50
CA ALA A 110 -13.13 47.96 48.15
C ALA A 110 -11.66 48.30 48.35
N ALA A 111 -10.80 47.29 48.45
CA ALA A 111 -9.37 47.50 48.58
C ALA A 111 -8.68 47.63 47.24
N GLY A 112 -9.41 47.61 46.14
CA GLY A 112 -8.80 47.76 44.83
C GLY A 112 -8.40 46.48 44.16
N GLN A 113 -8.77 45.33 44.71
CA GLN A 113 -8.41 44.03 44.14
C GLN A 113 -9.46 43.57 43.14
N ASP A 114 -9.01 43.24 41.92
CA ASP A 114 -9.89 42.62 40.94
C ASP A 114 -10.21 41.18 41.37
N VAL A 115 -11.45 40.77 41.15
CA VAL A 115 -11.94 39.47 41.60
C VAL A 115 -12.65 38.77 40.45
N LEU A 116 -12.28 37.52 40.19
CA LEU A 116 -12.97 36.69 39.21
C LEU A 116 -13.82 35.66 39.95
N LEU A 117 -15.09 35.55 39.57
CA LEU A 117 -16.01 34.56 40.13
C LEU A 117 -16.34 33.55 39.05
N GLU A 118 -16.27 32.26 39.40
CA GLU A 118 -16.66 31.16 38.51
C GLU A 118 -17.97 30.63 39.06
N ILE A 119 -19.08 31.15 38.56
CA ILE A 119 -20.39 30.83 39.09
C ILE A 119 -21.34 30.47 37.94
N ASP A 120 -22.53 29.99 38.30
CA ASP A 120 -23.53 29.64 37.31
C ASP A 120 -24.33 30.89 36.93
N TRP A 121 -25.28 30.71 36.03
CA TRP A 121 -26.06 31.85 35.55
C TRP A 121 -26.93 32.44 36.63
N GLN A 122 -27.46 31.62 37.54
CA GLN A 122 -28.25 32.13 38.65
C GLN A 122 -27.43 33.09 39.53
N GLY A 123 -26.22 32.68 39.90
CA GLY A 123 -25.38 33.55 40.69
C GLY A 123 -24.97 34.80 39.94
N ALA A 124 -24.71 34.67 38.64
CA ALA A 124 -24.33 35.82 37.82
C ALA A 124 -25.46 36.85 37.76
N GLN A 125 -26.71 36.39 37.71
CA GLN A 125 -27.83 37.31 37.72
C GLN A 125 -27.89 38.08 39.04
N GLN A 126 -27.65 37.40 40.16
CA GLN A 126 -27.63 38.08 41.45
C GLN A 126 -26.49 39.09 41.51
N VAL A 127 -25.33 38.73 40.97
CA VAL A 127 -24.18 39.63 41.03
C VAL A 127 -24.42 40.87 40.17
N ARG A 128 -24.98 40.69 38.97
CA ARG A 128 -25.28 41.84 38.12
C ARG A 128 -26.18 42.85 38.83
N GLN A 129 -27.12 42.36 39.64
CA GLN A 129 -27.99 43.26 40.38
C GLN A 129 -27.25 43.99 41.48
N LEU A 130 -26.25 43.33 42.08
CA LEU A 130 -25.54 43.92 43.20
C LEU A 130 -24.46 44.86 42.71
N VAL A 131 -23.69 44.43 41.71
CA VAL A 131 -22.55 45.17 41.20
C VAL A 131 -22.75 45.40 39.71
N PRO A 132 -23.26 46.56 39.30
CA PRO A 132 -23.18 46.95 37.90
C PRO A 132 -21.72 47.22 37.51
N GLY A 133 -21.43 46.99 36.24
CA GLY A 133 -20.08 47.11 35.72
C GLY A 133 -19.29 45.83 35.70
N THR A 134 -19.87 44.74 36.22
CA THR A 134 -19.26 43.42 36.17
C THR A 134 -19.03 43.00 34.73
N VAL A 135 -17.86 42.43 34.45
CA VAL A 135 -17.52 41.95 33.11
C VAL A 135 -17.74 40.45 33.13
N THR A 136 -18.69 39.99 32.30
CA THR A 136 -19.11 38.58 32.30
C THR A 136 -18.79 37.91 30.97
N VAL A 137 -18.25 36.69 31.05
CA VAL A 137 -17.84 35.91 29.88
C VAL A 137 -18.44 34.51 29.98
N PHE A 138 -18.94 34.00 28.87
CA PHE A 138 -19.47 32.63 28.78
C PHE A 138 -18.59 31.82 27.84
N ILE A 139 -18.23 30.60 28.25
CA ILE A 139 -17.40 29.73 27.43
C ILE A 139 -18.25 28.59 26.91
N LEU A 140 -18.19 28.37 25.60
CA LEU A 140 -18.93 27.33 24.90
C LEU A 140 -18.00 26.25 24.39
N PRO A 141 -18.44 24.99 24.38
CA PRO A 141 -17.68 23.93 23.71
C PRO A 141 -17.80 24.08 22.21
N PRO A 142 -16.84 23.55 21.44
CA PRO A 142 -16.90 23.71 19.97
C PRO A 142 -17.93 22.81 19.30
N SER A 143 -18.55 21.88 20.03
CA SER A 143 -19.58 21.01 19.49
C SER A 143 -20.21 20.29 20.65
N LYS A 144 -21.42 19.76 20.41
CA LYS A 144 -22.10 18.98 21.42
C LYS A 144 -21.31 17.72 21.76
N GLN A 145 -20.68 17.11 20.76
CA GLN A 145 -19.88 15.91 21.01
C GLN A 145 -18.59 16.23 21.76
N ALA A 146 -17.96 17.37 21.45
CA ALA A 146 -16.75 17.74 22.15
C ALA A 146 -16.98 17.91 23.64
N LEU A 147 -18.17 18.37 24.02
CA LEU A 147 -18.48 18.54 25.43
C LEU A 147 -18.45 17.22 26.18
N GLN A 148 -19.14 16.20 25.65
CA GLN A 148 -19.21 14.93 26.35
C GLN A 148 -17.89 14.16 26.25
N ASP A 149 -17.11 14.40 25.19
CA ASP A 149 -15.78 13.80 25.10
C ASP A 149 -14.89 14.33 26.21
N ARG A 150 -14.98 15.62 26.52
CA ARG A 150 -14.13 16.19 27.56
C ARG A 150 -14.55 15.72 28.95
N MET A 151 -15.85 15.48 29.16
CA MET A 151 -16.27 14.91 30.43
C MET A 151 -15.67 13.52 30.63
N ARG A 152 -15.67 12.70 29.57
CA ARG A 152 -15.12 11.34 29.67
C ARG A 152 -13.64 11.37 30.05
N LYS A 153 -12.86 12.21 29.37
CA LYS A 153 -11.43 12.25 29.61
C LYS A 153 -11.10 12.73 31.02
N ARG A 154 -11.96 13.57 31.61
CA ARG A 154 -11.63 14.19 32.89
C ARG A 154 -11.79 13.19 34.04
N GLY A 155 -13.03 12.90 34.42
CA GLY A 155 -13.29 12.12 35.61
C GLY A 155 -13.36 10.63 35.35
N GLN A 156 -13.62 9.89 36.43
CA GLN A 156 -14.00 8.48 36.36
C GLN A 156 -15.51 8.31 36.47
N ASP A 157 -16.27 9.28 35.95
CA ASP A 157 -17.72 9.25 36.08
C ASP A 157 -18.35 8.18 35.21
N SER A 158 -19.34 7.49 35.77
CA SER A 158 -20.10 6.52 35.02
C SER A 158 -20.85 7.18 33.87
N GLU A 159 -21.09 6.40 32.81
CA GLU A 159 -21.86 6.91 31.69
C GLU A 159 -23.22 7.46 32.14
N ALA A 160 -23.79 6.91 33.22
CA ALA A 160 -25.04 7.43 33.74
C ALA A 160 -24.87 8.83 34.33
N VAL A 161 -23.75 9.08 34.99
CA VAL A 161 -23.48 10.41 35.53
C VAL A 161 -23.19 11.39 34.39
N ILE A 162 -22.46 10.94 33.38
CA ILE A 162 -22.14 11.80 32.24
C ILE A 162 -23.41 12.25 31.54
N ALA A 163 -24.37 11.34 31.36
CA ALA A 163 -25.64 11.70 30.75
C ALA A 163 -26.37 12.76 31.56
N GLN A 164 -26.32 12.65 32.89
CA GLN A 164 -26.94 13.66 33.74
C GLN A 164 -26.25 15.01 33.59
N ARG A 165 -24.91 15.02 33.50
CA ARG A 165 -24.19 16.27 33.37
C ARG A 165 -24.44 16.95 32.03
N LEU A 166 -24.56 16.17 30.95
CA LEU A 166 -24.87 16.77 29.66
C LEU A 166 -26.24 17.44 29.68
N GLY A 167 -27.22 16.80 30.31
CA GLY A 167 -28.52 17.46 30.44
C GLY A 167 -28.42 18.72 31.27
N ALA A 168 -27.58 18.71 32.30
CA ALA A 168 -27.34 19.92 33.07
C ALA A 168 -26.58 20.96 32.26
N ALA A 169 -25.75 20.52 31.31
CA ALA A 169 -24.96 21.45 30.53
C ALA A 169 -25.83 22.25 29.57
N ARG A 170 -26.79 21.59 28.91
CA ARG A 170 -27.73 22.31 28.07
C ARG A 170 -28.51 23.33 28.89
N ASP A 171 -28.94 22.95 30.09
CA ASP A 171 -29.68 23.88 30.93
C ASP A 171 -28.86 25.12 31.20
N GLU A 172 -27.56 24.94 31.43
CA GLU A 172 -26.70 26.09 31.67
C GLU A 172 -26.52 26.92 30.41
N MET A 173 -26.29 26.26 29.28
CA MET A 173 -26.05 26.95 28.02
C MET A 173 -27.27 27.72 27.53
N LEU A 174 -28.46 27.39 28.02
CA LEU A 174 -29.64 28.15 27.61
C LEU A 174 -29.59 29.60 28.05
N HIS A 175 -28.69 29.93 29.00
CA HIS A 175 -28.58 31.27 29.53
C HIS A 175 -27.34 32.00 29.06
N PHE A 176 -26.69 31.51 28.00
CA PHE A 176 -25.50 32.17 27.48
C PHE A 176 -25.76 33.63 27.15
N ASN A 177 -26.98 33.97 26.73
CA ASN A 177 -27.26 35.32 26.24
C ASN A 177 -27.13 36.38 27.32
N GLU A 178 -26.95 35.99 28.58
CA GLU A 178 -26.86 36.96 29.67
C GLU A 178 -25.47 37.54 29.86
N PHE A 179 -24.50 37.10 29.06
CA PHE A 179 -23.09 37.40 29.25
C PHE A 179 -22.58 38.35 28.18
N ASP A 180 -21.60 39.20 28.54
CA ASP A 180 -21.12 40.22 27.61
C ASP A 180 -20.33 39.60 26.47
N TYR A 181 -19.51 38.59 26.77
CA TYR A 181 -18.61 37.96 25.81
C TYR A 181 -18.89 36.47 25.75
N VAL A 182 -18.59 35.88 24.61
CA VAL A 182 -18.71 34.45 24.41
C VAL A 182 -17.41 33.94 23.82
N ILE A 183 -16.87 32.90 24.41
CA ILE A 183 -15.67 32.24 23.89
C ILE A 183 -16.04 30.81 23.51
N VAL A 184 -15.72 30.43 22.27
CA VAL A 184 -15.84 29.05 21.85
C VAL A 184 -14.48 28.42 22.03
N ASN A 185 -14.39 27.44 22.94
CA ASN A 185 -13.10 26.85 23.32
C ASN A 185 -12.80 25.67 22.39
N GLU A 186 -12.30 26.00 21.20
CA GLU A 186 -11.86 24.94 20.31
C GLU A 186 -10.39 24.63 20.55
N VAL A 187 -9.53 25.62 20.37
CA VAL A 187 -8.10 25.50 20.63
C VAL A 187 -7.83 26.18 21.97
N PHE A 188 -7.30 25.41 22.93
CA PHE A 188 -7.16 25.89 24.31
C PHE A 188 -6.33 27.17 24.37
N ASP A 189 -5.17 27.17 23.73
CA ASP A 189 -4.29 28.34 23.80
C ASP A 189 -4.96 29.57 23.22
N THR A 190 -5.80 29.41 22.20
CA THR A 190 -6.53 30.54 21.65
C THR A 190 -7.57 31.06 22.63
N ALA A 191 -8.26 30.16 23.33
CA ALA A 191 -9.25 30.60 24.31
C ALA A 191 -8.58 31.38 25.43
N VAL A 192 -7.37 30.98 25.82
CA VAL A 192 -6.63 31.72 26.85
C VAL A 192 -6.28 33.11 26.35
N ASP A 193 -5.74 33.21 25.13
CA ASP A 193 -5.44 34.52 24.55
C ASP A 193 -6.68 35.39 24.50
N GLU A 194 -7.82 34.80 24.12
CA GLU A 194 -9.03 35.59 23.97
C GLU A 194 -9.54 36.09 25.31
N LEU A 195 -9.45 35.26 26.35
CA LEU A 195 -9.84 35.72 27.68
C LEU A 195 -8.85 36.78 28.19
N CYS A 196 -7.57 36.59 27.91
CA CYS A 196 -6.60 37.64 28.24
C CYS A 196 -6.95 38.94 27.52
N ALA A 197 -7.40 38.85 26.27
CA ALA A 197 -7.76 40.05 25.54
C ALA A 197 -8.92 40.78 26.22
N ILE A 198 -9.92 40.02 26.69
CA ILE A 198 -11.07 40.64 27.34
C ILE A 198 -10.64 41.32 28.64
N PHE A 199 -9.80 40.67 29.42
CA PHE A 199 -9.33 41.28 30.66
C PHE A 199 -8.50 42.53 30.37
N THR A 200 -7.57 42.45 29.41
CA THR A 200 -6.79 43.63 29.05
C THR A 200 -7.69 44.77 28.57
N ALA A 201 -8.64 44.47 27.69
CA ALA A 201 -9.51 45.49 27.13
C ALA A 201 -10.33 46.18 28.22
N SER A 202 -10.79 45.43 29.21
CA SER A 202 -11.62 46.02 30.25
C SER A 202 -10.87 47.09 31.04
N ARG A 203 -9.55 46.96 31.18
CA ARG A 203 -8.77 48.01 31.86
C ARG A 203 -8.60 49.25 30.99
N LEU A 204 -8.80 49.14 29.69
CA LEU A 204 -8.67 50.26 28.77
C LEU A 204 -9.97 51.01 28.58
N ARG A 205 -11.05 50.56 29.21
CA ARG A 205 -12.32 51.25 29.07
C ARG A 205 -12.20 52.67 29.61
N ARG A 206 -12.99 53.58 29.03
CA ARG A 206 -12.82 55.00 29.30
C ARG A 206 -12.81 55.29 30.80
N GLU A 207 -13.84 54.83 31.53
CA GLU A 207 -14.00 55.23 32.92
C GLU A 207 -12.88 54.68 33.81
N ALA A 208 -12.38 53.48 33.49
CA ALA A 208 -11.24 52.96 34.23
C ALA A 208 -9.99 53.77 33.96
N GLN A 209 -9.79 54.18 32.70
CA GLN A 209 -8.60 54.95 32.36
C GLN A 209 -8.66 56.36 32.91
N LYS A 210 -9.87 56.94 33.02
CA LYS A 210 -9.99 58.26 33.61
C LYS A 210 -9.51 58.27 35.04
N VAL A 211 -9.84 57.21 35.79
CA VAL A 211 -9.34 57.09 37.15
C VAL A 211 -7.84 56.86 37.13
N ARG A 212 -7.38 55.92 36.30
CA ARG A 212 -5.97 55.56 36.26
C ARG A 212 -5.07 56.74 35.92
N HIS A 213 -5.53 57.62 35.03
CA HIS A 213 -4.71 58.72 34.50
C HIS A 213 -5.33 60.08 34.78
N ALA A 214 -5.96 60.24 35.96
CA ALA A 214 -6.64 61.49 36.27
C ALA A 214 -5.69 62.67 36.18
N GLY A 215 -4.50 62.54 36.77
CA GLY A 215 -3.56 63.65 36.75
C GLY A 215 -3.02 63.94 35.35
N LEU A 216 -2.68 62.90 34.60
CA LEU A 216 -2.20 63.10 33.24
C LEU A 216 -3.27 63.79 32.39
N ILE A 217 -4.52 63.34 32.52
CA ILE A 217 -5.60 63.93 31.73
C ILE A 217 -5.85 65.36 32.16
N GLN A 218 -5.80 65.62 33.48
CA GLN A 218 -5.95 66.98 33.97
C GLN A 218 -4.88 67.90 33.39
N ALA A 219 -3.65 67.39 33.29
CA ALA A 219 -2.57 68.18 32.72
C ALA A 219 -2.78 68.45 31.24
N LEU A 220 -3.22 67.45 30.48
CA LEU A 220 -3.35 67.61 29.03
C LEU A 220 -4.47 68.58 28.65
N LEU A 221 -5.52 68.71 29.46
CA LEU A 221 -6.66 69.53 29.08
C LEU A 221 -6.65 70.94 29.65
N THR A 222 -5.73 71.27 30.55
CA THR A 222 -5.68 72.60 31.11
C THR A 222 -4.79 73.51 30.28
N VAL B 19 -6.20 19.57 18.21
CA VAL B 19 -6.20 20.46 17.06
C VAL B 19 -5.59 19.76 15.86
N ALA B 20 -6.44 19.39 14.90
CA ALA B 20 -5.94 18.78 13.68
C ALA B 20 -5.48 19.87 12.71
N ARG B 21 -4.30 19.68 12.14
CA ARG B 21 -3.77 20.67 11.19
C ARG B 21 -4.69 20.73 9.97
N GLY B 22 -4.76 21.90 9.36
CA GLY B 22 -5.61 22.05 8.20
C GLY B 22 -5.09 21.28 7.01
N THR B 23 -5.95 21.12 6.02
CA THR B 23 -5.61 20.39 4.80
C THR B 23 -5.18 21.40 3.76
N LEU B 24 -4.15 21.05 3.00
CA LEU B 24 -3.68 21.88 1.90
C LEU B 24 -4.28 21.33 0.61
N TYR B 25 -5.00 22.16 -0.11
CA TYR B 25 -5.60 21.76 -1.37
C TYR B 25 -4.99 22.59 -2.48
N ILE B 26 -4.77 21.95 -3.63
CA ILE B 26 -4.28 22.65 -4.82
C ILE B 26 -5.21 22.30 -5.97
N VAL B 27 -5.72 23.34 -6.63
CA VAL B 27 -6.51 23.19 -7.84
C VAL B 27 -5.75 23.87 -8.97
N ALA B 28 -5.46 23.11 -10.02
CA ALA B 28 -4.75 23.62 -11.17
C ALA B 28 -5.57 23.33 -12.42
N ALA B 29 -5.45 24.21 -13.41
CA ALA B 29 -6.17 24.07 -14.67
C ALA B 29 -5.67 25.09 -15.69
N PRO B 30 -5.76 24.79 -16.99
CA PRO B 30 -5.56 25.83 -17.99
C PRO B 30 -6.67 26.85 -17.94
N SER B 31 -6.36 28.08 -18.35
CA SER B 31 -7.40 29.09 -18.45
C SER B 31 -8.48 28.62 -19.41
N GLY B 32 -9.74 28.95 -19.10
CA GLY B 32 -10.85 28.56 -19.95
C GLY B 32 -11.43 27.19 -19.67
N ALA B 33 -10.86 26.44 -18.72
CA ALA B 33 -11.48 25.20 -18.29
C ALA B 33 -12.57 25.42 -17.25
N GLY B 34 -12.66 26.63 -16.70
CA GLY B 34 -13.66 26.96 -15.71
C GLY B 34 -13.24 26.74 -14.27
N LYS B 35 -11.93 26.69 -13.98
CA LYS B 35 -11.49 26.38 -12.62
C LYS B 35 -11.97 27.43 -11.64
N SER B 36 -11.85 28.72 -12.00
CA SER B 36 -12.26 29.79 -11.09
C SER B 36 -13.74 29.64 -10.75
N SER B 37 -14.57 29.35 -11.75
CA SER B 37 -15.99 29.18 -11.51
C SER B 37 -16.28 27.93 -10.66
N ILE B 38 -15.52 26.85 -10.88
CA ILE B 38 -15.72 25.65 -10.07
C ILE B 38 -15.28 25.89 -8.63
N VAL B 39 -14.14 26.57 -8.45
CA VAL B 39 -13.62 26.80 -7.10
C VAL B 39 -14.55 27.69 -6.30
N ASN B 40 -15.07 28.75 -6.91
CA ASN B 40 -15.93 29.67 -6.17
C ASN B 40 -17.20 28.98 -5.68
N ALA B 41 -17.77 28.10 -6.49
CA ALA B 41 -18.96 27.38 -6.05
C ALA B 41 -18.63 26.43 -4.91
N THR B 42 -17.45 25.80 -4.95
CA THR B 42 -17.07 24.88 -3.89
C THR B 42 -16.82 25.62 -2.59
N LEU B 43 -16.09 26.72 -2.63
CA LEU B 43 -15.85 27.50 -1.42
C LEU B 43 -17.13 28.02 -0.81
N ALA B 44 -18.08 28.43 -1.65
CA ALA B 44 -19.37 28.89 -1.17
C ALA B 44 -20.11 27.77 -0.45
N ARG B 45 -19.93 26.53 -0.91
CA ARG B 45 -20.57 25.38 -0.29
C ARG B 45 -19.78 24.86 0.91
N ASP B 46 -18.48 25.16 0.98
CA ASP B 46 -17.61 24.69 2.06
C ASP B 46 -16.91 25.90 2.67
N PRO B 47 -17.56 26.56 3.63
CA PRO B 47 -16.97 27.78 4.20
C PRO B 47 -15.76 27.52 5.07
N GLN B 48 -15.42 26.26 5.35
CA GLN B 48 -14.25 25.94 6.15
C GLN B 48 -12.95 26.01 5.36
N ILE B 49 -13.00 26.37 4.07
CA ILE B 49 -11.81 26.45 3.23
C ILE B 49 -11.53 27.90 2.90
N ALA B 50 -10.31 28.34 3.16
CA ALA B 50 -9.88 29.69 2.83
C ALA B 50 -9.16 29.67 1.50
N LEU B 51 -9.39 30.72 0.71
CA LEU B 51 -8.73 30.88 -0.57
C LEU B 51 -7.52 31.77 -0.34
N SER B 52 -6.43 31.46 -1.02
CA SER B 52 -5.19 32.19 -0.87
C SER B 52 -5.11 33.22 -1.97
N ILE B 53 -4.75 34.44 -1.60
CA ILE B 53 -4.54 35.50 -2.56
C ILE B 53 -3.06 35.54 -2.91
N SER B 54 -2.74 35.23 -4.15
CA SER B 54 -1.35 35.15 -4.56
C SER B 54 -0.79 36.54 -4.85
N PHE B 55 0.53 36.64 -4.79
CA PHE B 55 1.25 37.80 -5.30
C PHE B 55 1.59 37.59 -6.77
N THR B 56 1.59 38.68 -7.53
CA THR B 56 1.99 38.61 -8.92
C THR B 56 2.65 39.91 -9.34
N SER B 57 3.50 39.82 -10.35
CA SER B 57 4.18 40.97 -10.91
C SER B 57 3.57 41.44 -12.21
N ARG B 58 2.57 40.72 -12.74
CA ARG B 58 1.92 41.12 -13.97
C ARG B 58 1.01 42.32 -13.76
N ALA B 59 0.76 43.04 -14.85
CA ALA B 59 -0.11 44.21 -14.83
C ALA B 59 -1.57 43.80 -14.65
N MET B 60 -2.34 44.68 -14.01
CA MET B 60 -3.75 44.42 -13.76
C MET B 60 -4.57 44.53 -15.05
N ARG B 61 -5.51 43.60 -15.22
CA ARG B 61 -6.45 43.66 -16.31
C ARG B 61 -7.68 44.45 -15.90
N PRO B 62 -8.41 45.04 -16.86
CA PRO B 62 -9.59 45.83 -16.50
C PRO B 62 -10.59 45.02 -15.68
N GLY B 63 -11.16 45.66 -14.67
CA GLY B 63 -12.09 45.02 -13.78
C GLY B 63 -11.45 44.33 -12.58
N GLU B 64 -10.15 44.06 -12.63
CA GLU B 64 -9.47 43.42 -11.53
C GLU B 64 -9.26 44.42 -10.38
N VAL B 65 -9.27 43.90 -9.16
CA VAL B 65 -9.13 44.69 -7.95
C VAL B 65 -7.91 44.20 -7.19
N ASN B 66 -7.01 45.12 -6.85
CA ASN B 66 -5.84 44.75 -6.07
C ASN B 66 -6.26 44.31 -4.67
N GLY B 67 -5.76 43.16 -4.25
CA GLY B 67 -6.16 42.57 -2.98
C GLY B 67 -7.32 41.61 -3.09
N GLN B 68 -8.03 41.59 -4.21
CA GLN B 68 -9.12 40.65 -4.43
C GLN B 68 -8.63 39.49 -5.29
N HIS B 69 -8.29 39.76 -6.55
CA HIS B 69 -7.86 38.69 -7.45
C HIS B 69 -6.38 38.36 -7.24
N TYR B 70 -5.56 39.38 -6.98
CA TYR B 70 -4.14 39.18 -6.70
C TYR B 70 -3.67 40.31 -5.82
N HIS B 71 -2.53 40.09 -5.16
CA HIS B 71 -1.75 41.19 -4.62
C HIS B 71 -0.75 41.57 -5.71
N PHE B 72 -1.07 42.64 -6.44
CA PHE B 72 -0.24 43.07 -7.57
C PHE B 72 0.94 43.88 -7.06
N VAL B 73 2.15 43.46 -7.44
CA VAL B 73 3.37 44.17 -7.12
C VAL B 73 4.24 44.26 -8.37
N SER B 74 5.28 45.06 -8.29
CA SER B 74 6.24 45.16 -9.38
C SER B 74 7.14 43.94 -9.40
N ALA B 75 7.80 43.72 -10.54
CA ALA B 75 8.76 42.64 -10.64
C ALA B 75 9.89 42.83 -9.63
N GLU B 76 10.34 44.07 -9.44
CA GLU B 76 11.42 44.33 -8.48
C GLU B 76 11.00 43.98 -7.06
N LYS B 77 9.76 44.31 -6.68
CA LYS B 77 9.29 43.98 -5.33
C LYS B 77 9.13 42.47 -5.17
N PHE B 78 8.57 41.81 -6.19
CA PHE B 78 8.44 40.36 -6.13
C PHE B 78 9.79 39.71 -5.89
N GLU B 79 10.82 40.12 -6.63
CA GLU B 79 12.13 39.51 -6.44
C GLU B 79 12.72 39.86 -5.09
N GLN B 80 12.44 41.07 -4.57
CA GLN B 80 12.83 41.39 -3.21
C GLN B 80 12.19 40.42 -2.24
N MET B 81 10.91 40.09 -2.46
CA MET B 81 10.23 39.14 -1.60
C MET B 81 10.80 37.74 -1.73
N ILE B 82 11.20 37.33 -2.94
CA ILE B 82 11.88 36.05 -3.09
C ILE B 82 13.12 36.01 -2.20
N ALA B 83 13.95 37.06 -2.32
CA ALA B 83 15.18 37.13 -1.54
C ALA B 83 14.88 37.21 -0.05
N ALA B 84 13.74 37.80 0.33
CA ALA B 84 13.37 37.90 1.73
C ALA B 84 12.76 36.62 2.29
N GLY B 85 12.59 35.59 1.47
CA GLY B 85 12.00 34.35 1.94
C GLY B 85 10.52 34.39 2.21
N ASP B 86 9.81 35.39 1.67
CA ASP B 86 8.38 35.56 1.95
C ASP B 86 7.49 34.52 1.29
N PHE B 87 7.96 33.79 0.28
CA PHE B 87 7.08 32.96 -0.52
C PHE B 87 7.14 31.50 -0.08
N PHE B 88 5.96 30.95 0.21
CA PHE B 88 5.85 29.51 0.42
C PHE B 88 6.20 28.77 -0.87
N GLU B 89 5.61 29.21 -1.99
CA GLU B 89 6.03 28.82 -3.34
C GLU B 89 6.03 30.05 -4.26
N HIS B 90 6.84 29.99 -5.31
CA HIS B 90 6.78 31.00 -6.36
C HIS B 90 7.33 30.40 -7.63
N ALA B 91 6.94 30.98 -8.77
CA ALA B 91 7.35 30.44 -10.05
C ALA B 91 7.20 31.50 -11.12
N TRP B 92 7.96 31.33 -12.20
CA TRP B 92 7.80 32.15 -13.40
C TRP B 92 6.76 31.47 -14.27
N VAL B 93 5.56 32.03 -14.32
CA VAL B 93 4.39 31.35 -14.86
C VAL B 93 3.85 32.15 -16.03
N HIS B 94 3.96 31.59 -17.24
CA HIS B 94 3.38 32.17 -18.44
C HIS B 94 3.78 33.64 -18.57
N GLY B 95 5.07 33.90 -18.35
CA GLY B 95 5.68 35.20 -18.56
C GLY B 95 5.58 36.19 -17.42
N ASP B 96 5.16 35.78 -16.23
CA ASP B 96 5.13 36.71 -15.11
C ASP B 96 5.42 35.96 -13.82
N TRP B 97 5.75 36.72 -12.76
CA TRP B 97 5.94 36.13 -11.45
C TRP B 97 4.59 35.83 -10.80
N LYS B 98 4.49 34.64 -10.21
CA LYS B 98 3.37 34.25 -9.37
C LYS B 98 3.92 33.58 -8.12
N GLY B 99 3.26 33.81 -6.98
CA GLY B 99 3.72 33.24 -5.73
C GLY B 99 2.68 33.31 -4.64
N THR B 100 2.82 32.41 -3.67
CA THR B 100 1.99 32.35 -2.47
C THR B 100 2.84 32.76 -1.28
N ALA B 101 2.42 33.80 -0.57
CA ALA B 101 3.15 34.23 0.61
C ALA B 101 3.00 33.21 1.73
N ARG B 102 4.04 33.11 2.56
CA ARG B 102 3.98 32.20 3.71
C ARG B 102 2.84 32.57 4.65
N GLN B 103 2.60 33.87 4.83
CA GLN B 103 1.54 34.34 5.69
C GLN B 103 0.16 33.89 5.21
N SER B 104 0.06 33.36 4.00
CA SER B 104 -1.23 32.91 3.48
C SER B 104 -1.48 31.43 3.72
N VAL B 105 -0.53 30.67 4.24
CA VAL B 105 -0.73 29.23 4.35
C VAL B 105 -0.38 28.70 5.74
N GLU B 106 0.87 28.90 6.17
CA GLU B 106 1.34 28.29 7.43
C GLU B 106 0.50 28.67 8.64
N PRO B 107 0.15 29.95 8.88
CA PRO B 107 -0.67 30.24 10.06
C PRO B 107 -2.05 29.61 10.02
N GLN B 108 -2.69 29.56 8.84
CA GLN B 108 -4.03 28.98 8.76
C GLN B 108 -3.98 27.46 8.93
N LEU B 109 -3.02 26.80 8.28
CA LEU B 109 -2.89 25.36 8.41
C LEU B 109 -2.62 24.96 9.84
N ALA B 110 -1.69 25.67 10.49
CA ALA B 110 -1.36 25.35 11.88
C ALA B 110 -2.50 25.64 12.82
N ALA B 111 -3.37 26.59 12.46
CA ALA B 111 -4.52 26.92 13.30
C ALA B 111 -5.70 25.99 13.03
N GLY B 112 -5.55 25.03 12.13
CA GLY B 112 -6.61 24.09 11.81
C GLY B 112 -7.48 24.48 10.64
N GLN B 113 -7.15 25.56 9.93
CA GLN B 113 -7.95 26.02 8.82
C GLN B 113 -7.43 25.42 7.50
N ASP B 114 -8.34 24.85 6.72
CA ASP B 114 -8.00 24.37 5.39
C ASP B 114 -7.68 25.53 4.45
N VAL B 115 -6.72 25.32 3.56
CA VAL B 115 -6.28 26.34 2.62
C VAL B 115 -6.28 25.78 1.20
N LEU B 116 -6.92 26.49 0.28
CA LEU B 116 -6.93 26.14 -1.12
C LEU B 116 -5.98 27.07 -1.87
N LEU B 117 -5.08 26.49 -2.66
CA LEU B 117 -4.15 27.23 -3.50
C LEU B 117 -4.53 27.00 -4.96
N GLU B 118 -4.61 28.08 -5.73
CA GLU B 118 -4.81 28.02 -7.18
C GLU B 118 -3.50 28.43 -7.82
N ILE B 119 -2.62 27.46 -8.05
CA ILE B 119 -1.29 27.73 -8.56
C ILE B 119 -1.02 26.82 -9.75
N ASP B 120 0.10 27.08 -10.44
CA ASP B 120 0.46 26.30 -11.61
C ASP B 120 1.20 25.03 -11.22
N TRP B 121 1.55 24.23 -12.23
CA TRP B 121 2.17 22.92 -11.96
C TRP B 121 3.54 23.08 -11.32
N GLN B 122 4.29 24.13 -11.68
CA GLN B 122 5.58 24.36 -11.04
C GLN B 122 5.42 24.57 -9.54
N GLY B 123 4.49 25.45 -9.16
CA GLY B 123 4.27 25.72 -7.75
C GLY B 123 3.78 24.49 -7.01
N ALA B 124 2.93 23.69 -7.67
CA ALA B 124 2.42 22.47 -7.06
C ALA B 124 3.54 21.49 -6.74
N GLN B 125 4.56 21.42 -7.60
CA GLN B 125 5.69 20.56 -7.30
C GLN B 125 6.42 21.04 -6.05
N GLN B 126 6.58 22.35 -5.90
CA GLN B 126 7.23 22.89 -4.72
C GLN B 126 6.40 22.58 -3.47
N VAL B 127 5.09 22.70 -3.57
CA VAL B 127 4.21 22.47 -2.42
C VAL B 127 4.22 21.00 -2.03
N ARG B 128 4.13 20.09 -3.00
CA ARG B 128 4.17 18.67 -2.69
C ARG B 128 5.44 18.30 -1.93
N GLN B 129 6.57 18.91 -2.29
CA GLN B 129 7.79 18.60 -1.56
C GLN B 129 7.77 19.18 -0.16
N LEU B 130 7.14 20.35 0.03
CA LEU B 130 7.17 20.98 1.35
C LEU B 130 6.19 20.31 2.29
N VAL B 131 4.99 20.02 1.80
CA VAL B 131 3.92 19.48 2.63
C VAL B 131 3.53 18.13 2.04
N PRO B 132 3.95 17.04 2.67
CA PRO B 132 3.37 15.74 2.32
C PRO B 132 1.90 15.76 2.72
N GLY B 133 1.07 15.11 1.91
CA GLY B 133 -0.34 15.12 2.18
C GLY B 133 -1.10 16.22 1.48
N THR B 134 -0.43 17.08 0.74
CA THR B 134 -1.14 18.05 -0.08
C THR B 134 -1.99 17.32 -1.11
N VAL B 135 -3.25 17.72 -1.24
CA VAL B 135 -4.20 17.10 -2.15
C VAL B 135 -4.24 17.97 -3.41
N THR B 136 -3.88 17.39 -4.55
CA THR B 136 -3.76 18.14 -5.80
C THR B 136 -4.81 17.67 -6.80
N VAL B 137 -5.49 18.64 -7.41
CA VAL B 137 -6.57 18.40 -8.36
C VAL B 137 -6.29 19.18 -9.63
N PHE B 138 -6.44 18.53 -10.78
CA PHE B 138 -6.32 19.18 -12.09
C PHE B 138 -7.66 19.12 -12.81
N ILE B 139 -8.09 20.25 -13.37
CA ILE B 139 -9.38 20.35 -14.05
C ILE B 139 -9.11 20.48 -15.54
N LEU B 140 -9.81 19.67 -16.35
CA LEU B 140 -9.67 19.65 -17.80
C LEU B 140 -10.94 20.13 -18.48
N PRO B 141 -10.82 20.81 -19.63
CA PRO B 141 -12.01 21.14 -20.41
C PRO B 141 -12.57 19.89 -21.06
N PRO B 142 -13.87 19.89 -21.37
CA PRO B 142 -14.49 18.66 -21.90
C PRO B 142 -14.14 18.35 -23.34
N SER B 143 -13.50 19.27 -24.04
CA SER B 143 -13.07 19.06 -25.42
C SER B 143 -12.18 20.21 -25.83
N LYS B 144 -11.40 19.98 -26.88
CA LYS B 144 -10.55 21.05 -27.40
C LYS B 144 -11.39 22.22 -27.90
N GLN B 145 -12.55 21.94 -28.48
CA GLN B 145 -13.42 23.02 -28.96
C GLN B 145 -14.03 23.80 -27.80
N ALA B 146 -14.40 23.12 -26.72
CA ALA B 146 -14.94 23.83 -25.56
C ALA B 146 -13.92 24.75 -24.94
N LEU B 147 -12.65 24.37 -24.98
CA LEU B 147 -11.59 25.22 -24.43
C LEU B 147 -11.48 26.53 -25.22
N GLN B 148 -11.36 26.44 -26.54
CA GLN B 148 -11.18 27.64 -27.35
CA GLN B 148 -11.18 27.64 -27.35
C GLN B 148 -12.37 28.57 -27.24
N ASP B 149 -13.58 28.02 -27.06
CA ASP B 149 -14.76 28.88 -26.94
C ASP B 149 -14.78 29.61 -25.60
N ARG B 150 -14.46 28.91 -24.51
CA ARG B 150 -14.46 29.52 -23.19
C ARG B 150 -13.27 30.45 -23.03
N ASP B 157 -8.10 39.05 -26.11
CA ASP B 157 -9.21 39.38 -26.99
C ASP B 157 -8.80 39.46 -28.45
N SER B 158 -7.49 39.39 -28.70
CA SER B 158 -6.93 39.42 -30.04
C SER B 158 -6.66 38.00 -30.54
N GLU B 159 -6.80 37.80 -31.85
CA GLU B 159 -6.55 36.49 -32.44
C GLU B 159 -5.14 35.99 -32.16
N ALA B 160 -4.15 36.90 -32.16
CA ALA B 160 -2.79 36.50 -31.82
C ALA B 160 -2.67 36.16 -30.33
N VAL B 161 -3.40 36.90 -29.50
CA VAL B 161 -3.40 36.63 -28.07
C VAL B 161 -4.08 35.30 -27.78
N ILE B 162 -5.16 35.00 -28.51
CA ILE B 162 -5.88 33.73 -28.30
C ILE B 162 -4.98 32.55 -28.61
N ALA B 163 -4.20 32.64 -29.70
CA ALA B 163 -3.26 31.57 -30.01
C ALA B 163 -2.21 31.41 -28.91
N GLN B 164 -1.76 32.54 -28.34
CA GLN B 164 -0.83 32.46 -27.21
C GLN B 164 -1.48 31.85 -25.98
N ARG B 165 -2.73 32.24 -25.68
CA ARG B 165 -3.39 31.71 -24.49
C ARG B 165 -3.63 30.20 -24.64
N LEU B 166 -3.99 29.76 -25.85
CA LEU B 166 -4.15 28.34 -26.09
C LEU B 166 -2.82 27.61 -25.91
N GLY B 167 -1.72 28.22 -26.35
CA GLY B 167 -0.42 27.60 -26.16
C GLY B 167 -0.02 27.48 -24.70
N ALA B 168 -0.36 28.48 -23.90
CA ALA B 168 -0.10 28.37 -22.47
C ALA B 168 -0.97 27.30 -21.84
N ALA B 169 -2.18 27.12 -22.37
CA ALA B 169 -3.10 26.16 -21.80
C ALA B 169 -2.63 24.74 -22.08
N ARG B 170 -2.24 24.46 -23.32
CA ARG B 170 -1.70 23.14 -23.65
C ARG B 170 -0.44 22.88 -22.84
N ASP B 171 0.40 23.91 -22.70
CA ASP B 171 1.63 23.74 -21.93
C ASP B 171 1.32 23.36 -20.48
N GLU B 172 0.28 23.96 -19.90
CA GLU B 172 -0.08 23.57 -18.53
C GLU B 172 -0.66 22.16 -18.51
N MET B 173 -1.50 21.83 -19.49
CA MET B 173 -2.16 20.53 -19.53
C MET B 173 -1.15 19.40 -19.71
N LEU B 174 0.04 19.69 -20.24
CA LEU B 174 1.06 18.67 -20.43
C LEU B 174 1.58 18.11 -19.11
N HIS B 175 1.32 18.77 -17.99
CA HIS B 175 1.78 18.32 -16.67
C HIS B 175 0.63 17.80 -15.81
N PHE B 176 -0.52 17.51 -16.42
CA PHE B 176 -1.67 17.04 -15.66
C PHE B 176 -1.34 15.81 -14.82
N ASN B 177 -0.45 14.95 -15.31
CA ASN B 177 -0.16 13.67 -14.68
C ASN B 177 0.46 13.79 -13.29
N GLU B 178 0.83 15.00 -12.86
CA GLU B 178 1.45 15.19 -11.57
C GLU B 178 0.44 15.32 -10.45
N PHE B 179 -0.85 15.27 -10.76
CA PHE B 179 -1.90 15.60 -9.83
C PHE B 179 -2.64 14.34 -9.41
N ASP B 180 -3.15 14.35 -8.18
CA ASP B 180 -3.80 13.17 -7.63
C ASP B 180 -5.15 12.92 -8.29
N TYR B 181 -5.92 13.99 -8.53
CA TYR B 181 -7.26 13.83 -9.07
C TYR B 181 -7.40 14.66 -10.33
N VAL B 182 -8.25 14.18 -11.23
CA VAL B 182 -8.56 14.88 -12.48
C VAL B 182 -10.06 14.99 -12.57
N ILE B 183 -10.55 16.20 -12.83
CA ILE B 183 -11.97 16.44 -13.08
C ILE B 183 -12.11 16.99 -14.50
N VAL B 184 -12.98 16.36 -15.29
CA VAL B 184 -13.35 16.88 -16.60
C VAL B 184 -14.63 17.69 -16.44
N ASN B 185 -14.55 18.97 -16.78
CA ASN B 185 -15.66 19.90 -16.56
C ASN B 185 -16.60 19.85 -17.77
N GLU B 186 -17.44 18.81 -17.80
CA GLU B 186 -18.48 18.69 -18.82
C GLU B 186 -19.76 19.38 -18.36
N VAL B 187 -20.31 18.94 -17.23
CA VAL B 187 -21.47 19.56 -16.58
C VAL B 187 -20.98 20.32 -15.35
N PHE B 188 -21.25 21.63 -15.31
CA PHE B 188 -20.68 22.48 -14.26
C PHE B 188 -21.08 22.01 -12.87
N ASP B 189 -22.36 21.76 -12.64
CA ASP B 189 -22.82 21.38 -11.32
C ASP B 189 -22.19 20.07 -10.87
N THR B 190 -21.93 19.17 -11.82
CA THR B 190 -21.27 17.91 -11.49
C THR B 190 -19.83 18.14 -11.04
N ALA B 191 -19.14 19.07 -11.69
CA ALA B 191 -17.75 19.35 -11.32
C ALA B 191 -17.65 19.89 -9.90
N VAL B 192 -18.62 20.73 -9.50
CA VAL B 192 -18.62 21.25 -8.13
C VAL B 192 -18.83 20.12 -7.13
N ASP B 193 -19.78 19.23 -7.41
CA ASP B 193 -19.98 18.07 -6.54
C ASP B 193 -18.70 17.26 -6.43
N GLU B 194 -18.02 17.04 -7.54
CA GLU B 194 -16.84 16.18 -7.53
C GLU B 194 -15.70 16.80 -6.73
N LEU B 195 -15.50 18.11 -6.86
CA LEU B 195 -14.46 18.78 -6.08
C LEU B 195 -14.81 18.78 -4.59
N CYS B 196 -16.08 19.00 -4.27
CA CYS B 196 -16.52 18.90 -2.88
C CYS B 196 -16.29 17.49 -2.34
N ALA B 197 -16.54 16.48 -3.17
CA ALA B 197 -16.33 15.10 -2.73
C ALA B 197 -14.87 14.85 -2.40
N ILE B 198 -13.96 15.39 -3.21
CA ILE B 198 -12.54 15.23 -2.98
C ILE B 198 -12.12 15.95 -1.70
N PHE B 199 -12.65 17.16 -1.49
CA PHE B 199 -12.32 17.91 -0.29
C PHE B 199 -12.82 17.18 0.96
N THR B 200 -14.08 16.74 0.94
CA THR B 200 -14.65 16.03 2.07
C THR B 200 -13.88 14.75 2.34
N ALA B 201 -13.62 13.96 1.30
CA ALA B 201 -12.94 12.68 1.49
C ALA B 201 -11.55 12.86 2.06
N SER B 202 -10.83 13.91 1.64
CA SER B 202 -9.44 14.09 2.08
C SER B 202 -9.35 14.25 3.59
N ARG B 203 -10.37 14.86 4.21
CA ARG B 203 -10.35 15.06 5.65
C ARG B 203 -10.57 13.77 6.42
N LEU B 204 -11.05 12.72 5.76
CA LEU B 204 -11.32 11.45 6.39
C LEU B 204 -10.12 10.51 6.36
N ARG B 205 -9.00 10.94 5.81
CA ARG B 205 -7.84 10.05 5.77
C ARG B 205 -7.40 9.69 7.18
N ARG B 206 -6.85 8.49 7.32
CA ARG B 206 -6.62 7.92 8.64
C ARG B 206 -5.81 8.86 9.53
N GLU B 207 -4.65 9.33 9.04
CA GLU B 207 -3.73 10.04 9.91
C GLU B 207 -4.33 11.35 10.42
N ALA B 208 -5.12 12.04 9.60
CA ALA B 208 -5.79 13.23 10.10
C ALA B 208 -6.83 12.86 11.15
N GLN B 209 -7.56 11.76 10.92
CA GLN B 209 -8.60 11.35 11.85
C GLN B 209 -8.02 10.83 13.15
N LYS B 210 -6.81 10.27 13.11
CA LYS B 210 -6.17 9.84 14.34
C LYS B 210 -5.89 11.02 15.27
N VAL B 211 -5.46 12.15 14.71
CA VAL B 211 -5.27 13.35 15.52
C VAL B 211 -6.61 13.87 16.00
N ARG B 212 -7.56 13.98 15.08
CA ARG B 212 -8.87 14.55 15.38
C ARG B 212 -9.61 13.75 16.44
N HIS B 213 -9.45 12.43 16.43
CA HIS B 213 -10.22 11.55 17.30
C HIS B 213 -9.32 10.67 18.17
N ALA B 214 -8.19 11.23 18.61
CA ALA B 214 -7.20 10.45 19.35
C ALA B 214 -7.79 9.82 20.61
N GLY B 215 -8.54 10.59 21.39
CA GLY B 215 -9.09 10.08 22.63
C GLY B 215 -10.12 8.98 22.42
N LEU B 216 -10.99 9.16 21.43
CA LEU B 216 -12.01 8.15 21.13
C LEU B 216 -11.37 6.81 20.79
N ILE B 217 -10.29 6.84 20.02
CA ILE B 217 -9.64 5.61 19.57
C ILE B 217 -9.01 4.89 20.75
N GLN B 218 -8.35 5.64 21.66
CA GLN B 218 -7.75 5.04 22.84
C GLN B 218 -8.81 4.37 23.72
N ALA B 219 -9.97 5.01 23.87
CA ALA B 219 -11.03 4.43 24.69
C ALA B 219 -11.53 3.14 24.08
N LEU B 220 -11.69 3.12 22.76
CA LEU B 220 -12.16 1.92 22.09
C LEU B 220 -11.14 0.80 22.21
N LEU B 221 -9.87 1.13 22.44
CA LEU B 221 -8.83 0.11 22.57
C LEU B 221 -8.58 -0.27 24.02
N THR B 222 -9.16 0.46 24.98
CA THR B 222 -8.96 0.19 26.40
C THR B 222 -10.01 -0.79 26.92
N ALA C 20 -20.53 36.59 8.77
CA ALA C 20 -20.63 37.59 9.82
C ALA C 20 -20.03 38.92 9.39
N ARG C 21 -20.77 40.01 9.63
CA ARG C 21 -20.32 41.33 9.23
C ARG C 21 -19.09 41.78 10.01
N GLY C 22 -18.26 42.57 9.35
CA GLY C 22 -17.11 43.15 10.01
C GLY C 22 -17.48 44.24 10.98
N THR C 23 -16.53 44.58 11.83
CA THR C 23 -16.68 45.61 12.85
C THR C 23 -16.09 46.91 12.33
N LEU C 24 -16.72 48.03 12.70
CA LEU C 24 -16.20 49.35 12.38
C LEU C 24 -15.44 49.85 13.59
N TYR C 25 -14.17 50.20 13.40
CA TYR C 25 -13.32 50.71 14.47
C TYR C 25 -12.88 52.12 14.14
N ILE C 26 -12.80 52.96 15.16
CA ILE C 26 -12.33 54.33 15.02
C ILE C 26 -11.21 54.55 16.03
N VAL C 27 -10.06 54.97 15.53
CA VAL C 27 -8.93 55.36 16.37
C VAL C 27 -8.68 56.84 16.12
N ALA C 28 -8.78 57.65 17.16
CA ALA C 28 -8.58 59.08 17.06
C ALA C 28 -7.56 59.50 18.10
N ALA C 29 -6.86 60.58 17.79
CA ALA C 29 -5.81 61.11 18.66
C ALA C 29 -5.38 62.47 18.14
N PRO C 30 -4.90 63.36 19.01
CA PRO C 30 -4.21 64.55 18.53
C PRO C 30 -2.91 64.16 17.85
N SER C 31 -2.44 65.03 16.96
CA SER C 31 -1.13 64.84 16.38
C SER C 31 -0.07 64.79 17.47
N GLY C 32 0.95 63.96 17.24
CA GLY C 32 2.03 63.84 18.20
C GLY C 32 1.81 62.83 19.30
N ALA C 33 0.67 62.16 19.33
CA ALA C 33 0.51 61.06 20.27
C ALA C 33 1.09 59.76 19.75
N GLY C 34 1.47 59.71 18.48
CA GLY C 34 2.03 58.49 17.92
C GLY C 34 0.98 57.57 17.35
N LYS C 35 -0.22 58.09 17.05
CA LYS C 35 -1.33 57.25 16.62
C LYS C 35 -1.03 56.53 15.32
N SER C 36 -0.43 57.22 14.35
CA SER C 36 -0.19 56.60 13.05
C SER C 36 0.68 55.36 13.17
N SER C 37 1.75 55.44 13.96
CA SER C 37 2.63 54.29 14.09
C SER C 37 1.94 53.14 14.84
N ILE C 38 1.12 53.46 15.84
CA ILE C 38 0.41 52.41 16.56
C ILE C 38 -0.59 51.71 15.64
N VAL C 39 -1.33 52.48 14.84
CA VAL C 39 -2.29 51.89 13.92
C VAL C 39 -1.58 51.07 12.85
N ASN C 40 -0.48 51.60 12.31
CA ASN C 40 0.23 50.88 11.25
C ASN C 40 0.81 49.56 11.76
N ALA C 41 1.32 49.56 13.00
CA ALA C 41 1.86 48.33 13.56
C ALA C 41 0.76 47.31 13.83
N THR C 42 -0.41 47.77 14.24
CA THR C 42 -1.54 46.88 14.51
C THR C 42 -2.03 46.23 13.22
N LEU C 43 -2.16 47.01 12.14
CA LEU C 43 -2.59 46.46 10.86
C LEU C 43 -1.63 45.40 10.36
N ALA C 44 -0.33 45.60 10.57
CA ALA C 44 0.66 44.61 10.18
C ALA C 44 0.46 43.30 10.93
N ARG C 45 0.02 43.37 12.18
CA ARG C 45 -0.22 42.18 12.99
C ARG C 45 -1.58 41.55 12.75
N ASP C 46 -2.56 42.31 12.27
CA ASP C 46 -3.94 41.85 12.12
C ASP C 46 -4.44 42.07 10.70
N PRO C 47 -4.22 41.11 9.80
CA PRO C 47 -4.64 41.31 8.40
C PRO C 47 -6.15 41.32 8.19
N GLN C 48 -6.94 41.03 9.22
CA GLN C 48 -8.39 41.10 9.09
C GLN C 48 -8.90 42.53 9.17
N ILE C 49 -8.01 43.51 9.31
CA ILE C 49 -8.39 44.91 9.47
C ILE C 49 -7.98 45.65 8.21
N ALA C 50 -8.95 46.28 7.57
CA ALA C 50 -8.70 47.15 6.44
C ALA C 50 -8.69 48.60 6.92
N LEU C 51 -7.77 49.39 6.41
CA LEU C 51 -7.69 50.80 6.77
C LEU C 51 -8.40 51.61 5.72
N SER C 52 -9.14 52.63 6.15
CA SER C 52 -9.96 53.40 5.23
C SER C 52 -9.20 54.62 4.75
N ILE C 53 -9.24 54.84 3.44
CA ILE C 53 -8.65 56.02 2.83
C ILE C 53 -9.75 57.06 2.67
N SER C 54 -9.60 58.19 3.38
CA SER C 54 -10.56 59.27 3.40
C SER C 54 -10.45 60.13 2.15
N PHE C 55 -11.55 60.82 1.85
CA PHE C 55 -11.53 61.91 0.89
C PHE C 55 -11.24 63.22 1.60
N THR C 56 -10.57 64.12 0.89
CA THR C 56 -10.36 65.47 1.40
C THR C 56 -10.30 66.45 0.23
N SER C 57 -10.65 67.70 0.53
CA SER C 57 -10.58 68.80 -0.42
C SER C 57 -9.35 69.66 -0.19
N ARG C 58 -8.51 69.31 0.79
CA ARG C 58 -7.33 70.10 1.03
C ARG C 58 -6.40 70.00 -0.17
N ALA C 59 -5.66 71.06 -0.43
CA ALA C 59 -4.79 71.02 -1.58
C ALA C 59 -3.63 70.06 -1.31
N MET C 60 -3.18 69.39 -2.35
CA MET C 60 -2.05 68.49 -2.19
C MET C 60 -0.78 69.28 -1.96
N ARG C 61 0.01 68.82 -1.08
CA ARG C 61 1.28 69.49 -0.96
C ARG C 61 2.27 68.88 -1.94
N PRO C 62 3.31 69.60 -2.36
CA PRO C 62 4.24 69.03 -3.34
C PRO C 62 4.81 67.72 -2.85
N GLY C 63 4.89 66.75 -3.76
CA GLY C 63 5.34 65.42 -3.43
C GLY C 63 4.26 64.44 -3.00
N GLU C 64 3.08 64.93 -2.63
CA GLU C 64 2.02 64.03 -2.19
C GLU C 64 1.50 63.18 -3.33
N VAL C 65 1.02 61.99 -2.95
CA VAL C 65 0.53 60.98 -3.85
C VAL C 65 -0.94 60.81 -3.57
N ASN C 66 -1.79 61.06 -4.57
CA ASN C 66 -3.22 60.87 -4.43
C ASN C 66 -3.52 59.38 -4.32
N GLY C 67 -4.35 59.00 -3.35
CA GLY C 67 -4.63 57.60 -3.14
C GLY C 67 -3.77 56.92 -2.09
N GLN C 68 -2.72 57.57 -1.58
CA GLN C 68 -1.91 56.93 -0.54
C GLN C 68 -2.50 57.22 0.82
N HIS C 69 -2.39 58.46 1.28
CA HIS C 69 -2.93 58.85 2.58
C HIS C 69 -4.36 59.36 2.45
N TYR C 70 -4.70 59.93 1.30
CA TYR C 70 -6.04 60.46 1.07
C TYR C 70 -6.40 60.29 -0.39
N HIS C 71 -7.71 60.34 -0.66
CA HIS C 71 -8.24 60.60 -1.99
C HIS C 71 -8.47 62.10 -2.10
N PHE C 72 -7.58 62.79 -2.79
CA PHE C 72 -7.67 64.23 -2.93
C PHE C 72 -8.64 64.60 -4.05
N VAL C 73 -9.61 65.45 -3.73
CA VAL C 73 -10.59 65.97 -4.69
C VAL C 73 -10.67 67.48 -4.54
N SER C 74 -11.33 68.11 -5.50
CA SER C 74 -11.55 69.54 -5.39
C SER C 74 -12.65 69.82 -4.39
N ALA C 75 -12.68 71.07 -3.92
CA ALA C 75 -13.76 71.47 -3.01
C ALA C 75 -15.11 71.29 -3.68
N GLU C 76 -15.21 71.60 -4.97
CA GLU C 76 -16.48 71.40 -5.67
C GLU C 76 -16.86 69.92 -5.70
N LYS C 77 -15.88 69.05 -5.94
CA LYS C 77 -16.16 67.62 -6.01
C LYS C 77 -16.55 67.07 -4.64
N PHE C 78 -15.84 67.45 -3.58
CA PHE C 78 -16.22 67.01 -2.26
C PHE C 78 -17.66 67.42 -1.96
N GLU C 79 -18.00 68.67 -2.25
CA GLU C 79 -19.34 69.16 -1.97
C GLU C 79 -20.39 68.49 -2.86
N GLN C 80 -20.02 68.13 -4.09
CA GLN C 80 -20.92 67.32 -4.89
C GLN C 80 -21.20 66.00 -4.21
N MET C 81 -20.16 65.38 -3.65
CA MET C 81 -20.31 64.09 -2.95
C MET C 81 -21.14 64.25 -1.67
N ILE C 82 -20.97 65.35 -0.95
CA ILE C 82 -21.86 65.61 0.19
C ILE C 82 -23.30 65.63 -0.28
N ALA C 83 -23.57 66.38 -1.36
CA ALA C 83 -24.93 66.50 -1.87
C ALA C 83 -25.49 65.17 -2.34
N ALA C 84 -24.65 64.30 -2.88
CA ALA C 84 -25.09 63.01 -3.38
C ALA C 84 -25.27 61.96 -2.28
N GLY C 85 -24.97 62.31 -1.03
CA GLY C 85 -25.06 61.33 0.04
C GLY C 85 -23.97 60.29 0.00
N ASP C 86 -22.87 60.56 -0.71
CA ASP C 86 -21.81 59.58 -0.86
C ASP C 86 -21.03 59.34 0.43
N PHE C 87 -21.13 60.22 1.41
CA PHE C 87 -20.27 60.14 2.58
C PHE C 87 -20.97 59.46 3.74
N PHE C 88 -20.32 58.41 4.25
CA PHE C 88 -20.74 57.78 5.49
C PHE C 88 -20.67 58.76 6.65
N GLU C 89 -19.54 59.45 6.80
CA GLU C 89 -19.42 60.62 7.64
C GLU C 89 -18.57 61.65 6.89
N HIS C 90 -18.76 62.92 7.23
CA HIS C 90 -17.88 63.96 6.72
C HIS C 90 -17.91 65.11 7.71
N ALA C 91 -16.87 65.95 7.65
CA ALA C 91 -16.74 67.04 8.60
C ALA C 91 -15.82 68.11 8.02
N TRP C 92 -15.98 69.32 8.54
CA TRP C 92 -15.06 70.42 8.26
C TRP C 92 -13.95 70.38 9.31
N VAL C 93 -12.75 69.94 8.90
CA VAL C 93 -11.68 69.65 9.85
C VAL C 93 -10.49 70.55 9.53
N HIS C 94 -10.19 71.47 10.44
CA HIS C 94 -9.03 72.35 10.32
C HIS C 94 -9.01 73.09 8.98
N GLY C 95 -10.16 73.62 8.56
CA GLY C 95 -10.24 74.46 7.39
C GLY C 95 -10.36 73.76 6.05
N ASP C 96 -10.59 72.45 6.04
CA ASP C 96 -10.79 71.71 4.79
C ASP C 96 -11.79 70.61 5.04
N TRP C 97 -12.37 70.10 3.95
CA TRP C 97 -13.29 68.98 4.03
C TRP C 97 -12.55 67.65 4.20
N LYS C 98 -13.07 66.81 5.10
CA LYS C 98 -12.62 65.44 5.28
C LYS C 98 -13.85 64.56 5.38
N GLY C 99 -13.79 63.37 4.81
CA GLY C 99 -14.96 62.49 4.87
C GLY C 99 -14.60 61.07 4.49
N THR C 100 -15.42 60.14 4.98
CA THR C 100 -15.28 58.71 4.69
C THR C 100 -16.41 58.30 3.76
N ALA C 101 -16.06 57.83 2.56
CA ALA C 101 -17.08 57.40 1.62
C ALA C 101 -17.63 56.03 2.01
N ARG C 102 -18.92 55.84 1.74
CA ARG C 102 -19.56 54.55 1.98
C ARG C 102 -18.90 53.43 1.20
N GLN C 103 -18.49 53.70 -0.05
CA GLN C 103 -17.82 52.69 -0.86
C GLN C 103 -16.49 52.24 -0.27
N SER C 104 -15.97 52.92 0.76
CA SER C 104 -14.71 52.56 1.42
C SER C 104 -14.92 51.71 2.66
N VAL C 105 -16.17 51.54 3.11
CA VAL C 105 -16.47 50.86 4.37
C VAL C 105 -17.54 49.80 4.15
N GLU C 106 -18.69 50.20 3.59
CA GLU C 106 -19.84 49.30 3.48
C GLU C 106 -19.51 48.00 2.76
N PRO C 107 -18.80 47.98 1.61
CA PRO C 107 -18.49 46.69 0.99
C PRO C 107 -17.62 45.78 1.85
N GLN C 108 -16.61 46.32 2.51
CA GLN C 108 -15.72 45.50 3.33
C GLN C 108 -16.43 45.00 4.57
N LEU C 109 -17.22 45.87 5.21
CA LEU C 109 -17.97 45.46 6.40
C LEU C 109 -18.91 44.30 6.06
N ALA C 110 -19.59 44.38 4.92
CA ALA C 110 -20.51 43.32 4.53
C ALA C 110 -19.78 42.03 4.18
N ALA C 111 -18.52 42.12 3.75
CA ALA C 111 -17.76 40.93 3.38
C ALA C 111 -17.09 40.25 4.56
N GLY C 112 -17.30 40.77 5.78
CA GLY C 112 -16.70 40.19 6.96
C GLY C 112 -15.37 40.78 7.35
N GLN C 113 -14.92 41.80 6.65
CA GLN C 113 -13.65 42.44 6.95
C GLN C 113 -13.89 43.62 7.90
N ASP C 114 -13.14 43.65 8.99
CA ASP C 114 -13.18 44.81 9.85
C ASP C 114 -12.56 46.01 9.15
N VAL C 115 -13.06 47.20 9.46
CA VAL C 115 -12.60 48.43 8.85
C VAL C 115 -12.25 49.43 9.96
N LEU C 116 -11.04 50.00 9.88
CA LEU C 116 -10.57 51.00 10.83
C LEU C 116 -10.62 52.39 10.19
N LEU C 117 -11.17 53.34 10.93
CA LEU C 117 -11.26 54.73 10.49
C LEU C 117 -10.32 55.60 11.32
N GLU C 118 -9.55 56.44 10.65
CA GLU C 118 -8.72 57.46 11.30
C GLU C 118 -9.38 58.80 11.01
N ILE C 119 -10.29 59.22 11.88
CA ILE C 119 -11.09 60.42 11.65
C ILE C 119 -11.05 61.26 12.92
N ASP C 120 -11.58 62.48 12.81
CA ASP C 120 -11.62 63.38 13.96
C ASP C 120 -12.84 63.07 14.84
N TRP C 121 -13.00 63.82 15.91
CA TRP C 121 -14.09 63.56 16.84
C TRP C 121 -15.45 63.83 16.20
N GLN C 122 -15.53 64.84 15.32
CA GLN C 122 -16.79 65.12 14.63
C GLN C 122 -17.23 63.90 13.82
N GLY C 123 -16.30 63.29 13.09
CA GLY C 123 -16.64 62.07 12.36
C GLY C 123 -16.97 60.92 13.27
N ALA C 124 -16.24 60.79 14.38
CA ALA C 124 -16.49 59.72 15.34
C ALA C 124 -17.89 59.80 15.92
N GLN C 125 -18.38 61.01 16.18
CA GLN C 125 -19.73 61.17 16.70
C GLN C 125 -20.77 60.66 15.71
N GLN C 126 -20.58 60.96 14.43
CA GLN C 126 -21.53 60.54 13.42
C GLN C 126 -21.59 59.03 13.27
N VAL C 127 -20.44 58.37 13.31
CA VAL C 127 -20.38 56.93 13.10
C VAL C 127 -21.04 56.20 14.27
N ARG C 128 -20.78 56.65 15.50
CA ARG C 128 -21.40 56.05 16.68
C ARG C 128 -22.91 56.02 16.55
N GLN C 129 -23.48 57.08 15.95
CA GLN C 129 -24.93 57.15 15.78
C GLN C 129 -25.43 56.20 14.70
N LEU C 130 -24.63 55.95 13.67
CA LEU C 130 -25.07 55.20 12.49
C LEU C 130 -24.95 53.67 12.57
N VAL C 131 -23.85 53.14 13.08
CA VAL C 131 -23.49 51.74 12.88
C VAL C 131 -23.50 50.98 14.20
N PRO C 132 -24.24 49.87 14.29
CA PRO C 132 -24.15 49.01 15.45
C PRO C 132 -22.76 48.40 15.58
N GLY C 133 -22.29 48.29 16.82
CA GLY C 133 -21.02 47.65 17.09
C GLY C 133 -19.79 48.51 16.96
N THR C 134 -19.92 49.78 16.58
CA THR C 134 -18.74 50.62 16.40
C THR C 134 -17.95 50.76 17.69
N VAL C 135 -16.66 50.48 17.59
CA VAL C 135 -15.70 50.59 18.68
C VAL C 135 -14.83 51.81 18.44
N THR C 136 -14.81 52.73 19.39
CA THR C 136 -14.03 53.95 19.25
C THR C 136 -12.93 53.98 20.32
N VAL C 137 -11.72 54.29 19.90
CA VAL C 137 -10.55 54.29 20.78
C VAL C 137 -9.84 55.63 20.65
N PHE C 138 -9.50 56.23 21.78
CA PHE C 138 -8.76 57.48 21.82
C PHE C 138 -7.38 57.22 22.43
N ILE C 139 -6.34 57.74 21.78
CA ILE C 139 -4.96 57.54 22.20
C ILE C 139 -4.43 58.84 22.77
N LEU C 140 -3.83 58.76 23.96
CA LEU C 140 -3.28 59.94 24.59
C LEU C 140 -1.76 59.84 24.69
N PRO C 141 -1.05 60.95 24.58
CA PRO C 141 0.39 60.94 24.85
C PRO C 141 0.65 60.73 26.32
N PRO C 142 1.84 60.25 26.69
CA PRO C 142 2.09 59.94 28.11
C PRO C 142 2.30 61.17 28.99
N SER C 143 2.46 62.35 28.42
CA SER C 143 2.61 63.58 29.20
C SER C 143 2.48 64.77 28.25
N LYS C 144 2.15 65.92 28.85
CA LYS C 144 2.05 67.15 28.08
C LYS C 144 3.40 67.55 27.50
N GLN C 145 4.49 67.28 28.23
CA GLN C 145 5.81 67.60 27.73
C GLN C 145 6.16 66.74 26.52
N ALA C 146 5.72 65.48 26.52
CA ALA C 146 5.97 64.62 25.37
C ALA C 146 5.29 65.16 24.11
N LEU C 147 4.10 65.74 24.26
CA LEU C 147 3.43 66.32 23.11
C LEU C 147 4.19 67.53 22.57
N GLN C 148 4.60 68.44 23.47
CA GLN C 148 5.31 69.65 23.03
C GLN C 148 6.64 69.33 22.37
N ASP C 149 7.24 68.18 22.69
CA ASP C 149 8.44 67.75 21.97
C ASP C 149 8.08 67.36 20.54
N ARG C 150 7.01 66.60 20.36
CA ARG C 150 6.55 66.21 19.04
C ARG C 150 5.86 67.38 18.35
N SER C 158 8.12 78.53 13.89
CA SER C 158 7.23 79.61 14.29
C SER C 158 6.57 79.27 15.63
N GLU C 159 6.93 80.04 16.67
CA GLU C 159 6.32 79.83 17.98
C GLU C 159 4.80 79.95 17.94
N ALA C 160 4.29 80.84 17.08
CA ALA C 160 2.84 80.97 16.94
C ALA C 160 2.23 79.74 16.31
N VAL C 161 2.93 79.13 15.35
CA VAL C 161 2.44 77.91 14.73
C VAL C 161 2.46 76.75 15.73
N ILE C 162 3.51 76.66 16.54
CA ILE C 162 3.56 75.62 17.57
C ILE C 162 2.43 75.82 18.55
N ALA C 163 2.17 77.07 18.94
CA ALA C 163 1.05 77.36 19.83
C ALA C 163 -0.28 76.98 19.17
N GLN C 164 -0.41 77.23 17.86
CA GLN C 164 -1.61 76.79 17.15
C GLN C 164 -1.70 75.27 17.13
N ARG C 165 -0.56 74.59 16.91
CA ARG C 165 -0.58 73.13 16.83
C ARG C 165 -0.91 72.50 18.18
N LEU C 166 -0.37 73.03 19.28
CA LEU C 166 -0.73 72.50 20.59
C LEU C 166 -2.20 72.76 20.90
N GLY C 167 -2.69 73.93 20.51
CA GLY C 167 -4.10 74.25 20.73
C GLY C 167 -5.04 73.33 19.97
N ALA C 168 -4.66 72.94 18.75
CA ALA C 168 -5.46 71.95 18.04
C ALA C 168 -5.37 70.60 18.73
N ALA C 169 -4.24 70.32 19.37
CA ALA C 169 -4.09 69.05 20.07
C ALA C 169 -4.95 69.04 21.32
N ARG C 170 -4.91 70.13 22.10
CA ARG C 170 -5.75 70.24 23.29
C ARG C 170 -7.22 70.18 22.92
N ASP C 171 -7.62 70.86 21.83
CA ASP C 171 -9.01 70.87 21.40
C ASP C 171 -9.50 69.47 21.06
N GLU C 172 -8.65 68.67 20.41
CA GLU C 172 -9.06 67.30 20.08
C GLU C 172 -9.17 66.44 21.34
N MET C 173 -8.19 66.56 22.26
CA MET C 173 -8.19 65.77 23.49
C MET C 173 -9.38 66.09 24.38
N LEU C 174 -10.02 67.24 24.20
CA LEU C 174 -11.19 67.61 24.98
C LEU C 174 -12.37 66.68 24.73
N HIS C 175 -12.32 65.85 23.70
CA HIS C 175 -13.43 64.96 23.38
C HIS C 175 -13.11 63.50 23.71
N PHE C 176 -12.03 63.24 24.45
CA PHE C 176 -11.70 61.86 24.80
C PHE C 176 -12.85 61.17 25.52
N ASN C 177 -13.64 61.94 26.28
CA ASN C 177 -14.73 61.36 27.06
C ASN C 177 -15.83 60.78 26.19
N GLU C 178 -15.79 60.98 24.87
CA GLU C 178 -16.78 60.43 23.95
C GLU C 178 -16.41 59.05 23.44
N PHE C 179 -15.25 58.51 23.83
CA PHE C 179 -14.70 57.29 23.24
C PHE C 179 -14.79 56.11 24.21
N ASP C 180 -14.90 54.91 23.64
CA ASP C 180 -15.11 53.71 24.44
C ASP C 180 -13.84 53.34 25.22
N TYR C 181 -12.67 53.42 24.59
CA TYR C 181 -11.40 53.01 25.19
C TYR C 181 -10.37 54.12 25.09
N VAL C 182 -9.43 54.14 26.03
CA VAL C 182 -8.33 55.11 26.03
C VAL C 182 -7.01 54.36 26.16
N ILE C 183 -6.06 54.70 25.28
CA ILE C 183 -4.70 54.16 25.35
C ILE C 183 -3.73 55.31 25.57
N VAL C 184 -2.90 55.19 26.60
CA VAL C 184 -1.79 56.11 26.83
C VAL C 184 -0.52 55.51 26.23
N ASN C 185 0.08 56.22 25.28
CA ASN C 185 1.20 55.68 24.50
C ASN C 185 2.50 56.00 25.23
N GLU C 186 2.78 55.21 26.27
CA GLU C 186 4.05 55.33 27.00
C GLU C 186 5.11 54.40 26.41
N VAL C 187 4.85 53.11 26.41
CA VAL C 187 5.70 52.11 25.78
C VAL C 187 5.00 51.66 24.49
N PHE C 188 5.70 51.82 23.36
CA PHE C 188 5.08 51.57 22.06
C PHE C 188 4.54 50.16 21.94
N ASP C 189 5.36 49.16 22.29
CA ASP C 189 4.93 47.76 22.12
C ASP C 189 3.72 47.46 22.97
N THR C 190 3.61 48.08 24.14
CA THR C 190 2.44 47.89 24.97
C THR C 190 1.21 48.55 24.34
N ALA C 191 1.39 49.72 23.73
CA ALA C 191 0.26 50.39 23.10
C ALA C 191 -0.30 49.57 21.96
N VAL C 192 0.57 48.93 21.18
CA VAL C 192 0.11 48.06 20.09
C VAL C 192 -0.62 46.84 20.64
N ASP C 193 -0.06 46.19 21.67
CA ASP C 193 -0.74 45.07 22.30
C ASP C 193 -2.14 45.46 22.76
N GLU C 194 -2.26 46.64 23.38
CA GLU C 194 -3.53 47.05 23.95
C GLU C 194 -4.57 47.33 22.86
N LEU C 195 -4.14 47.91 21.75
CA LEU C 195 -5.07 48.11 20.63
C LEU C 195 -5.47 46.77 20.03
N CYS C 196 -4.51 45.85 19.89
CA CYS C 196 -4.84 44.50 19.42
C CYS C 196 -5.82 43.82 20.38
N ALA C 197 -5.62 44.00 21.68
CA ALA C 197 -6.52 43.40 22.66
C ALA C 197 -7.93 43.94 22.48
N ILE C 198 -8.06 45.22 22.16
CA ILE C 198 -9.37 45.82 21.95
C ILE C 198 -10.04 45.21 20.73
N PHE C 199 -9.28 45.04 19.64
CA PHE C 199 -9.86 44.42 18.45
C PHE C 199 -10.29 43.00 18.74
N THR C 200 -9.43 42.22 19.41
CA THR C 200 -9.79 40.84 19.71
C THR C 200 -11.03 40.77 20.59
N ALA C 201 -11.06 41.58 21.65
CA ALA C 201 -12.20 41.56 22.57
C ALA C 201 -13.50 41.93 21.85
N SER C 202 -13.44 42.90 20.93
CA SER C 202 -14.66 43.34 20.28
C SER C 202 -15.30 42.22 19.48
N ARG C 203 -14.49 41.34 18.89
CA ARG C 203 -15.06 40.24 18.11
C ARG C 203 -15.68 39.16 18.99
N LEU C 204 -15.36 39.14 20.28
CA LEU C 204 -15.91 38.15 21.19
C LEU C 204 -17.21 38.62 21.82
N ARG C 205 -17.67 39.82 21.48
CA ARG C 205 -18.90 40.31 22.08
C ARG C 205 -20.07 39.42 21.70
N ARG C 206 -21.04 39.35 22.61
CA ARG C 206 -22.13 38.40 22.51
C ARG C 206 -22.83 38.49 21.15
N GLU C 207 -23.24 39.68 20.76
CA GLU C 207 -24.08 39.79 19.58
C GLU C 207 -23.32 39.39 18.32
N ALA C 208 -22.01 39.66 18.25
CA ALA C 208 -21.24 39.19 17.11
C ALA C 208 -21.09 37.67 17.12
N GLN C 209 -20.86 37.09 18.31
CA GLN C 209 -20.64 35.64 18.38
C GLN C 209 -21.92 34.86 18.11
N LYS C 210 -23.07 35.41 18.45
CA LYS C 210 -24.33 34.74 18.14
C LYS C 210 -24.51 34.57 16.63
N VAL C 211 -24.11 35.58 15.85
CA VAL C 211 -24.16 35.45 14.40
C VAL C 211 -23.10 34.46 13.93
N ARG C 212 -21.87 34.63 14.41
CA ARG C 212 -20.74 33.83 13.95
C ARG C 212 -20.96 32.35 14.22
N HIS C 213 -21.57 32.00 15.35
CA HIS C 213 -21.73 30.61 15.75
C HIS C 213 -23.21 30.24 15.86
N ALA C 214 -24.03 30.81 14.98
CA ALA C 214 -25.47 30.61 15.07
C ALA C 214 -25.83 29.14 15.02
N GLY C 215 -25.25 28.40 14.07
CA GLY C 215 -25.54 26.98 13.97
C GLY C 215 -25.06 26.21 15.19
N LEU C 216 -23.87 26.54 15.68
CA LEU C 216 -23.36 25.85 16.86
C LEU C 216 -24.28 26.05 18.06
N ILE C 217 -24.77 27.28 18.26
CA ILE C 217 -25.62 27.55 19.41
C ILE C 217 -26.96 26.82 19.28
N GLN C 218 -27.52 26.78 18.07
CA GLN C 218 -28.75 26.03 17.88
C GLN C 218 -28.56 24.56 18.25
N ALA C 219 -27.41 23.98 17.88
CA ALA C 219 -27.14 22.58 18.17
C ALA C 219 -26.97 22.34 19.68
N LEU C 220 -26.23 23.22 20.36
CA LEU C 220 -25.97 23.03 21.78
C LEU C 220 -27.22 23.16 22.62
N LEU C 221 -28.20 23.94 22.16
CA LEU C 221 -29.42 24.18 22.92
C LEU C 221 -30.54 23.25 22.52
N THR C 222 -30.36 22.43 21.50
CA THR C 222 -31.43 21.49 21.12
C THR C 222 -31.25 20.18 21.87
N PRO C 223 -32.32 19.61 22.47
CA PRO C 223 -32.18 18.36 23.24
C PRO C 223 -31.81 17.15 22.39
N ASP C 224 -31.76 15.97 23.02
CA ASP C 224 -31.55 14.71 22.29
C ASP C 224 -32.88 14.08 21.89
N ALA D 18 -12.51 5.06 -22.52
CA ALA D 18 -13.06 3.72 -22.39
C ALA D 18 -13.67 3.48 -21.01
N VAL D 19 -13.80 2.20 -20.62
CA VAL D 19 -14.28 1.85 -19.29
C VAL D 19 -13.07 1.62 -18.39
N ALA D 20 -12.97 2.42 -17.35
CA ALA D 20 -11.93 2.26 -16.34
C ALA D 20 -12.37 1.20 -15.33
N ARG D 21 -11.42 0.38 -14.88
CA ARG D 21 -11.76 -0.68 -13.94
C ARG D 21 -12.32 -0.10 -12.64
N GLY D 22 -13.22 -0.87 -12.03
CA GLY D 22 -13.77 -0.47 -10.76
C GLY D 22 -12.77 -0.60 -9.62
N THR D 23 -13.13 0.03 -8.50
CA THR D 23 -12.31 -0.04 -7.29
C THR D 23 -12.90 -1.05 -6.32
N LEU D 24 -12.02 -1.76 -5.64
CA LEU D 24 -12.39 -2.72 -4.62
C LEU D 24 -12.39 -2.04 -3.27
N TYR D 25 -13.51 -2.12 -2.57
CA TYR D 25 -13.67 -1.49 -1.27
C TYR D 25 -13.89 -2.50 -0.16
N ILE D 26 -13.39 -2.15 1.01
CA ILE D 26 -13.61 -2.91 2.22
C ILE D 26 -14.06 -1.92 3.28
N VAL D 27 -15.25 -2.15 3.86
CA VAL D 27 -15.77 -1.32 4.93
C VAL D 27 -15.90 -2.18 6.18
N ALA D 28 -15.26 -1.74 7.25
CA ALA D 28 -15.26 -2.47 8.52
C ALA D 28 -15.73 -1.54 9.63
N ALA D 29 -16.32 -2.14 10.66
CA ALA D 29 -16.81 -1.41 11.81
C ALA D 29 -17.15 -2.41 12.92
N PRO D 30 -16.97 -2.03 14.19
CA PRO D 30 -17.49 -2.86 15.27
C PRO D 30 -19.00 -2.88 15.23
N SER D 31 -19.57 -3.96 15.77
CA SER D 31 -21.03 -4.08 15.79
C SER D 31 -21.65 -2.90 16.50
N GLY D 32 -22.76 -2.42 15.96
CA GLY D 32 -23.46 -1.29 16.56
C GLY D 32 -22.97 0.07 16.12
N ALA D 33 -21.93 0.15 15.28
CA ALA D 33 -21.45 1.44 14.77
C ALA D 33 -22.29 1.97 13.63
N GLY D 34 -23.19 1.17 13.05
CA GLY D 34 -24.02 1.60 11.96
C GLY D 34 -23.50 1.29 10.58
N LYS D 35 -22.61 0.31 10.44
CA LYS D 35 -22.05 0.01 9.13
C LYS D 35 -23.13 -0.45 8.16
N SER D 36 -24.01 -1.36 8.60
CA SER D 36 -25.05 -1.89 7.74
C SER D 36 -26.00 -0.79 7.26
N SER D 37 -26.49 0.05 8.18
CA SER D 37 -27.42 1.09 7.77
C SER D 37 -26.73 2.13 6.90
N ILE D 38 -25.45 2.44 7.18
CA ILE D 38 -24.71 3.37 6.33
C ILE D 38 -24.50 2.78 4.94
N VAL D 39 -24.09 1.51 4.88
CA VAL D 39 -23.83 0.89 3.58
C VAL D 39 -25.10 0.84 2.76
N ASN D 40 -26.22 0.47 3.39
CA ASN D 40 -27.47 0.36 2.66
C ASN D 40 -27.90 1.72 2.10
N ALA D 41 -27.69 2.79 2.86
CA ALA D 41 -28.00 4.12 2.37
C ALA D 41 -27.07 4.50 1.22
N THR D 42 -25.81 4.08 1.29
CA THR D 42 -24.84 4.41 0.24
C THR D 42 -25.20 3.73 -1.08
N LEU D 43 -25.52 2.43 -1.02
CA LEU D 43 -25.87 1.70 -2.23
C LEU D 43 -27.10 2.29 -2.91
N ALA D 44 -28.06 2.80 -2.11
CA ALA D 44 -29.23 3.44 -2.69
C ALA D 44 -28.88 4.69 -3.48
N ARG D 45 -27.89 5.46 -3.02
CA ARG D 45 -27.49 6.67 -3.71
C ARG D 45 -26.48 6.43 -4.84
N ASP D 46 -25.75 5.33 -4.77
CA ASP D 46 -24.68 5.05 -5.73
C ASP D 46 -24.87 3.65 -6.31
N PRO D 47 -25.65 3.52 -7.38
CA PRO D 47 -25.90 2.18 -7.97
C PRO D 47 -24.70 1.57 -8.68
N GLN D 48 -23.58 2.29 -8.75
CA GLN D 48 -22.33 1.82 -9.34
C GLN D 48 -21.53 0.93 -8.39
N ILE D 49 -22.09 0.60 -7.23
CA ILE D 49 -21.41 -0.23 -6.22
C ILE D 49 -22.07 -1.60 -6.23
N ALA D 50 -21.26 -2.63 -6.46
CA ALA D 50 -21.69 -4.01 -6.44
C ALA D 50 -21.31 -4.67 -5.12
N LEU D 51 -22.19 -5.57 -4.67
CA LEU D 51 -22.00 -6.40 -3.47
C LEU D 51 -21.56 -7.82 -3.84
N SER D 52 -20.76 -8.41 -2.96
CA SER D 52 -20.34 -9.80 -3.09
C SER D 52 -21.06 -10.66 -2.06
N ILE D 53 -21.54 -11.83 -2.48
CA ILE D 53 -22.09 -12.80 -1.55
C ILE D 53 -20.97 -13.77 -1.18
N SER D 54 -20.60 -13.78 0.09
CA SER D 54 -19.49 -14.61 0.52
C SER D 54 -19.89 -16.08 0.62
N PHE D 55 -18.90 -16.95 0.48
CA PHE D 55 -19.04 -18.36 0.81
C PHE D 55 -18.66 -18.58 2.27
N THR D 56 -19.32 -19.53 2.92
CA THR D 56 -18.95 -19.89 4.28
C THR D 56 -19.31 -21.33 4.55
N SER D 57 -18.59 -21.92 5.51
CA SER D 57 -18.89 -23.26 6.00
C SER D 57 -19.58 -23.27 7.36
N ARG D 58 -19.81 -22.11 7.97
CA ARG D 58 -20.53 -22.09 9.23
C ARG D 58 -22.01 -22.39 9.01
N ALA D 59 -22.65 -22.89 10.06
CA ALA D 59 -24.06 -23.26 9.99
C ALA D 59 -24.95 -22.03 9.84
N MET D 60 -26.10 -22.24 9.21
CA MET D 60 -27.07 -21.17 9.04
C MET D 60 -27.75 -20.83 10.37
N ARG D 61 -27.94 -19.55 10.60
CA ARG D 61 -28.67 -18.99 11.72
C ARG D 61 -30.14 -18.73 11.36
N PRO D 62 -31.01 -18.66 12.36
CA PRO D 62 -32.42 -18.41 12.06
C PRO D 62 -32.60 -17.16 11.22
N GLY D 63 -33.47 -17.26 10.23
CA GLY D 63 -33.76 -16.16 9.32
C GLY D 63 -32.85 -16.07 8.11
N GLU D 64 -31.68 -16.70 8.15
CA GLU D 64 -30.75 -16.62 7.04
C GLU D 64 -31.23 -17.44 5.86
N VAL D 65 -30.91 -16.97 4.66
CA VAL D 65 -31.30 -17.60 3.41
C VAL D 65 -30.03 -17.93 2.64
N ASN D 66 -29.87 -19.20 2.29
CA ASN D 66 -28.73 -19.62 1.49
C ASN D 66 -28.86 -19.05 0.09
N GLY D 67 -27.80 -18.41 -0.40
CA GLY D 67 -27.84 -17.69 -1.65
C GLY D 67 -28.15 -16.22 -1.52
N GLN D 68 -28.65 -15.79 -0.35
CA GLN D 68 -28.86 -14.38 -0.03
C GLN D 68 -27.79 -13.86 0.92
N HIS D 69 -27.75 -14.38 2.17
CA HIS D 69 -26.80 -13.88 3.17
C HIS D 69 -25.40 -14.46 2.98
N TYR D 70 -25.31 -15.72 2.53
CA TYR D 70 -24.06 -16.41 2.25
C TYR D 70 -24.35 -17.48 1.22
N HIS D 71 -23.29 -17.94 0.57
CA HIS D 71 -23.36 -19.24 -0.09
C HIS D 71 -22.87 -20.23 0.94
N PHE D 72 -23.81 -20.90 1.61
CA PHE D 72 -23.47 -21.83 2.68
C PHE D 72 -23.08 -23.15 2.03
N VAL D 73 -21.86 -23.62 2.31
CA VAL D 73 -21.36 -24.86 1.75
C VAL D 73 -20.78 -25.71 2.87
N SER D 74 -20.48 -26.96 2.53
CA SER D 74 -19.83 -27.81 3.50
C SER D 74 -18.35 -27.43 3.62
N ALA D 75 -17.75 -27.84 4.73
CA ALA D 75 -16.32 -27.62 4.91
C ALA D 75 -15.54 -28.32 3.82
N GLU D 76 -15.97 -29.52 3.42
CA GLU D 76 -15.27 -30.20 2.35
C GLU D 76 -15.31 -29.38 1.08
N LYS D 77 -16.47 -28.74 0.80
CA LYS D 77 -16.62 -27.95 -0.42
C LYS D 77 -15.75 -26.70 -0.36
N PHE D 78 -15.76 -26.00 0.76
CA PHE D 78 -14.93 -24.80 0.88
C PHE D 78 -13.46 -25.16 0.62
N GLU D 79 -13.01 -26.28 1.20
CA GLU D 79 -11.62 -26.69 1.06
C GLU D 79 -11.28 -27.07 -0.37
N GLN D 80 -12.24 -27.68 -1.08
CA GLN D 80 -12.06 -27.95 -2.50
C GLN D 80 -11.86 -26.65 -3.26
N MET D 81 -12.65 -25.63 -2.94
CA MET D 81 -12.51 -24.34 -3.60
C MET D 81 -11.18 -23.67 -3.26
N ILE D 82 -10.73 -23.80 -2.01
CA ILE D 82 -9.41 -23.31 -1.66
C ILE D 82 -8.35 -23.95 -2.54
N ALA D 83 -8.38 -25.28 -2.63
CA ALA D 83 -7.36 -26.00 -3.38
C ALA D 83 -7.39 -25.64 -4.86
N ALA D 84 -8.56 -25.35 -5.42
CA ALA D 84 -8.69 -25.02 -6.83
C ALA D 84 -8.37 -23.55 -7.13
N GLY D 85 -8.06 -22.76 -6.12
CA GLY D 85 -7.81 -21.34 -6.34
C GLY D 85 -9.05 -20.52 -6.62
N ASP D 86 -10.24 -21.01 -6.27
CA ASP D 86 -11.48 -20.31 -6.61
C ASP D 86 -11.65 -19.01 -5.83
N PHE D 87 -10.92 -18.81 -4.73
CA PHE D 87 -11.17 -17.71 -3.83
C PHE D 87 -10.23 -16.53 -4.10
N PHE D 88 -10.82 -15.35 -4.26
CA PHE D 88 -10.03 -14.13 -4.32
C PHE D 88 -9.34 -13.87 -2.99
N GLU D 89 -10.10 -13.90 -1.89
CA GLU D 89 -9.57 -13.94 -0.55
C GLU D 89 -10.36 -14.97 0.24
N HIS D 90 -9.74 -15.53 1.28
CA HIS D 90 -10.44 -16.40 2.23
C HIS D 90 -9.70 -16.40 3.55
N ALA D 91 -10.41 -16.79 4.60
CA ALA D 91 -9.84 -16.75 5.95
C ALA D 91 -10.60 -17.70 6.85
N TRP D 92 -9.95 -18.08 7.94
CA TRP D 92 -10.57 -18.80 9.04
C TRP D 92 -11.08 -17.75 10.03
N VAL D 93 -12.41 -17.57 10.09
CA VAL D 93 -13.02 -16.49 10.86
C VAL D 93 -13.97 -17.10 11.88
N HIS D 94 -13.68 -16.89 13.17
CA HIS D 94 -14.52 -17.36 14.27
C HIS D 94 -14.78 -18.87 14.17
N GLY D 95 -13.76 -19.64 13.83
CA GLY D 95 -13.93 -21.09 13.83
C GLY D 95 -14.58 -21.68 12.60
N ASP D 96 -14.75 -20.91 11.52
CA ASP D 96 -15.27 -21.43 10.27
C ASP D 96 -14.66 -20.68 9.09
N TRP D 97 -14.77 -21.28 7.91
CA TRP D 97 -14.27 -20.71 6.67
C TRP D 97 -15.20 -19.60 6.19
N LYS D 98 -14.59 -18.52 5.70
CA LYS D 98 -15.26 -17.42 5.00
C LYS D 98 -14.41 -17.10 3.77
N GLY D 99 -15.06 -16.72 2.67
CA GLY D 99 -14.29 -16.40 1.47
C GLY D 99 -15.09 -15.66 0.42
N THR D 100 -14.35 -14.94 -0.42
CA THR D 100 -14.86 -14.23 -1.57
C THR D 100 -14.36 -14.94 -2.83
N ALA D 101 -15.30 -15.42 -3.65
CA ALA D 101 -14.93 -16.08 -4.90
C ALA D 101 -14.42 -15.06 -5.92
N ARG D 102 -13.49 -15.52 -6.78
CA ARG D 102 -12.95 -14.68 -7.83
C ARG D 102 -14.04 -14.21 -8.78
N GLN D 103 -14.96 -15.11 -9.11
CA GLN D 103 -16.04 -14.78 -10.02
C GLN D 103 -16.98 -13.70 -9.45
N SER D 104 -16.89 -13.39 -8.17
CA SER D 104 -17.72 -12.36 -7.57
C SER D 104 -17.06 -10.98 -7.58
N VAL D 105 -15.83 -10.87 -8.05
CA VAL D 105 -15.10 -9.63 -7.94
C VAL D 105 -14.51 -9.22 -9.29
N GLU D 106 -13.69 -10.10 -9.87
CA GLU D 106 -12.95 -9.74 -11.08
C GLU D 106 -13.83 -9.30 -12.24
N PRO D 107 -14.90 -10.03 -12.61
CA PRO D 107 -15.72 -9.54 -13.74
C PRO D 107 -16.35 -8.18 -13.49
N GLN D 108 -16.80 -7.94 -12.25
CA GLN D 108 -17.43 -6.66 -11.93
C GLN D 108 -16.42 -5.52 -11.98
N LEU D 109 -15.21 -5.76 -11.47
CA LEU D 109 -14.16 -4.77 -11.58
C LEU D 109 -13.83 -4.47 -13.04
N ALA D 110 -13.76 -5.51 -13.87
CA ALA D 110 -13.44 -5.31 -15.29
C ALA D 110 -14.55 -4.57 -16.02
N ALA D 111 -15.80 -4.70 -15.57
CA ALA D 111 -16.91 -4.00 -16.22
C ALA D 111 -17.11 -2.57 -15.73
N GLY D 112 -16.26 -2.09 -14.82
CA GLY D 112 -16.34 -0.72 -14.34
C GLY D 112 -17.12 -0.48 -13.06
N GLN D 113 -17.58 -1.53 -12.40
CA GLN D 113 -18.35 -1.42 -11.17
C GLN D 113 -17.42 -1.55 -9.97
N ASP D 114 -17.56 -0.66 -8.99
CA ASP D 114 -16.92 -0.83 -7.70
C ASP D 114 -17.58 -1.98 -6.94
N VAL D 115 -16.78 -2.67 -6.12
CA VAL D 115 -17.28 -3.81 -5.36
C VAL D 115 -16.96 -3.58 -3.89
N LEU D 116 -17.98 -3.63 -3.05
CA LEU D 116 -17.82 -3.42 -1.62
C LEU D 116 -17.83 -4.77 -0.93
N LEU D 117 -16.78 -5.04 -0.17
CA LEU D 117 -16.62 -6.28 0.57
C LEU D 117 -16.71 -5.98 2.05
N GLU D 118 -17.51 -6.77 2.77
CA GLU D 118 -17.59 -6.69 4.22
C GLU D 118 -16.96 -7.97 4.75
N ILE D 119 -15.64 -7.92 4.93
CA ILE D 119 -14.84 -9.09 5.28
C ILE D 119 -13.98 -8.75 6.49
N ASP D 120 -13.33 -9.77 7.05
CA ASP D 120 -12.54 -9.54 8.26
C ASP D 120 -11.16 -9.01 7.89
N TRP D 121 -10.35 -8.73 8.92
CA TRP D 121 -9.07 -8.05 8.67
C TRP D 121 -8.13 -8.92 7.87
N GLN D 122 -8.16 -10.23 8.11
CA GLN D 122 -7.31 -11.15 7.34
C GLN D 122 -7.61 -11.03 5.85
N GLY D 123 -8.90 -11.03 5.48
CA GLY D 123 -9.25 -10.89 4.09
C GLY D 123 -8.88 -9.52 3.53
N ALA D 124 -9.10 -8.47 4.33
CA ALA D 124 -8.76 -7.12 3.88
C ALA D 124 -7.27 -6.99 3.59
N GLN D 125 -6.42 -7.64 4.40
CA GLN D 125 -4.98 -7.61 4.14
C GLN D 125 -4.64 -8.29 2.82
N GLN D 126 -5.28 -9.43 2.54
CA GLN D 126 -5.02 -10.12 1.28
C GLN D 126 -5.45 -9.27 0.10
N VAL D 127 -6.58 -8.58 0.24
CA VAL D 127 -7.09 -7.77 -0.87
C VAL D 127 -6.17 -6.58 -1.14
N ARG D 128 -5.72 -5.90 -0.08
CA ARG D 128 -4.81 -4.76 -0.26
C ARG D 128 -3.56 -5.18 -1.02
N GLN D 129 -3.01 -6.35 -0.70
CA GLN D 129 -1.80 -6.81 -1.36
C GLN D 129 -2.06 -7.19 -2.82
N LEU D 130 -3.27 -7.65 -3.15
CA LEU D 130 -3.55 -8.11 -4.50
C LEU D 130 -3.82 -6.94 -5.44
N VAL D 131 -4.57 -5.94 -5.02
CA VAL D 131 -4.99 -4.85 -5.90
C VAL D 131 -4.52 -3.51 -5.34
N PRO D 132 -3.55 -2.83 -5.97
CA PRO D 132 -3.31 -1.43 -5.62
C PRO D 132 -4.53 -0.61 -6.02
N GLY D 133 -4.82 0.40 -5.20
CA GLY D 133 -6.01 1.21 -5.39
C GLY D 133 -7.20 0.73 -4.59
N THR D 134 -7.08 -0.39 -3.88
CA THR D 134 -8.14 -0.82 -2.99
C THR D 134 -8.37 0.23 -1.92
N VAL D 135 -9.62 0.61 -1.71
CA VAL D 135 -9.98 1.61 -0.72
C VAL D 135 -10.59 0.92 0.49
N THR D 136 -9.98 1.10 1.66
CA THR D 136 -10.50 0.48 2.89
C THR D 136 -10.98 1.60 3.81
N VAL D 137 -12.18 1.44 4.36
CA VAL D 137 -12.82 2.46 5.18
C VAL D 137 -13.24 1.82 6.49
N PHE D 138 -12.91 2.47 7.61
CA PHE D 138 -13.30 2.00 8.94
C PHE D 138 -14.28 3.00 9.53
N ILE D 139 -15.38 2.50 10.08
CA ILE D 139 -16.43 3.33 10.66
C ILE D 139 -16.38 3.19 12.18
N LEU D 140 -16.32 4.32 12.87
CA LEU D 140 -16.24 4.32 14.32
C LEU D 140 -17.49 4.95 14.93
N PRO D 141 -17.91 4.45 16.10
CA PRO D 141 -18.96 5.11 16.87
C PRO D 141 -18.41 6.35 17.56
N PRO D 142 -19.27 7.28 17.97
CA PRO D 142 -18.77 8.49 18.64
C PRO D 142 -18.28 8.26 20.07
N SER D 143 -18.52 7.06 20.63
CA SER D 143 -18.07 6.65 21.96
C SER D 143 -18.36 5.16 22.09
N LYS D 144 -17.65 4.50 23.02
CA LYS D 144 -17.90 3.08 23.25
C LYS D 144 -19.32 2.85 23.76
N GLN D 145 -19.86 3.79 24.54
CA GLN D 145 -21.22 3.66 25.05
C GLN D 145 -22.25 3.74 23.93
N ALA D 146 -21.97 4.53 22.88
CA ALA D 146 -22.90 4.62 21.77
C ALA D 146 -23.13 3.26 21.12
N LEU D 147 -22.13 2.39 21.14
CA LEU D 147 -22.30 1.06 20.59
C LEU D 147 -23.40 0.32 21.34
N GLN D 148 -23.33 0.31 22.67
CA GLN D 148 -24.34 -0.36 23.47
C GLN D 148 -25.70 0.31 23.30
N ASP D 149 -25.73 1.65 23.29
CA ASP D 149 -26.99 2.36 23.23
C ASP D 149 -27.75 2.11 21.93
N ARG D 150 -27.04 2.08 20.79
CA ARG D 150 -27.71 1.86 19.52
C ARG D 150 -28.18 0.43 19.37
N MET D 151 -27.48 -0.53 19.97
CA MET D 151 -27.93 -1.91 19.87
C MET D 151 -29.17 -2.16 20.72
N ARG D 152 -29.26 -1.51 21.89
CA ARG D 152 -30.44 -1.67 22.75
C ARG D 152 -31.64 -0.93 22.18
N LYS D 153 -31.43 0.27 21.62
CA LYS D 153 -32.55 1.03 21.07
C LYS D 153 -33.13 0.36 19.83
N ARG D 154 -32.32 -0.38 19.07
CA ARG D 154 -32.84 -1.15 17.95
C ARG D 154 -33.80 -2.23 18.43
N GLY D 155 -33.50 -2.87 19.56
CA GLY D 155 -34.45 -3.74 20.23
C GLY D 155 -34.52 -5.15 19.70
N GLN D 156 -33.53 -5.57 18.90
CA GLN D 156 -33.51 -6.91 18.31
C GLN D 156 -32.61 -7.88 19.06
N ASP D 157 -31.82 -7.41 20.01
CA ASP D 157 -30.84 -8.25 20.69
C ASP D 157 -31.08 -8.26 22.19
N SER D 158 -30.75 -9.40 22.81
CA SER D 158 -30.74 -9.55 24.26
C SER D 158 -29.49 -8.92 24.85
N GLU D 159 -29.60 -8.46 26.10
CA GLU D 159 -28.46 -7.86 26.78
C GLU D 159 -27.25 -8.80 26.76
N ALA D 160 -27.48 -10.11 26.83
CA ALA D 160 -26.37 -11.05 26.74
C ALA D 160 -25.78 -11.07 25.33
N VAL D 161 -26.61 -10.94 24.30
CA VAL D 161 -26.10 -10.89 22.93
C VAL D 161 -25.33 -9.59 22.71
N ILE D 162 -25.85 -8.47 23.22
CA ILE D 162 -25.17 -7.19 23.07
C ILE D 162 -23.82 -7.21 23.76
N ALA D 163 -23.75 -7.78 24.96
CA ALA D 163 -22.47 -7.90 25.65
C ALA D 163 -21.49 -8.73 24.82
N GLN D 164 -21.98 -9.78 24.17
CA GLN D 164 -21.14 -10.57 23.28
C GLN D 164 -20.62 -9.73 22.13
N ARG D 165 -21.47 -8.86 21.56
CA ARG D 165 -21.05 -8.01 20.44
C ARG D 165 -20.02 -6.97 20.88
N LEU D 166 -20.19 -6.39 22.08
CA LEU D 166 -19.23 -5.41 22.57
C LEU D 166 -17.85 -6.01 22.80
N GLY D 167 -17.79 -7.23 23.34
CA GLY D 167 -16.52 -7.90 23.54
C GLY D 167 -15.77 -8.13 22.25
N ALA D 168 -16.49 -8.37 21.16
CA ALA D 168 -15.88 -8.50 19.84
C ALA D 168 -15.27 -7.18 19.36
N ALA D 169 -15.71 -6.04 19.90
CA ALA D 169 -15.33 -4.74 19.34
C ALA D 169 -13.84 -4.46 19.48
N ARG D 170 -13.26 -4.73 20.65
CA ARG D 170 -11.82 -4.50 20.80
C ARG D 170 -11.02 -5.33 19.80
N ASP D 171 -11.41 -6.59 19.59
CA ASP D 171 -10.69 -7.42 18.63
C ASP D 171 -10.73 -6.82 17.23
N GLU D 172 -11.88 -6.26 16.85
CA GLU D 172 -12.00 -5.57 15.57
C GLU D 172 -11.17 -4.29 15.54
N MET D 173 -11.17 -3.54 16.64
CA MET D 173 -10.47 -2.26 16.71
C MET D 173 -8.96 -2.39 16.58
N LEU D 174 -8.39 -3.57 16.84
CA LEU D 174 -6.95 -3.70 16.82
C LEU D 174 -6.34 -3.47 15.44
N HIS D 175 -7.14 -3.47 14.39
CA HIS D 175 -6.63 -3.30 13.04
C HIS D 175 -7.04 -1.99 12.40
N PHE D 176 -7.57 -1.03 13.18
CA PHE D 176 -8.00 0.24 12.61
C PHE D 176 -6.86 0.92 11.85
N ASN D 177 -5.62 0.75 12.32
CA ASN D 177 -4.50 1.43 11.72
C ASN D 177 -4.22 0.96 10.30
N GLU D 178 -4.86 -0.11 9.85
CA GLU D 178 -4.64 -0.65 8.52
C GLU D 178 -5.50 0.00 7.46
N PHE D 179 -6.34 0.96 7.82
CA PHE D 179 -7.37 1.48 6.93
C PHE D 179 -7.04 2.89 6.43
N ASP D 180 -7.48 3.17 5.21
CA ASP D 180 -7.17 4.45 4.57
C ASP D 180 -8.00 5.58 5.15
N TYR D 181 -9.29 5.33 5.36
CA TYR D 181 -10.23 6.35 5.80
C TYR D 181 -10.95 5.90 7.06
N VAL D 182 -11.33 6.89 7.87
CA VAL D 182 -12.07 6.67 9.09
C VAL D 182 -13.28 7.61 9.08
N ILE D 183 -14.45 7.06 9.35
CA ILE D 183 -15.67 7.85 9.51
C ILE D 183 -16.15 7.66 10.93
N VAL D 184 -16.34 8.76 11.66
CA VAL D 184 -16.96 8.69 12.98
C VAL D 184 -18.45 8.94 12.77
N ASN D 185 -19.27 7.94 13.04
CA ASN D 185 -20.69 8.00 12.73
C ASN D 185 -21.41 8.66 13.90
N GLU D 186 -21.35 9.98 13.92
CA GLU D 186 -22.08 10.75 14.92
C GLU D 186 -23.48 11.11 14.41
N VAL D 187 -23.54 11.82 13.30
CA VAL D 187 -24.80 12.12 12.62
C VAL D 187 -24.90 11.20 11.41
N PHE D 188 -25.95 10.39 11.37
CA PHE D 188 -26.05 9.36 10.35
C PHE D 188 -25.95 9.95 8.94
N ASP D 189 -26.72 11.00 8.65
CA ASP D 189 -26.73 11.55 7.30
C ASP D 189 -25.36 12.09 6.90
N THR D 190 -24.62 12.64 7.86
CA THR D 190 -23.26 13.07 7.55
C THR D 190 -22.35 11.88 7.25
N ALA D 191 -22.54 10.78 7.99
CA ALA D 191 -21.74 9.58 7.74
C ALA D 191 -22.01 9.01 6.35
N VAL D 192 -23.26 9.04 5.91
CA VAL D 192 -23.58 8.58 4.55
C VAL D 192 -22.96 9.52 3.52
N ASP D 193 -23.08 10.84 3.73
CA ASP D 193 -22.45 11.80 2.84
C ASP D 193 -20.95 11.53 2.74
N GLU D 194 -20.31 11.26 3.88
CA GLU D 194 -18.87 11.10 3.89
C GLU D 194 -18.44 9.82 3.16
N LEU D 195 -19.18 8.73 3.32
CA LEU D 195 -18.84 7.52 2.58
C LEU D 195 -19.10 7.69 1.09
N CYS D 196 -20.19 8.34 0.71
CA CYS D 196 -20.44 8.61 -0.71
C CYS D 196 -19.34 9.50 -1.30
N ALA D 197 -18.84 10.45 -0.52
CA ALA D 197 -17.76 11.29 -1.01
C ALA D 197 -16.52 10.46 -1.32
N ILE D 198 -16.25 9.44 -0.49
CA ILE D 198 -15.09 8.58 -0.72
C ILE D 198 -15.23 7.78 -2.01
N PHE D 199 -16.43 7.24 -2.27
CA PHE D 199 -16.65 6.53 -3.54
C PHE D 199 -16.51 7.47 -4.73
N THR D 200 -17.11 8.67 -4.65
CA THR D 200 -17.00 9.61 -5.75
C THR D 200 -15.54 10.03 -5.99
N ALA D 201 -14.84 10.38 -4.91
CA ALA D 201 -13.47 10.85 -5.06
C ALA D 201 -12.55 9.79 -5.68
N SER D 202 -12.72 8.52 -5.28
CA SER D 202 -11.83 7.48 -5.79
C SER D 202 -11.95 7.31 -7.29
N ARG D 203 -13.14 7.53 -7.85
CA ARG D 203 -13.28 7.43 -9.30
C ARG D 203 -12.60 8.60 -10.00
N LEU D 204 -12.27 9.66 -9.27
CA LEU D 204 -11.60 10.81 -9.82
C LEU D 204 -10.08 10.72 -9.73
N ARG D 205 -9.54 9.64 -9.17
CA ARG D 205 -8.09 9.49 -9.10
C ARG D 205 -7.47 9.43 -10.50
N ARG D 206 -6.23 9.90 -10.60
CA ARG D 206 -5.58 10.15 -11.89
C ARG D 206 -5.61 8.94 -12.82
N GLU D 207 -5.15 7.77 -12.34
CA GLU D 207 -4.92 6.65 -13.25
C GLU D 207 -6.21 6.13 -13.86
N ALA D 208 -7.31 6.13 -13.10
CA ALA D 208 -8.59 5.75 -13.68
C ALA D 208 -9.07 6.76 -14.71
N GLN D 209 -8.88 8.06 -14.42
CA GLN D 209 -9.34 9.10 -15.32
C GLN D 209 -8.54 9.15 -16.61
N LYS D 210 -7.27 8.74 -16.57
CA LYS D 210 -6.50 8.65 -17.81
C LYS D 210 -7.09 7.61 -18.73
N VAL D 211 -7.51 6.46 -18.18
CA VAL D 211 -8.17 5.44 -18.99
C VAL D 211 -9.53 5.94 -19.46
N ARG D 212 -10.32 6.50 -18.54
CA ARG D 212 -11.67 6.92 -18.85
C ARG D 212 -11.69 7.98 -19.95
N HIS D 213 -10.68 8.87 -19.97
CA HIS D 213 -10.65 10.00 -20.89
C HIS D 213 -9.40 9.98 -21.78
N ALA D 214 -8.95 8.80 -22.18
CA ALA D 214 -7.72 8.70 -22.96
C ALA D 214 -7.80 9.53 -24.23
N GLY D 215 -8.91 9.44 -24.96
CA GLY D 215 -9.03 10.19 -26.20
C GLY D 215 -9.07 11.69 -25.98
N LEU D 216 -9.78 12.13 -24.94
CA LEU D 216 -9.83 13.55 -24.63
C LEU D 216 -8.43 14.10 -24.36
N ILE D 217 -7.63 13.34 -23.61
CA ILE D 217 -6.30 13.79 -23.22
C ILE D 217 -5.35 13.86 -24.43
N GLN D 218 -5.40 12.85 -25.31
CA GLN D 218 -4.54 12.91 -26.49
C GLN D 218 -4.84 14.14 -27.33
N ALA D 219 -6.12 14.45 -27.51
CA ALA D 219 -6.50 15.60 -28.31
C ALA D 219 -6.07 16.90 -27.64
N LEU D 220 -6.24 17.00 -26.32
CA LEU D 220 -5.89 18.23 -25.62
C LEU D 220 -4.38 18.49 -25.59
N LEU D 221 -3.57 17.44 -25.66
CA LEU D 221 -2.12 17.57 -25.53
C LEU D 221 -1.40 17.64 -26.87
N THR D 222 -2.10 17.48 -27.98
CA THR D 222 -1.50 17.50 -29.31
C THR D 222 -1.48 18.93 -29.86
N PRO D 223 -0.37 19.38 -30.45
CA PRO D 223 -0.34 20.71 -31.04
C PRO D 223 -1.27 20.80 -32.24
N ASP D 224 -1.64 22.02 -32.60
CA ASP D 224 -2.46 22.25 -33.79
C ASP D 224 -1.65 22.03 -35.06
N ALA E 20 14.91 -0.72 20.95
CA ALA E 20 13.94 -1.12 19.94
C ALA E 20 13.58 -2.59 20.10
N ARG E 21 12.29 -2.90 20.04
CA ARG E 21 11.84 -4.27 20.24
C ARG E 21 12.35 -5.20 19.15
N GLY E 22 12.56 -6.46 19.52
CA GLY E 22 12.94 -7.47 18.55
C GLY E 22 11.77 -7.85 17.66
N THR E 23 12.09 -8.54 16.56
CA THR E 23 11.08 -9.00 15.62
C THR E 23 10.70 -10.45 15.90
N LEU E 24 9.42 -10.75 15.78
CA LEU E 24 8.86 -12.08 15.94
C LEU E 24 8.73 -12.78 14.58
N TYR E 25 9.28 -13.97 14.47
CA TYR E 25 9.22 -14.79 13.27
C TYR E 25 8.45 -16.07 13.58
N ILE E 26 7.63 -16.52 12.63
CA ILE E 26 6.91 -17.79 12.76
C ILE E 26 7.18 -18.60 11.51
N VAL E 27 7.66 -19.83 11.69
CA VAL E 27 7.82 -20.77 10.58
C VAL E 27 6.91 -21.96 10.86
N ALA E 28 6.01 -22.23 9.92
CA ALA E 28 5.03 -23.31 10.05
C ALA E 28 5.12 -24.23 8.85
N ALA E 29 4.82 -25.50 9.09
CA ALA E 29 4.86 -26.53 8.07
C ALA E 29 4.26 -27.81 8.63
N PRO E 30 3.65 -28.67 7.80
CA PRO E 30 3.32 -30.01 8.30
C PRO E 30 4.59 -30.76 8.60
N SER E 31 4.52 -31.67 9.57
CA SER E 31 5.69 -32.46 9.89
C SER E 31 6.12 -33.24 8.65
N GLY E 32 7.42 -33.40 8.49
CA GLY E 32 7.96 -34.08 7.34
C GLY E 32 8.19 -33.22 6.13
N ALA E 33 7.81 -31.94 6.16
CA ALA E 33 8.18 -31.04 5.07
C ALA E 33 9.60 -30.52 5.22
N GLY E 34 10.23 -30.76 6.37
CA GLY E 34 11.61 -30.37 6.61
C GLY E 34 11.84 -29.03 7.28
N LYS E 35 10.84 -28.46 7.96
CA LYS E 35 11.03 -27.14 8.54
C LYS E 35 12.08 -27.17 9.65
N SER E 36 12.09 -28.20 10.50
CA SER E 36 13.05 -28.21 11.60
C SER E 36 14.48 -28.16 11.10
N SER E 37 14.80 -28.95 10.07
CA SER E 37 16.16 -28.96 9.52
C SER E 37 16.48 -27.64 8.79
N ILE E 38 15.50 -27.08 8.08
CA ILE E 38 15.76 -25.82 7.39
C ILE E 38 16.01 -24.71 8.40
N VAL E 39 15.19 -24.65 9.44
CA VAL E 39 15.32 -23.60 10.45
C VAL E 39 16.64 -23.73 11.19
N ASN E 40 17.06 -24.95 11.54
CA ASN E 40 18.31 -25.11 12.26
C ASN E 40 19.50 -24.64 11.43
N ALA E 41 19.47 -24.91 10.12
CA ALA E 41 20.55 -24.43 9.25
C ALA E 41 20.49 -22.93 9.10
N THR E 42 19.29 -22.38 9.05
CA THR E 42 19.14 -20.94 8.88
C THR E 42 19.63 -20.18 10.11
N LEU E 43 19.19 -20.60 11.30
CA LEU E 43 19.64 -19.94 12.52
C LEU E 43 21.14 -20.10 12.71
N ALA E 44 21.70 -21.23 12.27
CA ALA E 44 23.15 -21.39 12.32
C ALA E 44 23.83 -20.32 11.47
N ARG E 45 23.22 -19.94 10.35
CA ARG E 45 23.76 -18.89 9.51
C ARG E 45 23.32 -17.50 9.96
N ASP E 46 22.21 -17.39 10.69
CA ASP E 46 21.68 -16.10 11.12
C ASP E 46 21.49 -16.18 12.62
N PRO E 47 22.57 -16.00 13.39
CA PRO E 47 22.49 -16.19 14.84
C PRO E 47 21.77 -15.08 15.62
N GLN E 48 21.36 -13.99 14.99
CA GLN E 48 20.67 -12.97 15.78
C GLN E 48 19.21 -13.29 16.05
N ILE E 49 18.72 -14.45 15.61
CA ILE E 49 17.36 -14.90 15.88
C ILE E 49 17.46 -16.10 16.81
N ALA E 50 16.77 -16.02 17.93
CA ALA E 50 16.77 -17.11 18.90
C ALA E 50 15.57 -18.03 18.67
N LEU E 51 15.78 -19.32 18.90
CA LEU E 51 14.73 -20.30 18.74
C LEU E 51 14.05 -20.58 20.07
N SER E 52 12.73 -20.71 20.03
CA SER E 52 11.93 -20.92 21.21
C SER E 52 11.62 -22.41 21.35
N ILE E 53 11.76 -22.92 22.56
CA ILE E 53 11.45 -24.32 22.87
C ILE E 53 10.04 -24.39 23.45
N SER E 54 9.17 -25.10 22.76
CA SER E 54 7.76 -25.19 23.14
C SER E 54 7.55 -26.21 24.26
N PHE E 55 6.45 -26.01 24.99
CA PHE E 55 5.92 -27.02 25.90
C PHE E 55 4.91 -27.91 25.17
N THR E 56 4.87 -29.17 25.57
CA THR E 56 3.85 -30.07 25.04
C THR E 56 3.48 -31.13 26.06
N SER E 57 2.26 -31.66 25.90
CA SER E 57 1.80 -32.78 26.71
C SER E 57 1.82 -34.09 25.95
N ARG E 58 2.20 -34.08 24.68
CA ARG E 58 2.31 -35.33 23.96
C ARG E 58 3.54 -36.12 24.43
N ALA E 59 3.48 -37.43 24.25
CA ALA E 59 4.59 -38.30 24.66
C ALA E 59 5.82 -38.09 23.78
N MET E 60 6.98 -38.36 24.35
CA MET E 60 8.24 -38.21 23.62
C MET E 60 8.37 -39.29 22.55
N ARG E 61 8.79 -38.89 21.37
CA ARG E 61 9.12 -39.84 20.33
C ARG E 61 10.59 -40.22 20.41
N PRO E 62 10.97 -41.40 19.90
CA PRO E 62 12.38 -41.79 19.94
C PRO E 62 13.27 -40.75 19.28
N GLY E 63 14.43 -40.51 19.90
CA GLY E 63 15.37 -39.51 19.45
C GLY E 63 15.14 -38.14 20.04
N GLU E 64 13.96 -37.87 20.56
CA GLU E 64 13.70 -36.59 21.22
C GLU E 64 14.28 -36.59 22.62
N VAL E 65 14.73 -35.42 23.07
CA VAL E 65 15.30 -35.26 24.40
C VAL E 65 14.52 -34.17 25.13
N ASN E 66 14.01 -34.49 26.31
CA ASN E 66 13.28 -33.52 27.11
C ASN E 66 14.19 -32.39 27.56
N GLY E 67 13.72 -31.16 27.36
CA GLY E 67 14.49 -29.98 27.63
C GLY E 67 15.28 -29.47 26.45
N GLN E 68 15.44 -30.29 25.40
CA GLN E 68 16.10 -29.85 24.19
C GLN E 68 15.07 -29.55 23.10
N HIS E 69 14.37 -30.58 22.61
CA HIS E 69 13.43 -30.41 21.51
C HIS E 69 12.09 -29.83 21.97
N TYR E 70 11.66 -30.18 23.18
CA TYR E 70 10.45 -29.67 23.80
C TYR E 70 10.64 -29.68 25.31
N HIS E 71 9.84 -28.87 25.98
CA HIS E 71 9.63 -29.06 27.41
C HIS E 71 8.42 -29.97 27.53
N PHE E 72 8.67 -31.26 27.77
CA PHE E 72 7.60 -32.24 27.89
C PHE E 72 7.01 -32.17 29.28
N VAL E 73 5.69 -32.01 29.36
CA VAL E 73 4.98 -32.02 30.64
C VAL E 73 3.76 -32.94 30.50
N SER E 74 3.15 -33.25 31.64
CA SER E 74 1.91 -34.01 31.64
C SER E 74 0.77 -33.11 31.16
N ALA E 75 -0.33 -33.75 30.76
CA ALA E 75 -1.52 -32.99 30.36
C ALA E 75 -2.05 -32.18 31.53
N GLU E 76 -2.05 -32.75 32.73
CA GLU E 76 -2.50 -32.00 33.90
C GLU E 76 -1.61 -30.79 34.16
N LYS E 77 -0.29 -30.93 33.96
CA LYS E 77 0.61 -29.80 34.19
C LYS E 77 0.42 -28.71 33.16
N PHE E 78 0.30 -29.08 31.89
CA PHE E 78 0.06 -28.10 30.84
C PHE E 78 -1.21 -27.31 31.15
N GLU E 79 -2.27 -28.01 31.53
CA GLU E 79 -3.53 -27.36 31.85
C GLU E 79 -3.39 -26.48 33.08
N GLN E 80 -2.55 -26.90 34.03
CA GLN E 80 -2.21 -26.05 35.16
C GLN E 80 -1.54 -24.77 34.68
N MET E 81 -0.60 -24.88 33.75
CA MET E 81 0.07 -23.71 33.20
C MET E 81 -0.88 -22.82 32.39
N ILE E 82 -1.84 -23.42 31.67
CA ILE E 82 -2.84 -22.63 30.96
C ILE E 82 -3.60 -21.73 31.93
N ALA E 83 -4.12 -22.31 33.01
CA ALA E 83 -4.92 -21.54 33.96
C ALA E 83 -4.10 -20.44 34.62
N ALA E 84 -2.81 -20.69 34.81
CA ALA E 84 -1.94 -19.69 35.42
C ALA E 84 -1.50 -18.62 34.44
N GLY E 85 -1.93 -18.70 33.17
CA GLY E 85 -1.53 -17.71 32.19
C GLY E 85 -0.10 -17.80 31.72
N ASP E 86 0.54 -18.96 31.85
CA ASP E 86 1.95 -19.06 31.48
C ASP E 86 2.21 -19.00 29.98
N PHE E 87 1.18 -19.21 29.16
CA PHE E 87 1.38 -19.39 27.73
C PHE E 87 1.07 -18.12 26.96
N PHE E 88 2.02 -17.70 26.13
CA PHE E 88 1.79 -16.63 25.16
C PHE E 88 0.75 -17.06 24.14
N GLU E 89 0.95 -18.24 23.54
CA GLU E 89 -0.05 -18.93 22.77
C GLU E 89 -0.01 -20.39 23.15
N HIS E 90 -1.15 -21.07 22.97
CA HIS E 90 -1.19 -22.51 23.12
C HIS E 90 -2.35 -23.03 22.27
N ALA E 91 -2.27 -24.30 21.91
CA ALA E 91 -3.29 -24.87 21.04
C ALA E 91 -3.30 -26.38 21.20
N TRP E 92 -4.43 -26.95 20.85
CA TRP E 92 -4.64 -28.39 20.78
C TRP E 92 -4.24 -28.86 19.39
N VAL E 93 -3.12 -29.56 19.30
CA VAL E 93 -2.49 -29.93 18.04
C VAL E 93 -2.36 -31.45 18.01
N HIS E 94 -3.05 -32.08 17.07
CA HIS E 94 -2.99 -33.54 16.86
C HIS E 94 -3.33 -34.29 18.16
N GLY E 95 -4.33 -33.82 18.89
CA GLY E 95 -4.76 -34.52 20.09
C GLY E 95 -3.94 -34.24 21.34
N ASP E 96 -3.05 -33.24 21.33
CA ASP E 96 -2.25 -32.94 22.51
C ASP E 96 -2.02 -31.43 22.57
N TRP E 97 -1.64 -30.98 23.76
CA TRP E 97 -1.34 -29.56 23.97
C TRP E 97 0.05 -29.21 23.44
N LYS E 98 0.14 -28.06 22.77
CA LYS E 98 1.39 -27.42 22.38
C LYS E 98 1.29 -25.96 22.79
N GLY E 99 2.41 -25.37 23.23
CA GLY E 99 2.33 -23.99 23.66
C GLY E 99 3.68 -23.33 23.80
N THR E 100 3.67 -22.00 23.69
CA THR E 100 4.83 -21.15 23.85
C THR E 100 4.66 -20.37 25.15
N ALA E 101 5.62 -20.53 26.06
CA ALA E 101 5.56 -19.81 27.33
C ALA E 101 5.85 -18.33 27.14
N ARG E 102 5.24 -17.50 27.99
CA ARG E 102 5.49 -16.06 27.92
C ARG E 102 6.97 -15.75 28.11
N GLN E 103 7.65 -16.50 28.98
CA GLN E 103 9.07 -16.29 29.22
C GLN E 103 9.93 -16.50 27.98
N SER E 104 9.38 -17.10 26.92
CA SER E 104 10.16 -17.34 25.70
C SER E 104 10.01 -16.25 24.66
N VAL E 105 9.08 -15.30 24.84
CA VAL E 105 8.82 -14.33 23.79
C VAL E 105 8.87 -12.92 24.34
N GLU E 106 7.96 -12.63 25.27
CA GLU E 106 7.77 -11.26 25.72
C GLU E 106 9.04 -10.64 26.30
N PRO E 107 9.76 -11.28 27.22
CA PRO E 107 11.00 -10.65 27.72
C PRO E 107 12.06 -10.48 26.64
N GLN E 108 12.21 -11.45 25.74
CA GLN E 108 13.24 -11.34 24.71
C GLN E 108 12.91 -10.24 23.71
N LEU E 109 11.65 -10.16 23.28
CA LEU E 109 11.28 -9.11 22.34
C LEU E 109 11.50 -7.72 22.93
N ALA E 110 11.11 -7.54 24.19
CA ALA E 110 11.30 -6.24 24.83
C ALA E 110 12.78 -5.93 25.03
N ALA E 111 13.62 -6.94 25.14
CA ALA E 111 15.05 -6.73 25.28
C ALA E 111 15.75 -6.58 23.94
N GLY E 112 15.01 -6.62 22.83
CA GLY E 112 15.63 -6.45 21.53
C GLY E 112 16.03 -7.73 20.85
N GLN E 113 15.63 -8.89 21.38
CA GLN E 113 16.00 -10.17 20.82
C GLN E 113 14.95 -10.63 19.80
N ASP E 114 15.41 -10.95 18.58
CA ASP E 114 14.52 -11.58 17.61
C ASP E 114 14.22 -13.01 18.04
N VAL E 115 12.97 -13.44 17.84
CA VAL E 115 12.50 -14.74 18.29
C VAL E 115 11.77 -15.44 17.15
N LEU E 116 12.14 -16.69 16.88
CA LEU E 116 11.45 -17.52 15.90
C LEU E 116 10.60 -18.56 16.63
N LEU E 117 9.33 -18.66 16.26
CA LEU E 117 8.42 -19.65 16.81
C LEU E 117 8.09 -20.68 15.75
N GLU E 118 8.18 -21.96 16.09
CA GLU E 118 7.78 -23.06 15.20
C GLU E 118 6.47 -23.59 15.76
N ILE E 119 5.36 -23.05 15.27
CA ILE E 119 4.04 -23.38 15.79
C ILE E 119 3.11 -23.73 14.63
N ASP E 120 1.92 -24.22 14.98
CA ASP E 120 0.91 -24.56 13.99
C ASP E 120 0.11 -23.32 13.62
N TRP E 121 -0.84 -23.49 12.70
CA TRP E 121 -1.62 -22.36 12.23
C TRP E 121 -2.49 -21.76 13.32
N GLN E 122 -3.01 -22.59 14.24
CA GLN E 122 -3.79 -22.09 15.34
C GLN E 122 -2.98 -21.14 16.23
N GLY E 123 -1.76 -21.55 16.59
CA GLY E 123 -0.92 -20.67 17.37
C GLY E 123 -0.52 -19.43 16.62
N ALA E 124 -0.26 -19.57 15.31
CA ALA E 124 0.11 -18.42 14.49
C ALA E 124 -1.01 -17.39 14.45
N GLN E 125 -2.27 -17.84 14.40
CA GLN E 125 -3.39 -16.90 14.41
C GLN E 125 -3.44 -16.13 15.72
N GLN E 126 -3.21 -16.82 16.86
CA GLN E 126 -3.20 -16.12 18.14
C GLN E 126 -2.06 -15.11 18.20
N VAL E 127 -0.90 -15.47 17.65
CA VAL E 127 0.24 -14.56 17.71
C VAL E 127 0.00 -13.31 16.87
N ARG E 128 -0.56 -13.49 15.67
CA ARG E 128 -0.87 -12.33 14.82
C ARG E 128 -1.76 -11.32 15.53
N GLN E 129 -2.73 -11.79 16.31
CA GLN E 129 -3.58 -10.85 17.06
C GLN E 129 -2.81 -10.16 18.17
N LEU E 130 -1.84 -10.85 18.77
CA LEU E 130 -1.11 -10.28 19.89
C LEU E 130 -0.02 -9.35 19.40
N VAL E 131 0.75 -9.79 18.41
CA VAL E 131 1.89 -9.03 17.89
C VAL E 131 1.69 -8.82 16.40
N PRO E 132 1.21 -7.64 16.00
CA PRO E 132 1.29 -7.26 14.59
C PRO E 132 2.74 -7.01 14.20
N GLY E 133 3.04 -7.25 12.92
CA GLY E 133 4.37 -7.13 12.40
C GLY E 133 5.14 -8.42 12.38
N THR E 134 4.56 -9.49 12.91
CA THR E 134 5.18 -10.81 12.86
C THR E 134 5.40 -11.24 11.42
N VAL E 135 6.57 -11.81 11.14
CA VAL E 135 6.91 -12.28 9.81
C VAL E 135 6.67 -13.78 9.82
N THR E 136 5.72 -14.25 9.00
CA THR E 136 5.30 -15.65 8.99
C THR E 136 5.61 -16.30 7.65
N VAL E 137 6.13 -17.52 7.71
CA VAL E 137 6.57 -18.30 6.57
C VAL E 137 5.99 -19.72 6.66
N PHE E 138 5.47 -20.23 5.54
CA PHE E 138 4.96 -21.59 5.46
C PHE E 138 5.83 -22.39 4.51
N ILE E 139 6.17 -23.61 4.90
CA ILE E 139 7.02 -24.48 4.10
C ILE E 139 6.16 -25.62 3.58
N LEU E 140 6.24 -25.86 2.26
CA LEU E 140 5.50 -26.90 1.56
C LEU E 140 6.44 -27.97 1.07
N PRO E 141 6.00 -29.22 1.04
CA PRO E 141 6.76 -30.27 0.38
C PRO E 141 6.67 -30.12 -1.12
N PRO E 142 7.62 -30.67 -1.88
CA PRO E 142 7.58 -30.52 -3.34
C PRO E 142 6.54 -31.41 -4.01
N SER E 143 5.91 -32.34 -3.28
CA SER E 143 4.87 -33.21 -3.82
C SER E 143 4.23 -33.93 -2.66
N LYS E 144 3.00 -34.43 -2.89
CA LYS E 144 2.33 -35.21 -1.86
C LYS E 144 3.10 -36.49 -1.53
N GLN E 145 3.75 -37.09 -2.54
CA GLN E 145 4.54 -38.29 -2.30
C GLN E 145 5.83 -38.00 -1.54
N ALA E 146 6.48 -36.87 -1.85
CA ALA E 146 7.71 -36.51 -1.14
C ALA E 146 7.47 -36.35 0.35
N LEU E 147 6.28 -35.88 0.73
CA LEU E 147 5.96 -35.70 2.14
C LEU E 147 6.01 -37.03 2.88
N GLN E 148 5.28 -38.03 2.39
CA GLN E 148 5.24 -39.31 3.08
C GLN E 148 6.55 -40.06 2.96
N ASP E 149 7.31 -39.85 1.88
CA ASP E 149 8.63 -40.44 1.78
C ASP E 149 9.54 -39.91 2.89
N ARG E 150 9.45 -38.60 3.18
CA ARG E 150 10.31 -38.03 4.21
C ARG E 150 9.91 -38.50 5.61
N MET E 151 8.62 -38.71 5.85
CA MET E 151 8.20 -39.30 7.11
C MET E 151 8.80 -40.68 7.30
N ARG E 152 8.76 -41.52 6.26
CA ARG E 152 9.30 -42.87 6.36
C ARG E 152 10.78 -42.85 6.76
N LYS E 153 11.56 -42.01 6.09
CA LYS E 153 13.00 -41.98 6.34
C LYS E 153 13.32 -41.51 7.75
N ARG E 154 12.49 -40.64 8.31
CA ARG E 154 12.82 -40.01 9.58
C ARG E 154 12.67 -40.98 10.75
N GLY E 155 11.43 -41.35 11.08
CA GLY E 155 11.18 -42.14 12.27
C GLY E 155 11.13 -43.63 12.00
N GLN E 156 10.85 -44.37 13.07
CA GLN E 156 10.47 -45.78 12.99
C GLN E 156 8.96 -45.96 13.08
N ASP E 157 8.21 -44.95 12.65
CA ASP E 157 6.75 -44.97 12.77
C ASP E 157 6.13 -46.04 11.89
N SER E 158 5.13 -46.73 12.45
CA SER E 158 4.36 -47.70 11.71
C SER E 158 3.62 -47.03 10.57
N GLU E 159 3.35 -47.81 9.51
CA GLU E 159 2.57 -47.30 8.39
C GLU E 159 1.23 -46.75 8.84
N ALA E 160 0.65 -47.29 9.93
CA ALA E 160 -0.61 -46.76 10.43
C ALA E 160 -0.43 -45.35 11.02
N VAL E 161 0.68 -45.11 11.71
CA VAL E 161 0.96 -43.78 12.23
C VAL E 161 1.26 -42.82 11.09
N ILE E 162 1.99 -43.29 10.08
CA ILE E 162 2.31 -42.44 8.94
C ILE E 162 1.04 -41.99 8.24
N ALA E 163 0.07 -42.90 8.07
CA ALA E 163 -1.19 -42.53 7.45
C ALA E 163 -1.92 -41.46 8.25
N GLN E 164 -1.88 -41.56 9.58
CA GLN E 164 -2.50 -40.55 10.43
C GLN E 164 -1.83 -39.19 10.27
N ARG E 165 -0.48 -39.18 10.20
CA ARG E 165 0.24 -37.92 10.07
C ARG E 165 -0.01 -37.27 8.72
N LEU E 166 -0.14 -38.06 7.66
CA LEU E 166 -0.44 -37.47 6.35
C LEU E 166 -1.80 -36.78 6.37
N GLY E 167 -2.80 -37.41 7.00
CA GLY E 167 -4.08 -36.74 7.13
C GLY E 167 -3.97 -35.47 7.95
N ALA E 168 -3.13 -35.50 8.99
CA ALA E 168 -2.89 -34.27 9.77
C ALA E 168 -2.14 -33.24 8.94
N ALA E 169 -1.31 -33.69 7.98
CA ALA E 169 -0.53 -32.74 7.19
C ALA E 169 -1.42 -31.96 6.24
N ARG E 170 -2.37 -32.63 5.58
CA ARG E 170 -3.32 -31.90 4.75
C ARG E 170 -4.11 -30.90 5.58
N ASP E 171 -4.51 -31.29 6.79
CA ASP E 171 -5.26 -30.36 7.63
C ASP E 171 -4.43 -29.12 7.91
N GLU E 172 -3.13 -29.30 8.14
CA GLU E 172 -2.27 -28.15 8.38
C GLU E 172 -2.10 -27.32 7.12
N MET E 173 -1.88 -27.98 5.98
CA MET E 173 -1.64 -27.26 4.74
C MET E 173 -2.86 -26.48 4.25
N LEU E 174 -4.06 -26.82 4.72
CA LEU E 174 -5.24 -26.08 4.29
C LEU E 174 -5.18 -24.63 4.73
N HIS E 175 -4.30 -24.29 5.69
CA HIS E 175 -4.18 -22.95 6.23
C HIS E 175 -2.93 -22.24 5.76
N PHE E 176 -2.30 -22.73 4.68
CA PHE E 176 -1.09 -22.08 4.17
C PHE E 176 -1.33 -20.62 3.85
N ASN E 177 -2.55 -20.28 3.42
CA ASN E 177 -2.82 -18.93 2.94
C ASN E 177 -2.71 -17.86 4.03
N GLU E 178 -2.53 -18.25 5.29
CA GLU E 178 -2.46 -17.28 6.38
C GLU E 178 -1.06 -16.69 6.56
N PHE E 179 -0.09 -17.11 5.75
CA PHE E 179 1.32 -16.80 5.94
C PHE E 179 1.82 -15.85 4.87
N ASP E 180 2.81 -15.02 5.23
CA ASP E 180 3.32 -14.01 4.31
C ASP E 180 4.12 -14.63 3.17
N TYR E 181 4.91 -15.66 3.48
CA TYR E 181 5.80 -16.28 2.51
C TYR E 181 5.54 -17.77 2.46
N VAL E 182 5.81 -18.34 1.28
CA VAL E 182 5.70 -19.78 1.08
C VAL E 182 7.00 -20.25 0.46
N ILE E 183 7.57 -21.31 1.05
CA ILE E 183 8.76 -21.96 0.54
C ILE E 183 8.40 -23.40 0.17
N VAL E 184 8.68 -23.79 -1.08
CA VAL E 184 8.60 -25.19 -1.48
C VAL E 184 9.99 -25.80 -1.30
N ASN E 185 10.09 -26.76 -0.38
CA ASN E 185 11.36 -27.36 0.00
C ASN E 185 11.66 -28.55 -0.92
N GLU E 186 12.14 -28.23 -2.11
CA GLU E 186 12.57 -29.30 -3.01
C GLU E 186 14.05 -29.61 -2.77
N VAL E 187 14.91 -28.61 -2.95
CA VAL E 187 16.34 -28.74 -2.70
C VAL E 187 16.61 -28.07 -1.36
N PHE E 188 17.13 -28.84 -0.40
CA PHE E 188 17.27 -28.37 0.97
C PHE E 188 18.08 -27.08 1.04
N ASP E 189 19.24 -27.06 0.38
CA ASP E 189 20.12 -25.90 0.47
C ASP E 189 19.46 -24.65 -0.09
N THR E 190 18.63 -24.82 -1.12
CA THR E 190 17.90 -23.68 -1.68
C THR E 190 16.86 -23.17 -0.68
N ALA E 191 16.19 -24.07 0.01
CA ALA E 191 15.20 -23.64 1.00
C ALA E 191 15.86 -22.85 2.12
N VAL E 192 17.06 -23.26 2.52
CA VAL E 192 17.79 -22.51 3.54
C VAL E 192 18.16 -21.12 3.04
N ASP E 193 18.68 -21.04 1.81
CA ASP E 193 18.97 -19.73 1.24
C ASP E 193 17.74 -18.85 1.22
N GLU E 194 16.60 -19.42 0.80
CA GLU E 194 15.39 -18.65 0.66
C GLU E 194 14.87 -18.16 2.01
N LEU E 195 14.98 -18.99 3.04
CA LEU E 195 14.59 -18.51 4.37
C LEU E 195 15.58 -17.44 4.86
N CYS E 196 16.88 -17.62 4.57
CA CYS E 196 17.84 -16.57 4.90
C CYS E 196 17.50 -15.28 4.18
N ALA E 197 17.05 -15.36 2.93
CA ALA E 197 16.68 -14.16 2.21
C ALA E 197 15.52 -13.44 2.91
N ILE E 198 14.52 -14.19 3.38
CA ILE E 198 13.37 -13.57 4.04
C ILE E 198 13.80 -12.89 5.34
N PHE E 199 14.63 -13.57 6.12
CA PHE E 199 15.11 -12.95 7.36
C PHE E 199 15.94 -11.70 7.07
N THR E 200 16.85 -11.77 6.10
CA THR E 200 17.64 -10.60 5.74
C THR E 200 16.73 -9.46 5.26
N ALA E 201 15.79 -9.76 4.37
CA ALA E 201 14.92 -8.72 3.82
C ALA E 201 14.11 -8.04 4.91
N SER E 202 13.64 -8.81 5.90
CA SER E 202 12.81 -8.21 6.94
C SER E 202 13.56 -7.15 7.74
N ARG E 203 14.88 -7.27 7.88
CA ARG E 203 15.66 -6.23 8.55
C ARG E 203 15.83 -4.98 7.70
N LEU E 204 15.62 -5.08 6.39
CA LEU E 204 15.75 -3.96 5.49
C LEU E 204 14.45 -3.20 5.29
N ARG E 205 13.37 -3.65 5.92
CA ARG E 205 12.11 -2.96 5.77
C ARG E 205 12.22 -1.54 6.31
N ARG E 206 11.44 -0.63 5.72
CA ARG E 206 11.61 0.80 5.99
C ARG E 206 11.62 1.09 7.49
N GLU E 207 10.60 0.62 8.21
CA GLU E 207 10.43 1.01 9.62
C GLU E 207 11.55 0.45 10.49
N ALA E 208 12.05 -0.73 10.18
CA ALA E 208 13.20 -1.26 10.93
C ALA E 208 14.45 -0.44 10.65
N GLN E 209 14.64 -0.02 9.39
CA GLN E 209 15.84 0.74 9.05
C GLN E 209 15.77 2.16 9.61
N LYS E 210 14.58 2.74 9.72
CA LYS E 210 14.45 4.06 10.32
C LYS E 210 14.93 4.07 11.76
N VAL E 211 14.61 3.01 12.51
CA VAL E 211 15.13 2.88 13.86
C VAL E 211 16.64 2.65 13.83
N ARG E 212 17.08 1.70 13.00
CA ARG E 212 18.49 1.33 12.95
C ARG E 212 19.39 2.51 12.59
N HIS E 213 18.93 3.39 11.70
CA HIS E 213 19.75 4.48 11.18
C HIS E 213 19.12 5.84 11.45
N ALA E 214 18.50 5.99 12.62
CA ALA E 214 17.82 7.25 12.95
C ALA E 214 18.75 8.43 12.86
N GLY E 215 19.94 8.31 13.44
CA GLY E 215 20.89 9.41 13.41
C GLY E 215 21.42 9.72 12.03
N LEU E 216 21.78 8.67 11.27
CA LEU E 216 22.25 8.89 9.90
C LEU E 216 21.18 9.57 9.06
N ILE E 217 19.93 9.12 9.19
CA ILE E 217 18.84 9.70 8.41
C ILE E 217 18.61 11.14 8.85
N GLN E 218 18.68 11.40 10.16
CA GLN E 218 18.52 12.76 10.65
C GLN E 218 19.59 13.68 10.05
N ALA E 219 20.82 13.17 9.95
CA ALA E 219 21.90 13.97 9.36
C ALA E 219 21.67 14.23 7.88
N LEU E 220 21.22 13.21 7.13
CA LEU E 220 21.08 13.36 5.68
C LEU E 220 19.95 14.33 5.31
N LEU E 221 18.91 14.43 6.13
CA LEU E 221 17.76 15.24 5.76
C LEU E 221 17.75 16.65 6.33
N THR E 222 18.71 16.99 7.20
CA THR E 222 18.75 18.34 7.76
C THR E 222 19.63 19.24 6.89
N VAL F 19 18.27 -33.66 -5.33
CA VAL F 19 17.52 -33.95 -6.54
C VAL F 19 18.46 -34.47 -7.64
N ALA F 20 17.86 -35.16 -8.60
CA ALA F 20 18.62 -35.63 -9.76
C ALA F 20 19.02 -34.45 -10.64
N ARG F 21 20.24 -34.52 -11.17
CA ARG F 21 20.72 -33.49 -12.09
C ARG F 21 19.83 -33.47 -13.32
N GLY F 22 19.71 -32.29 -13.94
CA GLY F 22 18.86 -32.17 -15.09
C GLY F 22 19.39 -32.93 -16.28
N THR F 23 18.52 -33.10 -17.27
CA THR F 23 18.84 -33.82 -18.48
C THR F 23 19.26 -32.81 -19.54
N LEU F 24 20.30 -33.15 -20.30
CA LEU F 24 20.75 -32.34 -21.41
C LEU F 24 20.16 -32.89 -22.69
N TYR F 25 19.43 -32.06 -23.41
CA TYR F 25 18.82 -32.47 -24.68
C TYR F 25 19.45 -31.65 -25.79
N ILE F 26 19.65 -32.28 -26.93
CA ILE F 26 20.14 -31.59 -28.12
C ILE F 26 19.23 -31.92 -29.28
N VAL F 27 18.72 -30.88 -29.93
CA VAL F 27 17.94 -31.01 -31.16
C VAL F 27 18.73 -30.33 -32.27
N ALA F 28 18.99 -31.09 -33.32
CA ALA F 28 19.72 -30.61 -34.48
C ALA F 28 18.88 -30.88 -35.72
N ALA F 29 19.03 -30.03 -36.73
CA ALA F 29 18.28 -30.14 -37.98
C ALA F 29 18.80 -29.17 -39.02
N PRO F 30 18.69 -29.49 -40.30
CA PRO F 30 18.90 -28.46 -41.32
C PRO F 30 17.79 -27.43 -41.26
N SER F 31 18.12 -26.21 -41.68
CA SER F 31 17.10 -25.18 -41.77
C SER F 31 16.00 -25.64 -42.73
N GLY F 32 14.76 -25.28 -42.41
CA GLY F 32 13.64 -25.64 -43.24
C GLY F 32 13.03 -26.99 -42.96
N ALA F 33 13.59 -27.76 -42.02
CA ALA F 33 12.96 -29.00 -41.58
C ALA F 33 11.87 -28.76 -40.55
N GLY F 34 11.78 -27.57 -40.00
CA GLY F 34 10.78 -27.23 -39.00
C GLY F 34 11.19 -27.43 -37.57
N LYS F 35 12.50 -27.51 -37.28
CA LYS F 35 12.93 -27.83 -35.92
C LYS F 35 12.46 -26.77 -34.92
N SER F 36 12.60 -25.48 -35.28
CA SER F 36 12.17 -24.42 -34.37
C SER F 36 10.69 -24.57 -34.04
N SER F 37 9.88 -24.87 -35.05
CA SER F 37 8.44 -25.03 -34.82
C SER F 37 8.16 -26.27 -33.97
N ILE F 38 8.90 -27.35 -34.18
CA ILE F 38 8.71 -28.54 -33.37
C ILE F 38 9.14 -28.31 -31.93
N VAL F 39 10.28 -27.65 -31.74
CA VAL F 39 10.80 -27.43 -30.40
C VAL F 39 9.88 -26.53 -29.59
N ASN F 40 9.36 -25.47 -30.20
CA ASN F 40 8.51 -24.54 -29.47
C ASN F 40 7.23 -25.22 -28.98
N ALA F 41 6.66 -26.12 -29.80
CA ALA F 41 5.46 -26.83 -29.34
C ALA F 41 5.80 -27.78 -28.21
N THR F 42 6.98 -28.41 -28.24
CA THR F 42 7.37 -29.33 -27.19
C THR F 42 7.62 -28.60 -25.88
N LEU F 43 8.36 -27.48 -25.93
CA LEU F 43 8.61 -26.71 -24.72
C LEU F 43 7.32 -26.20 -24.12
N ALA F 44 6.37 -25.79 -24.96
CA ALA F 44 5.07 -25.34 -24.46
C ALA F 44 4.34 -26.46 -23.75
N ARG F 45 4.52 -27.70 -24.22
CA ARG F 45 3.88 -28.85 -23.60
C ARG F 45 4.67 -29.37 -22.40
N ASP F 46 5.97 -29.08 -22.33
CA ASP F 46 6.84 -29.55 -21.26
C ASP F 46 7.54 -28.34 -20.65
N PRO F 47 6.89 -27.66 -19.71
CA PRO F 47 7.48 -26.43 -19.16
C PRO F 47 8.68 -26.66 -18.27
N GLN F 48 9.02 -27.91 -17.95
CA GLN F 48 10.20 -28.20 -17.14
C GLN F 48 11.50 -28.14 -17.92
N ILE F 49 11.46 -27.80 -19.21
CA ILE F 49 12.64 -27.72 -20.05
C ILE F 49 12.92 -26.28 -20.38
N ALA F 50 14.14 -25.83 -20.11
CA ALA F 50 14.55 -24.49 -20.44
C ALA F 50 15.27 -24.50 -21.77
N LEU F 51 15.04 -23.46 -22.57
CA LEU F 51 15.70 -23.32 -23.85
C LEU F 51 16.92 -22.45 -23.66
N SER F 52 18.00 -22.78 -24.33
CA SER F 52 19.23 -22.02 -24.19
C SER F 52 19.31 -21.03 -25.34
N ILE F 53 19.63 -19.78 -25.02
CA ILE F 53 19.83 -18.74 -26.03
C ILE F 53 21.33 -18.68 -26.28
N SER F 54 21.70 -19.03 -27.50
CA SER F 54 23.10 -19.09 -27.91
C SER F 54 23.64 -17.70 -28.19
N PHE F 55 24.97 -17.59 -28.10
CA PHE F 55 25.67 -16.43 -28.62
C PHE F 55 26.04 -16.65 -30.07
N THR F 56 26.03 -15.56 -30.83
CA THR F 56 26.44 -15.63 -32.22
C THR F 56 27.08 -14.31 -32.63
N SER F 57 27.95 -14.40 -33.64
CA SER F 57 28.61 -13.23 -34.20
C SER F 57 27.99 -12.78 -35.51
N ARG F 58 27.00 -13.51 -36.03
CA ARG F 58 26.36 -13.12 -37.28
C ARG F 58 25.44 -11.91 -37.07
N ALA F 59 25.20 -11.20 -38.18
CA ALA F 59 24.34 -10.03 -38.15
C ALA F 59 22.87 -10.43 -37.96
N MET F 60 22.11 -9.54 -37.32
CA MET F 60 20.70 -9.80 -37.08
C MET F 60 19.88 -9.70 -38.36
N ARG F 61 18.95 -10.64 -38.51
CA ARG F 61 17.98 -10.61 -39.60
C ARG F 61 16.75 -9.81 -39.18
N PRO F 62 16.01 -9.25 -40.14
CA PRO F 62 14.83 -8.46 -39.79
C PRO F 62 13.84 -9.26 -38.96
N GLY F 63 13.27 -8.61 -37.94
CA GLY F 63 12.34 -9.25 -37.04
C GLY F 63 12.99 -9.92 -35.84
N GLU F 64 14.28 -10.20 -35.91
CA GLU F 64 14.96 -10.83 -34.80
C GLU F 64 15.18 -9.83 -33.67
N VAL F 65 15.17 -10.34 -32.44
CA VAL F 65 15.32 -9.54 -31.24
C VAL F 65 16.54 -10.02 -30.47
N ASN F 66 17.44 -9.09 -30.13
CA ASN F 66 18.62 -9.46 -29.35
C ASN F 66 18.19 -9.90 -27.96
N GLY F 67 18.69 -11.06 -27.53
CA GLY F 67 18.30 -11.64 -26.28
C GLY F 67 17.13 -12.60 -26.38
N GLN F 68 16.41 -12.60 -27.50
CA GLN F 68 15.32 -13.54 -27.72
C GLN F 68 15.80 -14.69 -28.59
N HIS F 69 16.15 -14.43 -29.86
CA HIS F 69 16.56 -15.52 -30.74
C HIS F 69 18.03 -15.87 -30.54
N TYR F 70 18.87 -14.87 -30.28
CA TYR F 70 20.29 -15.06 -30.01
C TYR F 70 20.77 -13.92 -29.14
N HIS F 71 21.91 -14.15 -28.48
CA HIS F 71 22.70 -13.05 -27.94
C HIS F 71 23.69 -12.68 -29.03
N PHE F 72 23.38 -11.60 -29.76
CA PHE F 72 24.20 -11.18 -30.89
C PHE F 72 25.38 -10.36 -30.39
N VAL F 73 26.59 -10.79 -30.75
CA VAL F 73 27.82 -10.06 -30.42
C VAL F 73 28.67 -9.96 -31.67
N SER F 74 29.72 -9.15 -31.58
CA SER F 74 30.67 -9.03 -32.67
C SER F 74 31.57 -10.26 -32.71
N ALA F 75 32.22 -10.45 -33.85
CA ALA F 75 33.19 -11.54 -33.96
C ALA F 75 34.31 -11.38 -32.95
N GLU F 76 34.79 -10.14 -32.76
CA GLU F 76 35.85 -9.91 -31.79
C GLU F 76 35.43 -10.26 -30.37
N LYS F 77 34.19 -9.92 -29.99
CA LYS F 77 33.72 -10.24 -28.65
C LYS F 77 33.56 -11.74 -28.48
N PHE F 78 33.00 -12.41 -29.50
CA PHE F 78 32.87 -13.85 -29.43
C PHE F 78 34.21 -14.51 -29.19
N GLU F 79 35.25 -14.09 -29.94
CA GLU F 79 36.56 -14.71 -29.75
C GLU F 79 37.16 -14.36 -28.39
N GLN F 80 36.87 -13.16 -27.89
CA GLN F 80 37.27 -12.83 -26.53
C GLN F 80 36.63 -13.80 -25.55
N MET F 81 35.35 -14.12 -25.77
CA MET F 81 34.66 -15.07 -24.90
C MET F 81 35.23 -16.47 -25.03
N ILE F 82 35.63 -16.89 -26.24
CA ILE F 82 36.33 -18.17 -26.39
C ILE F 82 37.57 -18.18 -25.51
N ALA F 83 38.38 -17.14 -25.62
CA ALA F 83 39.60 -17.05 -24.85
C ALA F 83 39.31 -16.99 -23.35
N ALA F 84 38.16 -16.42 -22.98
CA ALA F 84 37.79 -16.30 -21.57
C ALA F 84 37.20 -17.59 -21.01
N GLY F 85 37.02 -18.63 -21.83
CA GLY F 85 36.44 -19.87 -21.35
C GLY F 85 34.95 -19.81 -21.07
N ASP F 86 34.25 -18.83 -21.63
CA ASP F 86 32.82 -18.65 -21.35
C ASP F 86 31.93 -19.69 -22.01
N PHE F 87 32.40 -20.43 -23.02
CA PHE F 87 31.53 -21.26 -23.82
C PHE F 87 31.58 -22.72 -23.38
N PHE F 88 30.40 -23.28 -23.10
CA PHE F 88 30.29 -24.71 -22.89
C PHE F 88 30.63 -25.46 -24.17
N GLU F 89 30.07 -25.02 -25.30
CA GLU F 89 30.47 -25.41 -26.64
C GLU F 89 30.47 -24.19 -27.56
N HIS F 90 31.29 -24.25 -28.62
CA HIS F 90 31.23 -23.23 -29.66
C HIS F 90 31.77 -23.82 -30.95
N ALA F 91 31.38 -23.23 -32.08
CA ALA F 91 31.77 -23.77 -33.36
C ALA F 91 31.62 -22.69 -34.44
N TRP F 92 32.38 -22.87 -35.52
CA TRP F 92 32.23 -22.06 -36.72
C TRP F 92 31.19 -22.75 -37.59
N VAL F 93 29.98 -22.18 -37.63
CA VAL F 93 28.82 -22.87 -38.16
C VAL F 93 28.29 -22.05 -39.33
N HIS F 94 28.39 -22.61 -40.54
CA HIS F 94 27.82 -22.01 -41.74
C HIS F 94 28.25 -20.54 -41.87
N GLY F 95 29.54 -20.31 -41.65
CA GLY F 95 30.15 -19.01 -41.86
C GLY F 95 30.05 -18.02 -40.71
N ASP F 96 29.62 -18.43 -39.53
CA ASP F 96 29.58 -17.51 -38.41
C ASP F 96 29.85 -18.26 -37.11
N TRP F 97 30.19 -17.51 -36.07
CA TRP F 97 30.38 -18.10 -34.75
C TRP F 97 29.04 -18.38 -34.10
N LYS F 98 28.92 -19.57 -33.52
CA LYS F 98 27.81 -19.97 -32.68
C LYS F 98 28.36 -20.64 -31.43
N GLY F 99 27.70 -20.41 -30.29
CA GLY F 99 28.18 -21.00 -29.04
C GLY F 99 27.14 -20.91 -27.94
N THR F 100 27.28 -21.83 -26.98
CA THR F 100 26.44 -21.87 -25.78
C THR F 100 27.29 -21.46 -24.58
N ALA F 101 26.85 -20.42 -23.87
CA ALA F 101 27.58 -19.98 -22.70
C ALA F 101 27.42 -21.00 -21.57
N ARG F 102 28.45 -21.11 -20.74
CA ARG F 102 28.38 -22.02 -19.59
C ARG F 102 27.25 -21.65 -18.66
N GLN F 103 27.02 -20.35 -18.47
CA GLN F 103 25.96 -19.89 -17.60
C GLN F 103 24.57 -20.32 -18.08
N SER F 104 24.47 -20.86 -19.29
CA SER F 104 23.19 -21.30 -19.82
C SER F 104 22.93 -22.78 -19.59
N VAL F 105 23.90 -23.54 -19.07
CA VAL F 105 23.70 -24.98 -18.97
C VAL F 105 24.04 -25.50 -17.57
N GLU F 106 25.29 -25.30 -17.13
CA GLU F 106 25.75 -25.90 -15.88
C GLU F 106 24.91 -25.53 -14.66
N PRO F 107 24.57 -24.26 -14.42
CA PRO F 107 23.74 -23.97 -13.23
C PRO F 107 22.37 -24.61 -13.28
N GLN F 108 21.73 -24.65 -14.45
CA GLN F 108 20.39 -25.24 -14.53
C GLN F 108 20.44 -26.75 -14.36
N LEU F 109 21.39 -27.41 -15.02
CA LEU F 109 21.53 -28.86 -14.89
C LEU F 109 21.83 -29.25 -13.44
N ALA F 110 22.76 -28.52 -12.80
CA ALA F 110 23.10 -28.84 -11.43
C ALA F 110 21.96 -28.53 -10.48
N ALA F 111 21.09 -27.59 -10.83
CA ALA F 111 19.94 -27.27 -10.00
C ALA F 111 18.76 -28.19 -10.27
N GLY F 112 18.92 -29.16 -11.17
CA GLY F 112 17.88 -30.11 -11.48
C GLY F 112 17.00 -29.74 -12.65
N GLN F 113 17.30 -28.66 -13.36
CA GLN F 113 16.49 -28.20 -14.48
C GLN F 113 17.02 -28.79 -15.78
N ASP F 114 16.12 -29.37 -16.57
CA ASP F 114 16.48 -29.86 -17.89
C ASP F 114 16.77 -28.68 -18.84
N VAL F 115 17.73 -28.89 -19.74
CA VAL F 115 18.17 -27.87 -20.68
C VAL F 115 18.15 -28.43 -22.09
N LEU F 116 17.52 -27.72 -23.00
CA LEU F 116 17.51 -28.07 -24.42
C LEU F 116 18.46 -27.13 -25.16
N LEU F 117 19.36 -27.72 -25.95
CA LEU F 117 20.29 -26.97 -26.78
C LEU F 117 19.92 -27.20 -28.24
N GLU F 118 19.83 -26.12 -29.01
CA GLU F 118 19.64 -26.18 -30.45
C GLU F 118 20.95 -25.77 -31.10
N ILE F 119 21.83 -26.74 -31.34
CA ILE F 119 23.16 -26.49 -31.83
C ILE F 119 23.42 -27.38 -33.04
N ASP F 120 24.54 -27.13 -33.73
CA ASP F 120 24.89 -27.91 -34.90
C ASP F 120 25.62 -29.19 -34.53
N TRP F 121 25.99 -29.98 -35.55
CA TRP F 121 26.59 -31.28 -35.27
C TRP F 121 27.95 -31.13 -34.61
N GLN F 122 28.72 -30.09 -34.97
CA GLN F 122 30.01 -29.85 -34.34
C GLN F 122 29.84 -29.64 -32.83
N GLY F 123 28.92 -28.77 -32.45
CA GLY F 123 28.70 -28.53 -31.04
C GLY F 123 28.21 -29.75 -30.31
N ALA F 124 27.36 -30.55 -30.98
CA ALA F 124 26.85 -31.76 -30.37
C ALA F 124 27.98 -32.74 -30.06
N GLN F 125 28.99 -32.81 -30.92
CA GLN F 125 30.13 -33.67 -30.63
C GLN F 125 30.87 -33.21 -29.37
N GLN F 126 31.03 -31.90 -29.22
CA GLN F 126 31.68 -31.37 -28.03
C GLN F 126 30.86 -31.66 -26.78
N VAL F 127 29.54 -31.54 -26.89
CA VAL F 127 28.67 -31.77 -25.74
C VAL F 127 28.67 -33.23 -25.32
N ARG F 128 28.61 -34.15 -26.29
CA ARG F 128 28.66 -35.57 -25.97
C ARG F 128 29.93 -35.93 -25.20
N GLN F 129 31.06 -35.32 -25.55
CA GLN F 129 32.27 -35.61 -24.79
C GLN F 129 32.22 -35.01 -23.40
N LEU F 130 31.58 -33.86 -23.24
CA LEU F 130 31.59 -33.20 -21.92
C LEU F 130 30.60 -33.88 -21.00
N VAL F 131 29.41 -34.17 -21.49
CA VAL F 131 28.34 -34.73 -20.67
C VAL F 131 27.96 -36.08 -21.25
N PRO F 132 28.36 -37.17 -20.62
CA PRO F 132 27.79 -38.46 -20.97
C PRO F 132 26.32 -38.45 -20.59
N GLY F 133 25.50 -39.11 -21.41
CA GLY F 133 24.08 -39.09 -21.15
C GLY F 133 23.32 -37.99 -21.85
N THR F 134 24.00 -37.12 -22.58
CA THR F 134 23.29 -36.14 -23.39
C THR F 134 22.44 -36.86 -24.41
N VAL F 135 21.17 -36.45 -24.53
CA VAL F 135 20.23 -37.08 -25.45
C VAL F 135 20.19 -36.21 -26.70
N THR F 136 20.55 -36.80 -27.84
CA THR F 136 20.67 -36.05 -29.09
C THR F 136 19.62 -36.52 -30.09
N VAL F 137 18.95 -35.55 -30.71
CA VAL F 137 17.87 -35.81 -31.67
C VAL F 137 18.14 -35.01 -32.93
N PHE F 138 18.01 -35.67 -34.08
CA PHE F 138 18.13 -35.04 -35.38
C PHE F 138 16.79 -35.10 -36.11
N ILE F 139 16.35 -33.97 -36.67
CA ILE F 139 15.07 -33.85 -37.35
C ILE F 139 15.34 -33.74 -38.85
N LEU F 140 14.64 -34.55 -39.65
CA LEU F 140 14.78 -34.58 -41.10
C LEU F 140 13.51 -34.08 -41.78
N PRO F 141 13.63 -33.41 -42.93
CA PRO F 141 12.45 -33.08 -43.71
C PRO F 141 11.89 -34.32 -44.37
N PRO F 142 10.59 -34.34 -44.68
CA PRO F 142 9.98 -35.56 -45.21
C PRO F 142 10.32 -35.86 -46.65
N SER F 143 10.95 -34.93 -47.36
CA SER F 143 11.35 -35.16 -48.74
C SER F 143 12.25 -34.01 -49.15
N LYS F 144 13.01 -34.24 -50.22
CA LYS F 144 13.87 -33.18 -50.73
C LYS F 144 13.04 -31.99 -51.19
N GLN F 145 11.88 -32.26 -51.80
CA GLN F 145 11.03 -31.17 -52.26
C GLN F 145 10.42 -30.39 -51.10
N ALA F 146 10.03 -31.09 -50.03
CA ALA F 146 9.48 -30.40 -48.87
C ALA F 146 10.51 -29.47 -48.25
N LEU F 147 11.79 -29.86 -48.30
CA LEU F 147 12.84 -29.03 -47.75
C LEU F 147 12.97 -27.72 -48.53
N GLN F 148 13.04 -27.81 -49.85
CA GLN F 148 13.24 -26.61 -50.66
C GLN F 148 12.06 -25.63 -50.51
N ASP F 149 10.85 -26.16 -50.42
CA ASP F 149 9.68 -25.29 -50.28
C ASP F 149 9.67 -24.59 -48.93
N ARG F 150 9.97 -25.31 -47.86
CA ARG F 150 9.96 -24.71 -46.52
C ARG F 150 11.15 -23.76 -46.35
N ASP F 157 16.58 -14.99 -49.42
CA ASP F 157 15.40 -14.84 -50.26
C ASP F 157 15.75 -14.74 -51.74
N SER F 158 17.04 -14.84 -52.05
CA SER F 158 17.52 -14.82 -53.43
C SER F 158 17.82 -16.24 -53.90
N GLU F 159 17.65 -16.47 -55.22
CA GLU F 159 17.91 -17.78 -55.79
C GLU F 159 19.33 -18.27 -55.49
N ALA F 160 20.30 -17.35 -55.47
CA ALA F 160 21.66 -17.73 -55.13
C ALA F 160 21.80 -18.08 -53.65
N VAL F 161 21.10 -17.35 -52.78
CA VAL F 161 21.13 -17.65 -51.35
C VAL F 161 20.40 -18.96 -51.07
N ILE F 162 19.31 -19.22 -51.80
CA ILE F 162 18.56 -20.46 -51.61
C ILE F 162 19.44 -21.67 -51.92
N ALA F 163 20.21 -21.59 -53.01
CA ALA F 163 21.14 -22.66 -53.33
C ALA F 163 22.19 -22.82 -52.23
N GLN F 164 22.66 -21.70 -51.67
CA GLN F 164 23.59 -21.76 -50.55
C GLN F 164 22.95 -22.37 -49.31
N ARG F 165 21.71 -21.99 -49.01
CA ARG F 165 21.05 -22.53 -47.82
C ARG F 165 20.80 -24.02 -47.96
N LEU F 166 20.44 -24.47 -49.17
CA LEU F 166 20.29 -25.90 -49.41
C LEU F 166 21.62 -26.63 -49.24
N GLY F 167 22.72 -26.01 -49.68
CA GLY F 167 24.02 -26.63 -49.48
C GLY F 167 24.41 -26.75 -48.02
N ALA F 168 24.08 -25.74 -47.22
CA ALA F 168 24.34 -25.86 -45.79
C ALA F 168 23.47 -26.92 -45.15
N ALA F 169 22.25 -27.10 -45.68
CA ALA F 169 21.34 -28.08 -45.12
C ALA F 169 21.81 -29.49 -45.39
N ARG F 170 22.19 -29.77 -46.64
CA ARG F 170 22.75 -31.08 -46.96
C ARG F 170 24.00 -31.35 -46.15
N ASP F 171 24.85 -30.32 -45.99
CA ASP F 171 26.06 -30.48 -45.20
C ASP F 171 25.74 -30.86 -43.77
N GLU F 172 24.71 -30.25 -43.19
CA GLU F 172 24.34 -30.64 -41.83
C GLU F 172 23.76 -32.04 -41.81
N MET F 173 22.92 -32.37 -42.79
CA MET F 173 22.27 -33.68 -42.83
C MET F 173 23.27 -34.81 -43.02
N LEU F 174 24.46 -34.53 -43.56
CA LEU F 174 25.48 -35.55 -43.73
C LEU F 174 26.00 -36.09 -42.41
N HIS F 175 25.74 -35.44 -41.28
CA HIS F 175 26.19 -35.89 -39.98
C HIS F 175 25.05 -36.40 -39.11
N PHE F 176 23.89 -36.69 -39.70
CA PHE F 176 22.74 -37.17 -38.94
C PHE F 176 23.08 -38.41 -38.12
N ASN F 177 23.99 -39.24 -38.62
CA ASN F 177 24.26 -40.52 -38.01
C ASN F 177 24.89 -40.41 -36.62
N GLU F 178 25.25 -39.22 -36.17
CA GLU F 178 25.88 -39.03 -34.88
C GLU F 178 24.87 -38.90 -33.75
N PHE F 179 23.58 -38.96 -34.06
CA PHE F 179 22.54 -38.63 -33.12
C PHE F 179 21.80 -39.89 -32.71
N ASP F 180 21.29 -39.87 -31.48
CA ASP F 180 20.64 -41.05 -30.94
C ASP F 180 19.29 -41.30 -31.59
N TYR F 181 18.52 -40.24 -31.83
CA TYR F 181 17.19 -40.37 -32.37
C TYR F 181 17.05 -39.55 -33.64
N VAL F 182 16.19 -40.02 -34.54
CA VAL F 182 15.88 -39.33 -35.78
C VAL F 182 14.37 -39.22 -35.88
N ILE F 183 13.89 -38.01 -36.13
CA ILE F 183 12.47 -37.76 -36.39
C ILE F 183 12.33 -37.21 -37.79
N VAL F 184 11.47 -37.84 -38.60
CA VAL F 184 11.09 -37.32 -39.90
C VAL F 184 9.81 -36.53 -39.74
N ASN F 185 9.86 -35.24 -40.09
CA ASN F 185 8.76 -34.31 -39.88
C ASN F 185 7.82 -34.35 -41.08
N GLU F 186 6.98 -35.38 -41.11
CA GLU F 186 5.95 -35.49 -42.14
C GLU F 186 4.67 -34.81 -41.68
N VAL F 187 4.11 -35.26 -40.54
CA VAL F 187 2.97 -34.63 -39.89
C VAL F 187 3.46 -33.88 -38.66
N PHE F 188 3.19 -32.57 -38.61
CA PHE F 188 3.78 -31.73 -37.56
C PHE F 188 3.38 -32.21 -36.17
N ASP F 189 2.09 -32.45 -35.94
CA ASP F 189 1.63 -32.84 -34.61
C ASP F 189 2.26 -34.15 -34.17
N THR F 190 2.53 -35.05 -35.11
CA THR F 190 3.19 -36.31 -34.79
C THR F 190 4.62 -36.08 -34.35
N ALA F 191 5.32 -35.15 -35.00
CA ALA F 191 6.70 -34.87 -34.63
C ALA F 191 6.80 -34.33 -33.21
N VAL F 192 5.84 -33.50 -32.80
CA VAL F 192 5.82 -32.97 -31.43
C VAL F 192 5.61 -34.11 -30.43
N ASP F 193 4.66 -35.01 -30.72
CA ASP F 193 4.47 -36.17 -29.86
C ASP F 193 5.74 -36.98 -29.74
N GLU F 194 6.43 -37.20 -30.86
CA GLU F 194 7.59 -38.06 -30.84
C GLU F 194 8.74 -37.44 -30.05
N LEU F 195 8.94 -36.12 -30.19
CA LEU F 195 9.98 -35.45 -29.41
C LEU F 195 9.63 -35.43 -27.93
N CYS F 196 8.35 -35.22 -27.60
CA CYS F 196 7.92 -35.31 -26.22
C CYS F 196 8.15 -36.70 -25.67
N ALA F 197 7.91 -37.74 -26.48
CA ALA F 197 8.12 -39.11 -26.02
C ALA F 197 9.58 -39.35 -25.69
N ILE F 198 10.49 -38.82 -26.52
CA ILE F 198 11.91 -38.99 -26.27
C ILE F 198 12.32 -38.27 -24.99
N PHE F 199 11.78 -37.06 -24.78
CA PHE F 199 12.11 -36.31 -23.58
C PHE F 199 11.63 -37.04 -22.34
N THR F 200 10.37 -37.49 -22.36
CA THR F 200 9.80 -38.22 -21.23
C THR F 200 10.56 -39.49 -20.95
N ALA F 201 10.83 -40.27 -22.01
CA ALA F 201 11.52 -41.55 -21.83
C ALA F 201 12.90 -41.36 -21.24
N SER F 202 13.62 -40.31 -21.66
CA SER F 202 15.00 -40.12 -21.21
C SER F 202 15.09 -39.95 -19.71
N ARG F 203 14.08 -39.35 -19.09
CA ARG F 203 14.09 -39.15 -17.64
C ARG F 203 13.87 -40.44 -16.88
N LEU F 204 13.39 -41.49 -17.55
CA LEU F 204 13.12 -42.77 -16.91
C LEU F 204 14.30 -43.71 -16.94
N ARG F 205 15.43 -43.29 -17.50
CA ARG F 205 16.58 -44.18 -17.54
C ARG F 205 17.04 -44.52 -16.12
N ARG F 206 17.59 -45.72 -15.97
CA ARG F 206 17.82 -46.29 -14.64
C ARG F 206 18.63 -45.34 -13.76
N GLU F 207 19.78 -44.88 -14.25
CA GLU F 207 20.71 -44.17 -13.37
C GLU F 207 20.11 -42.86 -12.86
N ALA F 208 19.33 -42.17 -13.68
CA ALA F 208 18.66 -40.97 -13.18
C ALA F 208 17.61 -41.35 -12.15
N GLN F 209 16.88 -42.44 -12.39
CA GLN F 209 15.83 -42.87 -11.47
C GLN F 209 16.40 -43.40 -10.17
N LYS F 210 17.62 -43.97 -10.21
CA LYS F 210 18.26 -44.41 -8.98
C LYS F 210 18.54 -43.24 -8.05
N VAL F 211 18.98 -42.11 -8.61
CA VAL F 211 19.18 -40.91 -7.80
C VAL F 211 17.84 -40.39 -7.30
N ARG F 212 16.88 -40.28 -8.23
CA ARG F 212 15.59 -39.69 -7.93
C ARG F 212 14.84 -40.51 -6.87
N HIS F 213 14.99 -41.83 -6.88
CA HIS F 213 14.21 -42.70 -6.01
C HIS F 213 15.10 -43.58 -5.14
N ALA F 214 16.24 -43.02 -4.70
CA ALA F 214 17.22 -43.80 -3.95
C ALA F 214 16.63 -44.43 -2.71
N GLY F 215 15.89 -43.64 -1.92
CA GLY F 215 15.35 -44.17 -0.68
C GLY F 215 14.32 -45.27 -0.89
N LEU F 216 13.44 -45.08 -1.88
CA LEU F 216 12.42 -46.08 -2.17
C LEU F 216 13.05 -47.43 -2.51
N ILE F 217 14.13 -47.39 -3.29
CA ILE F 217 14.78 -48.62 -3.73
C ILE F 217 15.43 -49.34 -2.55
N GLN F 218 16.07 -48.59 -1.65
CA GLN F 218 16.67 -49.19 -0.46
C GLN F 218 15.63 -49.86 0.41
N ALA F 219 14.45 -49.22 0.58
CA ALA F 219 13.41 -49.83 1.40
C ALA F 219 12.90 -51.11 0.77
N LEU F 220 12.74 -51.12 -0.55
CA LEU F 220 12.28 -52.31 -1.23
C LEU F 220 13.30 -53.43 -1.11
N LEU F 221 14.58 -53.10 -0.88
CA LEU F 221 15.61 -54.10 -0.74
C LEU F 221 15.87 -54.48 0.72
N THR F 222 15.28 -53.76 1.66
CA THR F 222 15.47 -54.02 3.09
C THR F 222 14.43 -55.01 3.61
N ALA G 20 3.90 -17.60 -14.48
CA ALA G 20 3.80 -16.60 -13.41
C ALA G 20 4.39 -15.27 -13.83
N ARG G 21 3.64 -14.19 -13.57
CA ARG G 21 4.08 -12.86 -13.97
C ARG G 21 5.33 -12.42 -13.22
N GLY G 22 6.14 -11.64 -13.90
CA GLY G 22 7.32 -11.07 -13.28
C GLY G 22 6.97 -9.97 -12.29
N THR G 23 7.94 -9.64 -11.47
CA THR G 23 7.80 -8.60 -10.45
C THR G 23 8.38 -7.31 -10.98
N LEU G 24 7.74 -6.19 -10.63
CA LEU G 24 8.26 -4.88 -10.95
C LEU G 24 9.02 -4.38 -9.74
N TYR G 25 10.29 -4.03 -9.93
CA TYR G 25 11.14 -3.52 -8.86
C TYR G 25 11.58 -2.11 -9.19
N ILE G 26 11.66 -1.27 -8.16
CA ILE G 26 12.12 0.11 -8.30
C ILE G 26 13.24 0.33 -7.30
N VAL G 27 14.39 0.76 -7.80
CA VAL G 27 15.51 1.14 -6.96
C VAL G 27 15.77 2.62 -7.20
N ALA G 28 15.67 3.42 -6.15
CA ALA G 28 15.86 4.85 -6.24
C ALA G 28 16.89 5.27 -5.21
N ALA G 29 17.60 6.36 -5.51
CA ALA G 29 18.64 6.88 -4.65
C ALA G 29 19.06 8.26 -5.17
N PRO G 30 19.54 9.13 -4.30
CA PRO G 30 20.23 10.33 -4.79
C PRO G 30 21.53 9.93 -5.47
N SER G 31 21.98 10.78 -6.37
CA SER G 31 23.29 10.59 -6.96
C SER G 31 24.35 10.57 -5.88
N GLY G 32 25.38 9.76 -6.08
CA GLY G 32 26.46 9.66 -5.13
C GLY G 32 26.25 8.66 -4.02
N ALA G 33 25.11 7.99 -3.96
CA ALA G 33 24.95 6.89 -3.02
C ALA G 33 25.53 5.59 -3.55
N GLY G 34 25.89 5.53 -4.83
CA GLY G 34 26.43 4.31 -5.40
C GLY G 34 25.38 3.38 -5.96
N LYS G 35 24.19 3.89 -6.27
CA LYS G 35 23.08 3.05 -6.69
C LYS G 35 23.39 2.30 -7.98
N SER G 36 24.00 2.99 -8.96
CA SER G 36 24.24 2.37 -10.26
C SER G 36 25.13 1.13 -10.13
N SER G 37 26.20 1.22 -9.34
CA SER G 37 27.08 0.06 -9.20
C SER G 37 26.38 -1.08 -8.48
N ILE G 38 25.55 -0.77 -7.49
CA ILE G 38 24.84 -1.82 -6.77
C ILE G 38 23.85 -2.50 -7.69
N VAL G 39 23.11 -1.72 -8.49
CA VAL G 39 22.15 -2.32 -9.41
C VAL G 39 22.86 -3.15 -10.47
N ASN G 40 23.97 -2.63 -11.01
CA ASN G 40 24.68 -3.36 -12.06
C ASN G 40 25.25 -4.67 -11.54
N ALA G 41 25.79 -4.68 -10.32
CA ALA G 41 26.33 -5.89 -9.75
C ALA G 41 25.23 -6.92 -9.46
N THR G 42 24.04 -6.45 -9.08
CA THR G 42 22.92 -7.34 -8.82
C THR G 42 22.43 -7.99 -10.11
N LEU G 43 22.30 -7.21 -11.19
CA LEU G 43 21.86 -7.77 -12.46
C LEU G 43 22.83 -8.84 -12.97
N ALA G 44 24.14 -8.62 -12.75
CA ALA G 44 25.11 -9.62 -13.14
C ALA G 44 24.91 -10.92 -12.38
N ARG G 45 24.47 -10.83 -11.13
CA ARG G 45 24.23 -12.01 -10.31
C ARG G 45 22.86 -12.63 -10.54
N ASP G 46 21.90 -11.87 -11.05
CA ASP G 46 20.51 -12.33 -11.19
C ASP G 46 20.01 -12.13 -12.61
N PRO G 47 20.20 -13.11 -13.49
CA PRO G 47 19.78 -12.93 -14.90
C PRO G 47 18.27 -12.92 -15.09
N GLN G 48 17.48 -13.19 -14.05
CA GLN G 48 16.02 -13.11 -14.15
C GLN G 48 15.52 -11.67 -14.07
N ILE G 49 16.42 -10.69 -13.95
CA ILE G 49 16.05 -9.29 -13.82
C ILE G 49 16.45 -8.57 -15.09
N ALA G 50 15.48 -7.92 -15.73
CA ALA G 50 15.74 -7.06 -16.87
C ALA G 50 15.76 -5.62 -16.38
N LEU G 51 16.68 -4.83 -16.90
CA LEU G 51 16.77 -3.43 -16.53
C LEU G 51 16.05 -2.60 -17.60
N SER G 52 15.33 -1.59 -17.16
CA SER G 52 14.50 -0.82 -18.07
C SER G 52 15.24 0.41 -18.55
N ILE G 53 15.21 0.63 -19.87
CA ILE G 53 15.79 1.80 -20.48
C ILE G 53 14.71 2.84 -20.64
N SER G 54 14.86 3.96 -19.92
CA SER G 54 13.89 5.04 -19.91
C SER G 54 14.01 5.89 -21.16
N PHE G 55 12.93 6.58 -21.46
CA PHE G 55 12.93 7.67 -22.43
C PHE G 55 13.21 8.97 -21.71
N THR G 56 13.87 9.90 -22.42
CA THR G 56 14.05 11.24 -21.91
C THR G 56 14.13 12.23 -23.06
N SER G 57 13.78 13.47 -22.77
CA SER G 57 13.86 14.55 -23.73
C SER G 57 15.09 15.41 -23.53
N ARG G 58 15.91 15.09 -22.52
CA ARG G 58 17.11 15.89 -22.27
C ARG G 58 18.05 15.77 -23.47
N ALA G 59 18.79 16.83 -23.74
CA ALA G 59 19.67 16.78 -24.88
C ALA G 59 20.82 15.82 -24.61
N MET G 60 21.28 15.15 -25.65
CA MET G 60 22.40 14.25 -25.50
C MET G 60 23.67 15.05 -25.27
N ARG G 61 24.50 14.58 -24.37
CA ARG G 61 25.78 15.25 -24.24
C ARG G 61 26.74 14.63 -25.24
N PRO G 62 27.79 15.37 -25.65
CA PRO G 62 28.70 14.82 -26.65
C PRO G 62 29.27 13.48 -26.19
N GLY G 63 29.30 12.52 -27.11
CA GLY G 63 29.74 11.18 -26.80
C GLY G 63 28.66 10.23 -26.33
N GLU G 64 27.50 10.72 -25.91
CA GLU G 64 26.45 9.81 -25.45
C GLU G 64 25.92 8.96 -26.58
N VAL G 65 25.46 7.77 -26.22
CA VAL G 65 24.97 6.77 -27.15
C VAL G 65 23.48 6.59 -26.86
N ASN G 66 22.66 6.85 -27.87
CA ASN G 66 21.22 6.66 -27.74
C ASN G 66 20.93 5.17 -27.65
N GLY G 67 20.11 4.77 -26.67
CA GLY G 67 19.84 3.37 -26.48
C GLY G 67 20.70 2.70 -25.43
N GLN G 68 21.72 3.37 -24.89
CA GLN G 68 22.54 2.73 -23.86
C GLN G 68 21.92 3.00 -22.50
N HIS G 69 22.06 4.22 -22.01
CA HIS G 69 21.52 4.61 -20.72
C HIS G 69 20.10 5.13 -20.84
N TYR G 70 19.74 5.70 -22.00
CA TYR G 70 18.41 6.23 -22.23
C TYR G 70 18.05 6.06 -23.69
N HIS G 71 16.75 6.10 -23.96
CA HIS G 71 16.21 6.38 -25.30
C HIS G 71 15.98 7.87 -25.40
N PHE G 72 16.86 8.57 -26.09
CA PHE G 72 16.77 10.02 -26.24
C PHE G 72 15.80 10.38 -27.36
N VAL G 73 14.83 11.25 -27.04
CA VAL G 73 13.87 11.76 -28.01
C VAL G 73 13.79 13.27 -27.87
N SER G 74 13.11 13.90 -28.83
CA SER G 74 12.88 15.32 -28.75
C SER G 74 11.81 15.62 -27.72
N ALA G 75 11.76 16.88 -27.28
CA ALA G 75 10.69 17.27 -26.36
C ALA G 75 9.32 17.06 -26.99
N GLU G 76 9.20 17.37 -28.29
CA GLU G 76 7.94 17.16 -28.98
C GLU G 76 7.58 15.67 -29.00
N LYS G 77 8.59 14.80 -29.21
CA LYS G 77 8.30 13.37 -29.25
C LYS G 77 7.88 12.85 -27.89
N PHE G 78 8.58 13.24 -26.83
CA PHE G 78 8.20 12.80 -25.50
C PHE G 78 6.76 13.22 -25.20
N GLU G 79 6.43 14.47 -25.53
CA GLU G 79 5.09 14.96 -25.25
C GLU G 79 4.04 14.27 -26.11
N GLN G 80 4.38 13.93 -27.36
CA GLN G 80 3.48 13.11 -28.17
C GLN G 80 3.23 11.77 -27.49
N MET G 81 4.29 11.16 -26.95
CA MET G 81 4.14 9.87 -26.28
C MET G 81 3.32 10.00 -25.00
N ILE G 82 3.46 11.11 -24.27
CA ILE G 82 2.56 11.36 -23.14
C ILE G 82 1.12 11.39 -23.61
N ALA G 83 0.85 12.15 -24.69
CA ALA G 83 -0.52 12.27 -25.18
C ALA G 83 -1.08 10.94 -25.65
N ALA G 84 -0.22 10.06 -26.18
CA ALA G 84 -0.65 8.76 -26.69
C ALA G 84 -0.82 7.72 -25.60
N GLY G 85 -0.52 8.05 -24.35
CA GLY G 85 -0.60 7.07 -23.29
C GLY G 85 0.49 6.03 -23.31
N ASP G 86 1.59 6.31 -24.01
CA ASP G 86 2.65 5.32 -24.17
C ASP G 86 3.41 5.07 -22.89
N PHE G 87 3.32 5.96 -21.90
CA PHE G 87 4.18 5.88 -20.74
C PHE G 87 3.47 5.20 -19.57
N PHE G 88 4.13 4.17 -19.05
CA PHE G 88 3.71 3.54 -17.81
C PHE G 88 3.77 4.54 -16.66
N GLU G 89 4.90 5.22 -16.51
CA GLU G 89 5.03 6.39 -15.66
C GLU G 89 5.85 7.43 -16.39
N HIS G 90 5.66 8.70 -16.03
CA HIS G 90 6.53 9.74 -16.57
C HIS G 90 6.55 10.91 -15.59
N ALA G 91 7.59 11.73 -15.69
CA ALA G 91 7.74 12.83 -14.75
C ALA G 91 8.64 13.90 -15.33
N TRP G 92 8.47 15.11 -14.80
CA TRP G 92 9.37 16.22 -15.08
C TRP G 92 10.47 16.17 -14.01
N VAL G 93 11.68 15.77 -14.41
CA VAL G 93 12.74 15.47 -13.45
C VAL G 93 13.93 16.37 -13.77
N HIS G 94 14.23 17.30 -12.87
CA HIS G 94 15.38 18.19 -12.99
C HIS G 94 15.43 18.88 -14.35
N GLY G 95 14.28 19.42 -14.77
CA GLY G 95 14.21 20.24 -15.96
C GLY G 95 14.11 19.52 -17.28
N ASP G 96 13.86 18.21 -17.28
CA ASP G 96 13.65 17.46 -18.51
C ASP G 96 12.64 16.36 -18.27
N TRP G 97 12.07 15.85 -19.36
CA TRP G 97 11.14 14.74 -19.28
C TRP G 97 11.87 13.41 -19.11
N LYS G 98 11.35 12.57 -18.20
CA LYS G 98 11.81 11.20 -18.02
C LYS G 98 10.58 10.31 -17.92
N GLY G 99 10.65 9.11 -18.48
CA GLY G 99 9.49 8.23 -18.44
C GLY G 99 9.85 6.81 -18.80
N THR G 100 9.02 5.89 -18.32
CA THR G 100 9.15 4.46 -18.61
C THR G 100 8.04 4.04 -19.56
N ALA G 101 8.40 3.58 -20.75
CA ALA G 101 7.38 3.16 -21.70
C ALA G 101 6.83 1.79 -21.31
N ARG G 102 5.53 1.61 -21.58
CA ARG G 102 4.89 0.32 -21.33
C ARG G 102 5.54 -0.80 -22.12
N GLN G 103 5.95 -0.51 -23.37
CA GLN G 103 6.62 -1.51 -24.19
C GLN G 103 7.95 -1.98 -23.61
N SER G 104 8.47 -1.31 -22.57
CA SER G 104 9.72 -1.67 -21.91
C SER G 104 9.52 -2.52 -20.66
N VAL G 105 8.27 -2.68 -20.20
CA VAL G 105 7.98 -3.36 -18.94
C VAL G 105 6.90 -4.42 -19.16
N GLU G 106 5.76 -4.01 -19.69
CA GLU G 106 4.59 -4.89 -19.80
C GLU G 106 4.89 -6.20 -20.54
N PRO G 107 5.59 -6.21 -21.68
CA PRO G 107 5.87 -7.51 -22.31
C PRO G 107 6.75 -8.40 -21.45
N GLN G 108 7.77 -7.84 -20.78
CA GLN G 108 8.66 -8.66 -19.97
C GLN G 108 7.96 -9.16 -18.72
N LEU G 109 7.17 -8.30 -18.07
CA LEU G 109 6.43 -8.72 -16.88
C LEU G 109 5.47 -9.87 -17.19
N ALA G 110 4.73 -9.75 -18.30
CA ALA G 110 3.80 -10.81 -18.69
C ALA G 110 4.52 -12.08 -19.10
N ALA G 111 5.76 -11.97 -19.56
CA ALA G 111 6.50 -13.15 -19.98
C ALA G 111 7.20 -13.85 -18.82
N GLY G 112 7.05 -13.36 -17.60
CA GLY G 112 7.65 -13.98 -16.44
C GLY G 112 9.00 -13.44 -16.05
N GLN G 113 9.49 -12.41 -16.71
CA GLN G 113 10.77 -11.80 -16.36
C GLN G 113 10.52 -10.62 -15.43
N ASP G 114 11.25 -10.58 -14.33
CA ASP G 114 11.22 -9.42 -13.45
C ASP G 114 11.85 -8.22 -14.15
N VAL G 115 11.33 -7.03 -13.84
CA VAL G 115 11.83 -5.80 -14.46
C VAL G 115 12.18 -4.81 -13.36
N LEU G 116 13.39 -4.25 -13.44
CA LEU G 116 13.87 -3.25 -12.50
C LEU G 116 13.82 -1.87 -13.13
N LEU G 117 13.27 -0.90 -12.39
CA LEU G 117 13.19 0.48 -12.83
C LEU G 117 14.11 1.34 -11.99
N GLU G 118 14.88 2.21 -12.66
CA GLU G 118 15.71 3.22 -12.01
C GLU G 118 15.05 4.56 -12.31
N ILE G 119 14.13 4.99 -11.44
CA ILE G 119 13.35 6.19 -11.65
C ILE G 119 13.38 7.04 -10.39
N ASP G 120 12.86 8.25 -10.49
CA ASP G 120 12.81 9.14 -9.33
C ASP G 120 11.59 8.83 -8.47
N TRP G 121 11.43 9.59 -7.38
CA TRP G 121 10.33 9.32 -6.46
C TRP G 121 8.98 9.62 -7.11
N GLN G 122 8.91 10.62 -7.98
CA GLN G 122 7.66 10.90 -8.68
C GLN G 122 7.20 9.70 -9.49
N GLY G 123 8.11 9.08 -10.23
CA GLY G 123 7.77 7.88 -10.96
C GLY G 123 7.46 6.71 -10.04
N ALA G 124 8.19 6.61 -8.93
CA ALA G 124 7.96 5.52 -7.99
C ALA G 124 6.56 5.57 -7.40
N GLN G 125 6.04 6.77 -7.14
CA GLN G 125 4.69 6.91 -6.61
C GLN G 125 3.66 6.40 -7.61
N GLN G 126 3.84 6.73 -8.89
CA GLN G 126 2.88 6.32 -9.91
C GLN G 126 2.85 4.80 -10.05
N VAL G 127 4.01 4.15 -10.00
CA VAL G 127 4.06 2.72 -10.22
C VAL G 127 3.43 1.97 -9.05
N ARG G 128 3.68 2.42 -7.82
CA ARG G 128 3.05 1.81 -6.64
C ARG G 128 1.54 1.78 -6.77
N GLN G 129 0.97 2.84 -7.34
CA GLN G 129 -0.46 2.93 -7.52
C GLN G 129 -0.97 1.98 -8.61
N LEU G 130 -0.18 1.73 -9.65
CA LEU G 130 -0.63 0.97 -10.82
C LEU G 130 -0.52 -0.55 -10.72
N VAL G 131 0.58 -1.09 -10.22
CA VAL G 131 0.95 -2.49 -10.42
C VAL G 131 0.93 -3.24 -9.10
N PRO G 132 0.19 -4.35 -9.01
CA PRO G 132 0.31 -5.22 -7.84
C PRO G 132 1.69 -5.82 -7.74
N GLY G 133 2.20 -5.92 -6.51
CA GLY G 133 3.46 -6.57 -6.26
C GLY G 133 4.69 -5.71 -6.37
N THR G 134 4.54 -4.44 -6.76
CA THR G 134 5.71 -3.60 -6.92
C THR G 134 6.50 -3.46 -5.63
N VAL G 135 7.79 -3.74 -5.72
CA VAL G 135 8.74 -3.64 -4.62
C VAL G 135 9.60 -2.41 -4.85
N THR G 136 9.62 -1.49 -3.90
CA THR G 136 10.40 -0.27 -4.03
C THR G 136 11.49 -0.24 -2.97
N VAL G 137 12.73 0.08 -3.40
CA VAL G 137 13.89 0.09 -2.52
C VAL G 137 14.59 1.43 -2.64
N PHE G 138 14.95 2.00 -1.50
CA PHE G 138 15.69 3.25 -1.47
C PHE G 138 17.07 3.00 -0.88
N ILE G 139 18.11 3.51 -1.53
CA ILE G 139 19.48 3.31 -1.12
C ILE G 139 20.04 4.60 -0.55
N LEU G 140 20.63 4.53 0.64
CA LEU G 140 21.19 5.71 1.28
C LEU G 140 22.72 5.61 1.36
N PRO G 141 23.43 6.72 1.26
CA PRO G 141 24.86 6.71 1.53
C PRO G 141 25.13 6.50 3.01
N PRO G 142 26.30 6.00 3.38
CA PRO G 142 26.55 5.70 4.80
C PRO G 142 26.78 6.93 5.67
N SER G 143 26.93 8.11 5.10
CA SER G 143 27.11 9.32 5.88
C SER G 143 26.97 10.53 4.97
N LYS G 144 26.65 11.67 5.57
CA LYS G 144 26.54 12.91 4.81
C LYS G 144 27.88 13.31 4.20
N GLN G 145 28.98 13.02 4.89
CA GLN G 145 30.30 13.35 4.35
C GLN G 145 30.62 12.51 3.12
N ALA G 146 30.18 11.25 3.10
CA ALA G 146 30.42 10.40 1.93
C ALA G 146 29.74 10.97 0.70
N LEU G 147 28.55 11.56 0.86
CA LEU G 147 27.85 12.17 -0.27
C LEU G 147 28.64 13.33 -0.86
N GLN G 148 29.07 14.27 -0.02
CA GLN G 148 29.81 15.43 -0.51
C GLN G 148 31.12 15.03 -1.18
N ASP G 149 31.74 13.93 -0.72
CA ASP G 149 32.98 13.47 -1.34
C ASP G 149 32.71 12.92 -2.75
N ARG G 150 31.63 12.18 -2.92
CA ARG G 150 31.29 11.62 -4.23
C ARG G 150 30.80 12.71 -5.17
N SER G 158 31.79 24.37 -9.95
CA SER G 158 31.63 25.51 -9.05
C SER G 158 31.00 25.09 -7.72
N GLU G 159 31.42 25.75 -6.64
CA GLU G 159 30.85 25.48 -5.32
C GLU G 159 29.33 25.66 -5.33
N ALA G 160 28.82 26.61 -6.12
CA ALA G 160 27.37 26.79 -6.22
C ALA G 160 26.72 25.61 -6.91
N VAL G 161 27.38 25.02 -7.90
CA VAL G 161 26.83 23.84 -8.57
C VAL G 161 26.85 22.64 -7.64
N ILE G 162 27.93 22.49 -6.86
CA ILE G 162 27.98 21.40 -5.88
C ILE G 162 26.88 21.58 -4.85
N ALA G 163 26.67 22.82 -4.39
CA ALA G 163 25.57 23.10 -3.47
C ALA G 163 24.23 22.75 -4.10
N GLN G 164 24.07 23.05 -5.39
CA GLN G 164 22.85 22.66 -6.09
C GLN G 164 22.72 21.13 -6.15
N ARG G 165 23.83 20.44 -6.41
CA ARG G 165 23.79 18.98 -6.51
C ARG G 165 23.47 18.32 -5.17
N LEU G 166 24.04 18.82 -4.07
CA LEU G 166 23.68 18.26 -2.77
C LEU G 166 22.23 18.55 -2.44
N GLY G 167 21.74 19.74 -2.81
CA GLY G 167 20.34 20.06 -2.58
C GLY G 167 19.39 19.16 -3.35
N ALA G 168 19.77 18.77 -4.57
CA ALA G 168 18.97 17.78 -5.28
C ALA G 168 19.05 16.43 -4.60
N ALA G 169 20.19 16.13 -3.95
CA ALA G 169 20.33 14.87 -3.26
C ALA G 169 19.46 14.85 -2.00
N ARG G 170 19.52 15.94 -1.22
CA ARG G 170 18.68 16.04 -0.03
C ARG G 170 17.20 15.97 -0.39
N ASP G 171 16.81 16.65 -1.48
CA ASP G 171 15.41 16.64 -1.88
C ASP G 171 14.91 15.23 -2.24
N GLU G 172 15.77 14.43 -2.89
CA GLU G 172 15.36 13.06 -3.23
C GLU G 172 15.27 12.20 -1.97
N MET G 173 16.24 12.32 -1.06
CA MET G 173 16.24 11.53 0.17
C MET G 173 15.07 11.85 1.07
N LEU G 174 14.44 13.00 0.88
CA LEU G 174 13.26 13.36 1.68
C LEU G 174 12.08 12.43 1.44
N HIS G 175 12.12 11.63 0.38
CA HIS G 175 11.00 10.73 0.07
C HIS G 175 11.32 9.28 0.38
N PHE G 176 12.39 9.01 1.13
CA PHE G 176 12.73 7.63 1.47
C PHE G 176 11.58 6.95 2.20
N ASN G 177 10.80 7.71 2.97
CA ASN G 177 9.72 7.13 3.75
C ASN G 177 8.60 6.55 2.89
N GLU G 178 8.66 6.77 1.58
CA GLU G 178 7.67 6.22 0.66
C GLU G 178 8.03 4.83 0.14
N PHE G 179 9.17 4.29 0.54
CA PHE G 179 9.72 3.07 -0.03
C PHE G 179 9.63 1.89 0.93
N ASP G 180 9.54 0.69 0.35
CA ASP G 180 9.33 -0.51 1.17
C ASP G 180 10.59 -0.89 1.94
N TYR G 181 11.76 -0.82 1.29
CA TYR G 181 13.03 -1.23 1.88
C TYR G 181 14.06 -0.10 1.78
N VAL G 182 15.00 -0.07 2.73
CA VAL G 182 16.09 0.90 2.73
C VAL G 182 17.42 0.17 2.85
N ILE G 183 18.36 0.51 1.98
CA ILE G 183 19.72 -0.02 2.04
C ILE G 183 20.70 1.13 2.25
N VAL G 184 21.53 1.01 3.29
CA VAL G 184 22.65 1.93 3.52
C VAL G 184 23.90 1.32 2.92
N ASN G 185 24.50 2.02 1.97
CA ASN G 185 25.62 1.47 1.21
C ASN G 185 26.94 1.77 1.93
N GLU G 186 27.21 0.98 2.97
CA GLU G 186 28.47 1.09 3.71
C GLU G 186 29.54 0.18 3.12
N VAL G 187 29.27 -1.13 3.11
CA VAL G 187 30.13 -2.11 2.48
C VAL G 187 29.44 -2.56 1.18
N PHE G 188 30.13 -2.40 0.06
CA PHE G 188 29.51 -2.64 -1.24
C PHE G 188 28.98 -4.07 -1.36
N ASP G 189 29.80 -5.06 -1.00
CA ASP G 189 29.37 -6.45 -1.19
C ASP G 189 28.15 -6.76 -0.33
N THR G 190 28.05 -6.15 0.83
CA THR G 190 26.87 -6.31 1.67
C THR G 190 25.64 -5.66 1.05
N ALA G 191 25.82 -4.49 0.43
CA ALA G 191 24.68 -3.83 -0.20
C ALA G 191 24.12 -4.66 -1.34
N VAL G 192 25.00 -5.29 -2.13
CA VAL G 192 24.54 -6.15 -3.21
C VAL G 192 23.83 -7.39 -2.67
N ASP G 193 24.39 -8.02 -1.63
CA ASP G 193 23.71 -9.16 -1.01
C ASP G 193 22.32 -8.75 -0.54
N GLU G 194 22.20 -7.58 0.06
CA GLU G 194 20.92 -7.16 0.63
C GLU G 194 19.89 -6.90 -0.46
N LEU G 195 20.32 -6.32 -1.58
CA LEU G 195 19.39 -6.12 -2.68
C LEU G 195 18.97 -7.44 -3.28
N CYS G 196 19.93 -8.38 -3.43
CA CYS G 196 19.59 -9.72 -3.91
C CYS G 196 18.62 -10.39 -2.95
N ALA G 197 18.83 -10.22 -1.65
CA ALA G 197 17.94 -10.82 -0.66
C ALA G 197 16.52 -10.28 -0.83
N ILE G 198 16.40 -8.99 -1.15
CA ILE G 198 15.08 -8.40 -1.36
C ILE G 198 14.41 -9.02 -2.58
N PHE G 199 15.17 -9.20 -3.66
CA PHE G 199 14.59 -9.81 -4.85
C PHE G 199 14.16 -11.25 -4.56
N THR G 200 15.02 -12.02 -3.89
CA THR G 200 14.67 -13.39 -3.58
C THR G 200 13.43 -13.45 -2.70
N ALA G 201 13.39 -12.61 -1.65
CA ALA G 201 12.25 -12.64 -0.74
C ALA G 201 10.95 -12.30 -1.45
N SER G 202 10.99 -11.33 -2.37
CA SER G 202 9.77 -10.89 -3.02
C SER G 202 9.12 -12.01 -3.83
N ARG G 203 9.94 -12.90 -4.41
CA ARG G 203 9.37 -14.00 -5.18
C ARG G 203 8.75 -15.07 -4.30
N LEU G 204 9.08 -15.09 -3.01
CA LEU G 204 8.54 -16.08 -2.10
C LEU G 204 7.25 -15.60 -1.45
N ARG G 205 6.79 -14.40 -1.78
CA ARG G 205 5.55 -13.90 -1.20
C ARG G 205 4.39 -14.80 -1.58
N ARG G 206 3.41 -14.86 -0.67
CA ARG G 206 2.32 -15.82 -0.79
C ARG G 206 1.62 -15.73 -2.15
N GLU G 207 1.20 -14.53 -2.55
CA GLU G 207 0.37 -14.44 -3.74
C GLU G 207 1.12 -14.86 -4.99
N ALA G 208 2.42 -14.56 -5.08
CA ALA G 208 3.19 -15.02 -6.23
C ALA G 208 3.35 -16.54 -6.22
N GLN G 209 3.57 -17.13 -5.05
CA GLN G 209 3.80 -18.57 -4.96
C GLN G 209 2.53 -19.38 -5.22
N LYS G 210 1.35 -18.83 -4.88
CA LYS G 210 0.11 -19.52 -5.19
C LYS G 210 -0.07 -19.69 -6.70
N VAL G 211 0.30 -18.67 -7.49
CA VAL G 211 0.27 -18.80 -8.94
C VAL G 211 1.34 -19.78 -9.41
N ARG G 212 2.57 -19.61 -8.93
CA ARG G 212 3.69 -20.42 -9.37
C ARG G 212 3.48 -21.89 -9.06
N HIS G 213 2.84 -22.20 -7.94
CA HIS G 213 2.68 -23.58 -7.51
C HIS G 213 1.20 -23.97 -7.40
N ALA G 214 0.37 -23.41 -8.28
CA ALA G 214 -1.07 -23.66 -8.22
C ALA G 214 -1.38 -25.15 -8.29
N GLY G 215 -0.75 -25.86 -9.22
CA GLY G 215 -1.01 -27.28 -9.35
C GLY G 215 -0.58 -28.05 -8.12
N LEU G 216 0.61 -27.73 -7.59
CA LEU G 216 1.09 -28.41 -6.39
C LEU G 216 0.17 -28.18 -5.20
N ILE G 217 -0.31 -26.95 -5.03
CA ILE G 217 -1.17 -26.64 -3.89
C ILE G 217 -2.51 -27.37 -4.03
N GLN G 218 -3.06 -27.43 -5.24
CA GLN G 218 -4.30 -28.17 -5.44
C GLN G 218 -4.11 -29.64 -5.08
N ALA G 219 -2.97 -30.22 -5.46
CA ALA G 219 -2.72 -31.63 -5.17
C ALA G 219 -2.55 -31.87 -3.67
N LEU G 220 -1.82 -31.00 -2.97
CA LEU G 220 -1.55 -31.22 -1.56
C LEU G 220 -2.81 -31.08 -0.71
N LEU G 221 -3.77 -30.27 -1.16
CA LEU G 221 -4.98 -30.03 -0.38
C LEU G 221 -6.14 -30.96 -0.78
N THR G 222 -5.96 -31.81 -1.80
CA THR G 222 -7.00 -32.74 -2.20
C THR G 222 -6.82 -34.06 -1.44
N PRO G 223 -7.89 -34.61 -0.84
CA PRO G 223 -7.77 -35.87 -0.08
C PRO G 223 -7.36 -37.07 -0.91
N ASP G 224 -7.32 -38.25 -0.27
CA ASP G 224 -7.04 -39.49 -0.98
C ASP G 224 -8.35 -40.23 -1.28
N ALA H 18 11.90 -49.10 -45.83
CA ALA H 18 11.35 -50.45 -45.71
C ALA H 18 10.75 -50.69 -44.32
N VAL H 19 10.67 -51.96 -43.93
CA VAL H 19 10.18 -52.34 -42.61
C VAL H 19 11.38 -52.58 -41.70
N ALA H 20 11.51 -51.76 -40.67
CA ALA H 20 12.50 -51.99 -39.63
C ALA H 20 12.00 -53.03 -38.64
N ARG H 21 12.92 -53.90 -38.22
CA ARG H 21 12.59 -54.95 -37.27
C ARG H 21 12.09 -54.35 -35.96
N GLY H 22 11.16 -55.06 -35.33
CA GLY H 22 10.64 -54.64 -34.05
C GLY H 22 11.64 -54.81 -32.93
N THR H 23 11.34 -54.19 -31.80
CA THR H 23 12.14 -54.26 -30.59
C THR H 23 11.56 -55.29 -29.63
N LEU H 24 12.44 -56.00 -28.95
CA LEU H 24 12.05 -56.97 -27.93
C LEU H 24 12.05 -56.28 -26.59
N TYR H 25 10.93 -56.34 -25.88
CA TYR H 25 10.77 -55.71 -24.58
C TYR H 25 10.55 -56.72 -23.47
N ILE H 26 11.06 -56.36 -22.30
CA ILE H 26 10.82 -57.12 -21.09
C ILE H 26 10.36 -56.12 -20.03
N VAL H 27 9.19 -56.36 -19.46
CA VAL H 27 8.65 -55.53 -18.39
C VAL H 27 8.54 -56.39 -17.14
N ALA H 28 9.17 -55.96 -16.06
CA ALA H 28 9.17 -56.66 -14.80
C ALA H 28 8.72 -55.74 -13.69
N ALA H 29 8.14 -56.34 -12.66
CA ALA H 29 7.64 -55.62 -11.49
C ALA H 29 7.32 -56.62 -10.40
N PRO H 30 7.48 -56.23 -9.13
CA PRO H 30 6.97 -57.07 -8.04
C PRO H 30 5.44 -57.08 -8.08
N SER H 31 4.86 -58.18 -7.58
CA SER H 31 3.41 -58.29 -7.56
C SER H 31 2.78 -57.12 -6.84
N GLY H 32 1.65 -56.64 -7.38
CA GLY H 32 0.96 -55.52 -6.78
C GLY H 32 1.45 -54.15 -7.18
N ALA H 33 2.48 -54.04 -8.02
CA ALA H 33 2.97 -52.75 -8.50
C ALA H 33 2.14 -52.20 -9.66
N GLY H 34 1.27 -53.00 -10.24
CA GLY H 34 0.44 -52.56 -11.35
C GLY H 34 0.95 -52.90 -12.73
N LYS H 35 1.83 -53.90 -12.86
CA LYS H 35 2.38 -54.21 -14.18
C LYS H 35 1.29 -54.68 -15.14
N SER H 36 0.42 -55.58 -14.68
CA SER H 36 -0.63 -56.10 -15.55
C SER H 36 -1.59 -55.02 -16.03
N SER H 37 -2.03 -54.15 -15.12
CA SER H 37 -2.96 -53.11 -15.55
C SER H 37 -2.27 -52.08 -16.43
N ILE H 38 -1.00 -51.76 -16.13
CA ILE H 38 -0.26 -50.83 -16.98
C ILE H 38 -0.05 -51.42 -18.37
N VAL H 39 0.36 -52.69 -18.44
CA VAL H 39 0.61 -53.31 -19.73
C VAL H 39 -0.66 -53.36 -20.55
N ASN H 40 -1.77 -53.73 -19.92
CA ASN H 40 -3.03 -53.84 -20.65
C ASN H 40 -3.47 -52.50 -21.21
N ALA H 41 -3.24 -51.42 -20.45
CA ALA H 41 -3.57 -50.09 -20.95
C ALA H 41 -2.64 -49.70 -22.10
N THR H 42 -1.37 -50.11 -22.02
CA THR H 42 -0.40 -49.79 -23.06
C THR H 42 -0.76 -50.48 -24.39
N LEU H 43 -1.07 -51.77 -24.32
CA LEU H 43 -1.43 -52.52 -25.53
C LEU H 43 -2.65 -51.92 -26.22
N ALA H 44 -3.60 -51.41 -25.42
CA ALA H 44 -4.78 -50.78 -26.00
C ALA H 44 -4.42 -49.53 -26.79
N ARG H 45 -3.45 -48.76 -26.32
CA ARG H 45 -3.04 -47.54 -27.02
C ARG H 45 -2.04 -47.79 -28.14
N ASP H 46 -1.32 -48.91 -28.09
CA ASP H 46 -0.25 -49.20 -29.05
C ASP H 46 -0.44 -50.60 -29.63
N PRO H 47 -1.23 -50.74 -30.69
CA PRO H 47 -1.45 -52.08 -31.28
C PRO H 47 -0.25 -52.65 -32.00
N GLN H 48 0.86 -51.91 -32.07
CA GLN H 48 2.12 -52.37 -32.64
C GLN H 48 2.92 -53.26 -31.70
N ILE H 49 2.36 -53.60 -30.54
CA ILE H 49 3.03 -54.42 -29.53
C ILE H 49 2.37 -55.79 -29.54
N ALA H 50 3.17 -56.82 -29.76
CA ALA H 50 2.75 -58.21 -29.76
C ALA H 50 3.11 -58.88 -28.43
N LEU H 51 2.23 -59.78 -28.01
CA LEU H 51 2.40 -60.61 -26.82
C LEU H 51 2.85 -62.03 -27.17
N SER H 52 3.64 -62.62 -26.29
CA SER H 52 4.07 -64.00 -26.41
C SER H 52 3.37 -64.88 -25.37
N ILE H 53 2.89 -66.04 -25.79
CA ILE H 53 2.34 -67.01 -24.86
C ILE H 53 3.45 -67.97 -24.48
N SER H 54 3.82 -67.99 -23.20
CA SER H 54 4.94 -68.81 -22.77
C SER H 54 4.53 -70.28 -22.66
N PHE H 55 5.53 -71.15 -22.79
CA PHE H 55 5.40 -72.56 -22.48
C PHE H 55 5.79 -72.79 -21.03
N THR H 56 5.11 -73.73 -20.39
CA THR H 56 5.49 -74.08 -19.03
C THR H 56 5.12 -75.54 -18.76
N SER H 57 5.83 -76.13 -17.81
CA SER H 57 5.56 -77.47 -17.34
C SER H 57 4.86 -77.49 -15.98
N ARG H 58 4.63 -76.33 -15.36
CA ARG H 58 3.92 -76.32 -14.09
C ARG H 58 2.43 -76.62 -14.29
N ALA H 59 1.80 -77.12 -13.24
CA ALA H 59 0.39 -77.48 -13.31
C ALA H 59 -0.51 -76.25 -13.47
N MET H 60 -1.65 -76.46 -14.10
CA MET H 60 -2.62 -75.39 -14.28
C MET H 60 -3.29 -75.04 -12.95
N ARG H 61 -3.44 -73.74 -12.71
CA ARG H 61 -4.16 -73.18 -11.58
C ARG H 61 -5.63 -72.95 -11.93
N PRO H 62 -6.52 -72.87 -10.95
CA PRO H 62 -7.95 -72.71 -11.27
C PRO H 62 -8.19 -71.47 -12.13
N GLY H 63 -9.02 -71.64 -13.15
CA GLY H 63 -9.35 -70.56 -14.05
C GLY H 63 -8.43 -70.39 -15.24
N GLU H 64 -7.23 -70.96 -15.19
CA GLU H 64 -6.30 -70.82 -16.29
C GLU H 64 -6.76 -71.65 -17.48
N VAL H 65 -6.45 -71.16 -18.68
CA VAL H 65 -6.84 -71.81 -19.92
C VAL H 65 -5.58 -72.15 -20.70
N ASN H 66 -5.44 -73.42 -21.05
CA ASN H 66 -4.30 -73.85 -21.85
C ASN H 66 -4.44 -73.27 -23.25
N GLY H 67 -3.37 -72.62 -23.72
CA GLY H 67 -3.43 -71.88 -24.95
C GLY H 67 -3.77 -70.42 -24.81
N GLN H 68 -4.20 -69.97 -23.64
CA GLN H 68 -4.37 -68.55 -23.37
C GLN H 68 -3.30 -68.05 -22.39
N HIS H 69 -3.29 -68.56 -21.15
CA HIS H 69 -2.33 -68.06 -20.16
C HIS H 69 -0.94 -68.64 -20.36
N TYR H 70 -0.87 -69.90 -20.79
CA TYR H 70 0.37 -70.61 -21.07
C TYR H 70 0.08 -71.68 -22.10
N HIS H 71 1.13 -72.16 -22.74
CA HIS H 71 1.07 -73.45 -23.40
C HIS H 71 1.55 -74.46 -22.36
N PHE H 72 0.61 -75.12 -21.71
CA PHE H 72 0.95 -76.05 -20.65
C PHE H 72 1.35 -77.37 -21.28
N VAL H 73 2.57 -77.84 -20.99
CA VAL H 73 3.08 -79.07 -21.54
C VAL H 73 3.66 -79.92 -20.43
N SER H 74 3.97 -81.17 -20.75
CA SER H 74 4.62 -82.02 -19.78
C SER H 74 6.08 -81.63 -19.66
N ALA H 75 6.70 -82.08 -18.56
CA ALA H 75 8.12 -81.86 -18.38
C ALA H 75 8.92 -82.54 -19.49
N GLU H 76 8.48 -83.72 -19.91
CA GLU H 76 9.18 -84.41 -21.00
C GLU H 76 9.13 -83.60 -22.28
N LYS H 77 7.98 -82.97 -22.55
CA LYS H 77 7.82 -82.17 -23.76
C LYS H 77 8.69 -80.92 -23.69
N PHE H 78 8.69 -80.23 -22.55
CA PHE H 78 9.53 -79.04 -22.43
C PHE H 78 10.99 -79.38 -22.66
N GLU H 79 11.45 -80.49 -22.07
CA GLU H 79 12.84 -80.89 -22.19
C GLU H 79 13.18 -81.28 -23.62
N GLN H 80 12.22 -81.88 -24.32
CA GLN H 80 12.39 -82.16 -25.74
C GLN H 80 12.62 -80.88 -26.52
N MET H 81 11.83 -79.85 -26.23
CA MET H 81 11.96 -78.57 -26.91
C MET H 81 13.28 -77.88 -26.55
N ILE H 82 13.71 -78.02 -25.29
CA ILE H 82 15.03 -77.51 -24.93
C ILE H 82 16.09 -78.15 -25.81
N ALA H 83 16.07 -79.49 -25.90
CA ALA H 83 17.09 -80.20 -26.65
C ALA H 83 17.06 -79.84 -28.13
N ALA H 84 15.88 -79.56 -28.67
CA ALA H 84 15.77 -79.22 -30.09
C ALA H 84 16.09 -77.76 -30.37
N GLY H 85 16.41 -76.96 -29.36
CA GLY H 85 16.66 -75.55 -29.60
C GLY H 85 15.43 -74.74 -29.91
N ASP H 86 14.23 -75.24 -29.56
CA ASP H 86 13.00 -74.54 -29.93
C ASP H 86 12.80 -73.24 -29.16
N PHE H 87 13.50 -73.04 -28.04
CA PHE H 87 13.25 -71.92 -27.14
C PHE H 87 14.20 -70.77 -27.42
N PHE H 88 13.62 -69.58 -27.60
CA PHE H 88 14.41 -68.35 -27.65
C PHE H 88 15.11 -68.09 -26.32
N GLU H 89 14.36 -68.13 -25.22
CA GLU H 89 14.89 -68.16 -23.88
C GLU H 89 14.09 -69.19 -23.10
N HIS H 90 14.71 -69.74 -22.05
CA HIS H 90 13.98 -70.61 -21.13
C HIS H 90 14.71 -70.61 -19.79
N ALA H 91 13.99 -70.99 -18.73
CA ALA H 91 14.58 -70.97 -17.40
C ALA H 91 13.80 -71.89 -16.48
N TRP H 92 14.46 -72.29 -15.41
CA TRP H 92 13.86 -73.01 -14.29
C TRP H 92 13.37 -71.98 -13.28
N VAL H 93 12.04 -71.80 -13.20
CA VAL H 93 11.41 -70.74 -12.42
C VAL H 93 10.49 -71.37 -11.39
N HIS H 94 10.81 -71.21 -10.12
CA HIS H 94 9.97 -71.69 -9.01
C HIS H 94 9.65 -73.18 -9.15
N GLY H 95 10.66 -73.97 -9.49
CA GLY H 95 10.48 -75.41 -9.52
C GLY H 95 9.83 -75.96 -10.77
N ASP H 96 9.70 -75.17 -11.83
CA ASP H 96 9.15 -75.66 -13.09
C ASP H 96 9.78 -74.90 -14.26
N TRP H 97 9.64 -75.50 -15.44
CA TRP H 97 10.17 -74.91 -16.67
C TRP H 97 9.25 -73.80 -17.16
N LYS H 98 9.86 -72.71 -17.60
CA LYS H 98 9.19 -71.63 -18.32
C LYS H 98 10.04 -71.29 -19.53
N GLY H 99 9.39 -70.91 -20.63
CA GLY H 99 10.18 -70.58 -21.81
C GLY H 99 9.37 -69.86 -22.87
N THR H 100 10.10 -69.12 -23.71
CA THR H 100 9.55 -68.41 -24.86
C THR H 100 10.04 -69.12 -26.13
N ALA H 101 9.10 -69.59 -26.96
CA ALA H 101 9.50 -70.26 -28.18
C ALA H 101 10.01 -69.24 -29.20
N ARG H 102 11.00 -69.62 -30.01
CA ARG H 102 11.46 -68.72 -31.07
C ARG H 102 10.35 -68.37 -32.04
N GLN H 103 9.46 -69.31 -32.35
CA GLN H 103 8.40 -68.99 -33.29
C GLN H 103 7.44 -67.94 -32.76
N SER H 104 7.53 -67.58 -31.48
CA SER H 104 6.70 -66.54 -30.87
C SER H 104 7.36 -65.17 -30.88
N VAL H 105 8.61 -65.07 -31.34
CA VAL H 105 9.36 -63.83 -31.23
C VAL H 105 9.94 -63.42 -32.58
N GLU H 106 10.77 -64.29 -33.16
CA GLU H 106 11.50 -63.93 -34.38
C GLU H 106 10.60 -63.52 -35.54
N PRO H 107 9.54 -64.24 -35.90
CA PRO H 107 8.71 -63.77 -37.03
C PRO H 107 8.08 -62.42 -36.78
N GLN H 108 7.65 -62.17 -35.54
CA GLN H 108 7.01 -60.90 -35.22
C GLN H 108 8.01 -59.75 -35.28
N LEU H 109 9.22 -59.98 -34.76
CA LEU H 109 10.27 -58.99 -34.88
C LEU H 109 10.59 -58.70 -36.35
N ALA H 110 10.61 -59.75 -37.19
CA ALA H 110 10.90 -59.57 -38.61
C ALA H 110 9.81 -58.79 -39.31
N ALA H 111 8.57 -58.89 -38.85
CA ALA H 111 7.48 -58.20 -39.50
C ALA H 111 7.32 -56.77 -39.02
N GLY H 112 8.18 -56.31 -38.12
CA GLY H 112 8.14 -54.95 -37.64
C GLY H 112 7.35 -54.71 -36.37
N GLN H 113 6.86 -55.76 -35.72
CA GLN H 113 6.09 -55.62 -34.49
C GLN H 113 7.02 -55.77 -33.28
N ASP H 114 6.88 -54.86 -32.31
CA ASP H 114 7.51 -55.04 -31.01
C ASP H 114 6.85 -56.18 -30.25
N VAL H 115 7.64 -56.88 -29.44
CA VAL H 115 7.14 -58.02 -28.67
C VAL H 115 7.47 -57.77 -27.20
N LEU H 116 6.44 -57.82 -26.35
CA LEU H 116 6.62 -57.60 -24.93
C LEU H 116 6.61 -58.96 -24.24
N LEU H 117 7.66 -59.23 -23.48
CA LEU H 117 7.81 -60.49 -22.75
C LEU H 117 7.73 -60.20 -21.26
N GLU H 118 6.93 -60.99 -20.55
CA GLU H 118 6.84 -60.92 -19.09
C GLU H 118 7.48 -62.20 -18.57
N ILE H 119 8.80 -62.15 -18.38
CA ILE H 119 9.60 -63.32 -18.04
C ILE H 119 10.45 -62.95 -16.82
N ASP H 120 11.10 -63.97 -16.24
CA ASP H 120 11.88 -63.75 -15.03
C ASP H 120 13.27 -63.22 -15.39
N TRP H 121 14.08 -62.97 -14.36
CA TRP H 121 15.35 -62.30 -14.59
C TRP H 121 16.30 -63.17 -15.40
N GLN H 122 16.28 -64.48 -15.17
CA GLN H 122 17.12 -65.38 -15.94
C GLN H 122 16.82 -65.25 -17.43
N GLY H 123 15.54 -65.25 -17.79
CA GLY H 123 15.18 -65.10 -19.19
C GLY H 123 15.53 -63.74 -19.75
N ALA H 124 15.36 -62.68 -18.94
CA ALA H 124 15.70 -61.34 -19.40
C ALA H 124 17.18 -61.21 -19.71
N GLN H 125 18.03 -61.85 -18.91
CA GLN H 125 19.47 -61.82 -19.16
C GLN H 125 19.80 -62.50 -20.48
N GLN H 126 19.17 -63.65 -20.76
CA GLN H 126 19.42 -64.33 -22.03
C GLN H 126 18.99 -63.47 -23.20
N VAL H 127 17.85 -62.78 -23.07
CA VAL H 127 17.35 -61.97 -24.18
C VAL H 127 18.26 -60.78 -24.43
N ARG H 128 18.71 -60.11 -23.37
CA ARG H 128 19.63 -58.98 -23.54
C ARG H 128 20.89 -59.40 -24.31
N GLN H 129 21.42 -60.58 -23.99
CA GLN H 129 22.62 -61.06 -24.65
C GLN H 129 22.37 -61.44 -26.11
N LEU H 130 21.16 -61.89 -26.44
CA LEU H 130 20.89 -62.34 -27.80
C LEU H 130 20.63 -61.17 -28.74
N VAL H 131 19.86 -60.18 -28.31
CA VAL H 131 19.45 -59.08 -29.20
C VAL H 131 19.93 -57.75 -28.62
N PRO H 132 20.92 -57.09 -29.22
CA PRO H 132 21.16 -55.69 -28.85
C PRO H 132 19.97 -54.86 -29.27
N GLY H 133 19.66 -53.86 -28.46
CA GLY H 133 18.47 -53.06 -28.66
C GLY H 133 17.26 -53.53 -27.88
N THR H 134 17.38 -54.65 -27.17
CA THR H 134 16.31 -55.09 -26.29
C THR H 134 16.08 -54.03 -25.22
N VAL H 135 14.83 -53.64 -25.01
CA VAL H 135 14.47 -52.65 -24.02
C VAL H 135 13.85 -53.34 -22.82
N THR H 136 14.44 -53.16 -21.64
CA THR H 136 13.92 -53.76 -20.42
C THR H 136 13.44 -52.64 -19.50
N VAL H 137 12.24 -52.79 -18.95
CA VAL H 137 11.60 -51.76 -18.14
C VAL H 137 11.18 -52.40 -16.82
N PHE H 138 11.51 -51.76 -15.71
CA PHE H 138 11.14 -52.22 -14.38
C PHE H 138 10.16 -51.22 -13.77
N ILE H 139 9.05 -51.73 -13.24
CA ILE H 139 8.01 -50.90 -12.65
C ILE H 139 8.04 -51.02 -11.14
N LEU H 140 8.11 -49.88 -10.45
CA LEU H 140 8.19 -49.89 -9.00
C LEU H 140 6.94 -49.28 -8.38
N PRO H 141 6.54 -49.77 -7.22
CA PRO H 141 5.49 -49.11 -6.42
C PRO H 141 6.04 -47.87 -5.75
N PRO H 142 5.18 -46.94 -5.33
CA PRO H 142 5.67 -45.73 -4.67
C PRO H 142 6.15 -45.98 -3.24
N SER H 143 5.91 -47.18 -2.69
CA SER H 143 6.36 -47.57 -1.37
C SER H 143 6.08 -49.07 -1.21
N LYS H 144 6.79 -49.71 -0.28
CA LYS H 144 6.55 -51.13 -0.05
C LYS H 144 5.12 -51.38 0.45
N GLN H 145 4.58 -50.45 1.23
CA GLN H 145 3.21 -50.60 1.72
C GLN H 145 2.19 -50.52 0.59
N ALA H 146 2.47 -49.74 -0.44
CA ALA H 146 1.55 -49.64 -1.56
C ALA H 146 1.30 -51.00 -2.20
N LEU H 147 2.30 -51.88 -2.18
CA LEU H 147 2.12 -53.22 -2.72
C LEU H 147 1.03 -53.96 -1.96
N GLN H 148 1.11 -53.94 -0.63
CA GLN H 148 0.09 -54.59 0.18
C GLN H 148 -1.26 -53.91 0.01
N ASP H 149 -1.27 -52.57 -0.02
CA ASP H 149 -2.54 -51.84 -0.08
C ASP H 149 -3.29 -52.12 -1.37
N ARG H 150 -2.59 -52.12 -2.50
CA ARG H 150 -3.28 -52.34 -3.77
C ARG H 150 -3.75 -53.78 -3.93
N MET H 151 -3.05 -54.74 -3.32
CA MET H 151 -3.49 -56.12 -3.44
C MET H 151 -4.73 -56.37 -2.59
N ARG H 152 -4.81 -55.75 -1.41
CA ARG H 152 -5.99 -55.90 -0.57
C ARG H 152 -7.20 -55.17 -1.14
N LYS H 153 -7.00 -53.97 -1.70
CA LYS H 153 -8.12 -53.21 -2.25
C LYS H 153 -8.73 -53.89 -3.48
N ARG H 154 -7.92 -54.63 -4.25
CA ARG H 154 -8.47 -55.38 -5.37
C ARG H 154 -9.38 -56.50 -4.87
N GLY H 155 -9.06 -57.09 -3.73
CA GLY H 155 -9.97 -58.00 -3.04
C GLY H 155 -10.06 -59.39 -3.63
N GLN H 156 -9.07 -59.81 -4.40
CA GLN H 156 -9.06 -61.14 -4.98
C GLN H 156 -8.16 -62.11 -4.22
N ASP H 157 -7.36 -61.64 -3.28
CA ASP H 157 -6.38 -62.48 -2.60
C ASP H 157 -6.62 -62.49 -1.10
N SER H 158 -6.34 -63.64 -0.49
CA SER H 158 -6.34 -63.79 0.97
C SER H 158 -5.08 -63.17 1.57
N GLU H 159 -5.20 -62.73 2.83
CA GLU H 159 -4.06 -62.12 3.50
C GLU H 159 -2.83 -63.02 3.44
N ALA H 160 -3.03 -64.35 3.55
CA ALA H 160 -1.92 -65.28 3.45
C ALA H 160 -1.32 -65.30 2.04
N VAL H 161 -2.16 -65.17 1.02
CA VAL H 161 -1.67 -65.12 -0.36
C VAL H 161 -0.90 -63.83 -0.60
N ILE H 162 -1.41 -62.70 -0.08
CA ILE H 162 -0.72 -61.43 -0.25
C ILE H 162 0.63 -61.46 0.45
N ALA H 163 0.69 -62.05 1.65
CA ALA H 163 1.98 -62.18 2.34
C ALA H 163 2.96 -62.99 1.50
N GLN H 164 2.46 -64.03 0.83
CA GLN H 164 3.29 -64.82 -0.07
C GLN H 164 3.82 -63.95 -1.21
N ARG H 165 2.97 -63.07 -1.76
CA ARG H 165 3.36 -62.21 -2.86
C ARG H 165 4.40 -61.17 -2.43
N LEU H 166 4.24 -60.61 -1.23
CA LEU H 166 5.20 -59.62 -0.74
C LEU H 166 6.58 -60.22 -0.51
N GLY H 167 6.63 -61.44 0.03
CA GLY H 167 7.91 -62.09 0.24
C GLY H 167 8.68 -62.33 -1.05
N ALA H 168 7.96 -62.59 -2.13
CA ALA H 168 8.56 -62.72 -3.45
C ALA H 168 9.16 -61.41 -3.95
N ALA H 169 8.71 -60.27 -3.41
CA ALA H 169 9.09 -58.98 -3.98
C ALA H 169 10.58 -58.70 -3.82
N ARG H 170 11.15 -58.96 -2.64
CA ARG H 170 12.58 -58.73 -2.48
C ARG H 170 13.40 -59.53 -3.47
N ASP H 171 13.02 -60.80 -3.70
CA ASP H 171 13.76 -61.61 -4.65
C ASP H 171 13.72 -60.99 -6.04
N GLU H 172 12.56 -60.43 -6.41
CA GLU H 172 12.45 -59.74 -7.71
C GLU H 172 13.28 -58.48 -7.74
N MET H 173 13.28 -57.72 -6.64
CA MET H 173 13.99 -56.45 -6.59
C MET H 173 15.49 -56.59 -6.72
N LEU H 174 16.05 -57.76 -6.45
CA LEU H 174 17.50 -57.91 -6.47
C LEU H 174 18.10 -57.70 -7.86
N HIS H 175 17.29 -57.70 -8.92
CA HIS H 175 17.81 -57.55 -10.26
C HIS H 175 17.40 -56.23 -10.90
N PHE H 176 16.87 -55.28 -10.13
CA PHE H 176 16.43 -54.01 -10.71
C PHE H 176 17.55 -53.33 -11.47
N ASN H 177 18.78 -53.46 -10.99
CA ASN H 177 19.91 -52.75 -11.60
C ASN H 177 20.20 -53.25 -13.01
N GLU H 178 19.57 -54.32 -13.45
CA GLU H 178 19.81 -54.87 -14.77
C GLU H 178 18.94 -54.23 -15.84
N PHE H 179 18.08 -53.27 -15.48
CA PHE H 179 17.06 -52.76 -16.38
C PHE H 179 17.39 -51.36 -16.88
N ASP H 180 16.97 -51.08 -18.11
CA ASP H 180 17.27 -49.80 -18.74
C ASP H 180 16.43 -48.67 -18.18
N TYR H 181 15.15 -48.93 -17.93
CA TYR H 181 14.20 -47.90 -17.51
C TYR H 181 13.50 -48.33 -16.24
N VAL H 182 13.11 -47.33 -15.46
CA VAL H 182 12.36 -47.54 -14.24
C VAL H 182 11.16 -46.61 -14.25
N ILE H 183 9.99 -47.16 -13.98
CA ILE H 183 8.77 -46.38 -13.81
C ILE H 183 8.29 -46.58 -12.38
N VAL H 184 8.06 -45.49 -11.67
CA VAL H 184 7.43 -45.54 -10.36
C VAL H 184 5.95 -45.29 -10.57
N ASN H 185 5.13 -46.30 -10.27
CA ASN H 185 3.71 -46.23 -10.57
C ASN H 185 3.01 -45.56 -9.40
N GLU H 186 3.08 -44.22 -9.40
CA GLU H 186 2.37 -43.46 -8.40
C GLU H 186 0.96 -43.10 -8.89
N VAL H 187 0.88 -42.38 -10.00
CA VAL H 187 -0.38 -42.09 -10.68
C VAL H 187 -0.46 -42.99 -11.90
N PHE H 188 -1.52 -43.81 -11.96
CA PHE H 188 -1.60 -44.86 -12.99
C PHE H 188 -1.51 -44.26 -14.40
N ASP H 189 -2.30 -43.22 -14.69
CA ASP H 189 -2.31 -42.66 -16.04
C ASP H 189 -0.94 -42.13 -16.43
N THR H 190 -0.20 -41.58 -15.47
CA THR H 190 1.16 -41.15 -15.76
C THR H 190 2.06 -42.35 -16.04
N ALA H 191 1.85 -43.45 -15.31
CA ALA H 191 2.67 -44.64 -15.54
C ALA H 191 2.42 -45.22 -16.94
N VAL H 192 1.17 -45.20 -17.40
CA VAL H 192 0.87 -45.63 -18.77
C VAL H 192 1.50 -44.69 -19.79
N ASP H 193 1.35 -43.38 -19.58
CA ASP H 193 1.99 -42.41 -20.46
C ASP H 193 3.48 -42.66 -20.56
N GLU H 194 4.14 -42.94 -19.43
CA GLU H 194 5.58 -43.11 -19.43
C GLU H 194 6.01 -44.38 -20.14
N LEU H 195 5.25 -45.47 -19.98
CA LEU H 195 5.59 -46.69 -20.70
C LEU H 195 5.34 -46.54 -22.20
N CYS H 196 4.24 -45.90 -22.59
CA CYS H 196 4.00 -45.64 -24.01
C CYS H 196 5.10 -44.77 -24.60
N ALA H 197 5.58 -43.79 -23.84
CA ALA H 197 6.67 -42.95 -24.33
C ALA H 197 7.91 -43.79 -24.62
N ILE H 198 8.17 -44.79 -23.79
CA ILE H 198 9.34 -45.64 -24.02
C ILE H 198 9.20 -46.44 -25.31
N PHE H 199 8.01 -46.99 -25.58
CA PHE H 199 7.80 -47.71 -26.84
C PHE H 199 7.94 -46.77 -28.03
N THR H 200 7.34 -45.59 -27.97
CA THR H 200 7.44 -44.65 -29.07
C THR H 200 8.89 -44.22 -29.29
N ALA H 201 9.58 -43.85 -28.22
CA ALA H 201 10.95 -43.36 -28.35
C ALA H 201 11.87 -44.42 -28.96
N SER H 202 11.70 -45.68 -28.58
CA SER H 202 12.59 -46.73 -29.07
C SER H 202 12.48 -46.90 -30.58
N ARG H 203 11.30 -46.67 -31.15
CA ARG H 203 11.15 -46.77 -32.60
C ARG H 203 11.84 -45.62 -33.30
N LEU H 204 12.17 -44.56 -32.57
CA LEU H 204 12.85 -43.40 -33.13
C LEU H 204 14.36 -43.50 -33.04
N ARG H 205 14.91 -44.57 -32.47
CA ARG H 205 16.35 -44.71 -32.40
C ARG H 205 16.96 -44.77 -33.79
N ARG H 206 18.20 -44.31 -33.90
CA ARG H 206 18.84 -44.06 -35.18
C ARG H 206 18.81 -45.27 -36.12
N GLU H 207 19.29 -46.43 -35.65
CA GLU H 207 19.53 -47.55 -36.56
C GLU H 207 18.22 -48.08 -37.16
N ALA H 208 17.12 -48.05 -36.41
CA ALA H 208 15.84 -48.44 -36.98
C ALA H 208 15.36 -47.42 -38.02
N GLN H 209 15.56 -46.13 -37.74
CA GLN H 209 15.10 -45.09 -38.65
C GLN H 209 15.90 -45.05 -39.95
N LYS H 210 17.17 -45.45 -39.90
CA LYS H 210 17.93 -45.54 -41.13
C LYS H 210 17.34 -46.60 -42.06
N VAL H 211 16.92 -47.73 -41.50
CA VAL H 211 16.26 -48.76 -42.31
C VAL H 211 14.90 -48.26 -42.78
N ARG H 212 14.13 -47.70 -41.86
CA ARG H 212 12.76 -47.27 -42.17
C ARG H 212 12.75 -46.21 -43.27
N HIS H 213 13.74 -45.32 -43.28
CA HIS H 213 13.78 -44.19 -44.20
C HIS H 213 15.03 -44.20 -45.08
N ALA H 214 15.47 -45.39 -45.50
CA ALA H 214 16.69 -45.50 -46.29
C ALA H 214 16.60 -44.67 -47.56
N GLY H 215 15.48 -44.76 -48.28
CA GLY H 215 15.35 -44.02 -49.52
C GLY H 215 15.34 -42.51 -49.29
N LEU H 216 14.64 -42.07 -48.25
CA LEU H 216 14.60 -40.66 -47.94
C LEU H 216 15.99 -40.11 -47.66
N ILE H 217 16.79 -40.87 -46.91
CA ILE H 217 18.11 -40.41 -46.52
C ILE H 217 19.07 -40.35 -47.71
N GLN H 218 19.01 -41.35 -48.61
CA GLN H 218 19.89 -41.30 -49.77
C GLN H 218 19.62 -40.08 -50.61
N ALA H 219 18.34 -39.77 -50.84
CA ALA H 219 17.97 -38.61 -51.64
C ALA H 219 18.40 -37.31 -50.97
N LEU H 220 18.22 -37.22 -49.65
CA LEU H 220 18.56 -35.99 -48.95
C LEU H 220 20.06 -35.74 -48.92
N LEU H 221 20.87 -36.78 -48.99
CA LEU H 221 22.32 -36.64 -48.84
C LEU H 221 23.06 -36.57 -50.17
N THR H 222 22.36 -36.74 -51.29
CA THR H 222 22.94 -36.72 -52.62
C THR H 222 22.96 -35.31 -53.18
N PRO H 223 24.07 -34.84 -53.76
CA PRO H 223 24.09 -33.49 -54.33
C PRO H 223 23.15 -33.40 -55.53
N ASP H 224 22.86 -32.16 -55.92
CA ASP H 224 22.04 -31.90 -57.11
C ASP H 224 22.83 -32.13 -58.39
#